data_8RLV
#
_entry.id   8RLV
#
_cell.length_a   80.185
_cell.length_b   153.813
_cell.length_c   93.400
_cell.angle_alpha   90.000
_cell.angle_beta   96.628
_cell.angle_gamma   90.000
#
_symmetry.space_group_name_H-M   'P 1 21 1'
#
loop_
_entity.id
_entity.type
_entity.pdbx_description
1 polymer 'HLA class I histocompatibility antigen, alpha chain E'
2 polymer Beta-2-microglobulin
3 polymer 'Large envelope protein'
4 polymer 'T cell receptor alpha variable 12-2,T cell receptor alpha chain MC.7.G5'
5 polymer 'T cell receptor beta variable 6-5,T cell receptor beta chain MC.7.G5'
6 water water
#
loop_
_entity_poly.entity_id
_entity_poly.type
_entity_poly.pdbx_seq_one_letter_code
_entity_poly.pdbx_strand_id
1 'polypeptide(L)'
;GSHSLKYFHTSVSRPGRGEPRFISVGYVDDTQFVRFDNDAASPRMVPRAPWMEQEGSEYWDRETRSARDTAQIFRVNLRT
LRGYYNQSEAGSHTLQWMHGCELGPDGRFLRGYEQFAYDGKDYLTLNEDLRSWTAVDTAAQISEQKSNDASEAEHQRAYL
EDTCVEWLHKYLEKGKETLLHLEPPKTHVTHHPISDHEATLRCWALGFYPAEITLTWQQDGEGHTQDTELVETRPAGDGT
FQKWAAVVVPSGEEQRYTCHVQHEGLPEPVTLRWKP
;
A,F
2 'polypeptide(L)'
;MIQRTPKIQVYSRHPAENGKSNFLNCYVSGFHPSDIEVDLLKNGERIEKVEHSDLSFSKDWSFYLLYYTEFTPTEKDEYA
CRVNHVTLSQPKIVKWDRDM
;
B,G
3 'polypeptide(L)' ILSPFIPLL C,H
4 'polypeptide(L)'
;MAKEVEQNSGPLSVPEGAIASLNCTYSDRGSVSFFWYRQYSGKSPELIMSIYLNGLKEDGRFTAQLNKASQYVSLLIRDS
QPSDSATYLCAVGNHNTGNMLTFGGGTRLMVKPHIQNPDPAVYQLRDSKSSDKSVCLFTDFDSQTNVSQSKDSDVYITDK
CVLDMRSMDFKSNSAVAWSNKSDFACANAFNNSIIPEDT
;
D,I
5 'polypeptide(L)'
;MNAGVTQTPKFQVLKTGQSMTLQCAQDMNYEYMSWYRQDPGMGLRLIHYSVSAGLTDQGEVPNGYNVSRSTTEDFPLRLL
SAAPSQTSVYFCASHRNRLTEAFFGQGTRLTVVEDLKNVFPPEVAVFEPSEAEISHTQKATLVCLATGFYPDHVELSWWV
NGKEVHSGVCTDPQPLKEQPALNDSRYALSSRLRVSATFWQDPRNHFRCQVQFYGLSENDEWTQDRAKPVTQIVSAEAWG
RAD
;
E,J
#
# COMPACT_ATOMS: atom_id res chain seq x y z
N GLY A 1 7.47 -9.98 -13.14
CA GLY A 1 7.15 -11.00 -14.15
C GLY A 1 5.83 -11.72 -13.84
N SER A 2 5.63 -12.87 -14.49
CA SER A 2 4.37 -13.62 -14.43
C SER A 2 3.99 -13.92 -12.97
N HIS A 3 2.89 -13.32 -12.53
CA HIS A 3 2.11 -13.75 -11.38
C HIS A 3 0.74 -14.26 -11.81
N SER A 4 0.03 -14.93 -10.89
CA SER A 4 -1.21 -15.61 -11.22
C SER A 4 -2.13 -15.64 -10.01
N LEU A 5 -3.45 -15.62 -10.24
CA LEU A 5 -4.47 -15.81 -9.22
C LEU A 5 -5.40 -16.95 -9.63
N LYS A 6 -5.25 -18.08 -8.93
CA LYS A 6 -5.87 -19.37 -9.22
C LYS A 6 -6.82 -19.79 -8.09
N TYR A 7 -7.99 -20.32 -8.44
CA TYR A 7 -8.80 -21.03 -7.45
C TYR A 7 -8.93 -22.50 -7.84
N PHE A 8 -9.01 -23.40 -6.86
CA PHE A 8 -9.27 -24.81 -7.17
C PHE A 8 -10.46 -25.32 -6.34
N HIS A 9 -11.46 -25.81 -7.08
CA HIS A 9 -12.75 -26.18 -6.52
C HIS A 9 -12.94 -27.69 -6.55
N THR A 10 -13.39 -28.25 -5.42
CA THR A 10 -13.70 -29.67 -5.33
C THR A 10 -15.08 -29.88 -4.74
N SER A 11 -15.91 -30.59 -5.51
CA SER A 11 -17.22 -31.01 -5.05
C SER A 11 -17.31 -32.52 -5.19
N VAL A 12 -17.63 -33.18 -4.07
CA VAL A 12 -17.74 -34.63 -4.00
C VAL A 12 -19.11 -34.99 -3.43
N SER A 13 -19.85 -35.85 -4.15
CA SER A 13 -21.17 -36.29 -3.75
C SER A 13 -21.08 -37.35 -2.67
N ARG A 14 -21.96 -37.26 -1.67
CA ARG A 14 -21.96 -38.17 -0.53
C ARG A 14 -23.34 -38.81 -0.38
N PRO A 15 -23.73 -39.79 -1.24
CA PRO A 15 -25.14 -40.21 -1.31
C PRO A 15 -25.75 -40.54 0.05
N GLY A 16 -26.95 -39.96 0.31
CA GLY A 16 -27.64 -39.99 1.59
C GLY A 16 -26.71 -39.92 2.81
N ARG A 17 -25.78 -38.97 2.79
CA ARG A 17 -25.02 -38.58 3.99
C ARG A 17 -24.82 -37.06 3.91
N GLY A 18 -25.91 -36.40 3.54
CA GLY A 18 -25.92 -34.97 3.30
C GLY A 18 -25.70 -34.64 1.82
N GLU A 19 -25.64 -33.33 1.59
CA GLU A 19 -25.34 -32.76 0.29
C GLU A 19 -23.86 -32.92 0.04
N PRO A 20 -23.33 -32.54 -1.15
CA PRO A 20 -21.96 -32.90 -1.50
C PRO A 20 -20.95 -32.06 -0.74
N ARG A 21 -19.76 -32.63 -0.59
CA ARG A 21 -18.69 -31.88 0.01
C ARG A 21 -18.24 -30.85 -1.02
N PHE A 22 -17.97 -29.63 -0.56
CA PHE A 22 -17.46 -28.57 -1.40
C PHE A 22 -16.33 -27.91 -0.67
N ILE A 23 -15.16 -27.87 -1.33
CA ILE A 23 -13.98 -27.23 -0.81
C ILE A 23 -13.48 -26.28 -1.89
N SER A 24 -13.09 -25.07 -1.48
CA SER A 24 -12.54 -24.10 -2.42
C SER A 24 -11.24 -23.53 -1.86
N VAL A 25 -10.16 -23.54 -2.64
CA VAL A 25 -8.93 -22.88 -2.21
C VAL A 25 -8.43 -21.88 -3.25
N GLY A 26 -7.85 -20.78 -2.75
CA GLY A 26 -7.32 -19.72 -3.61
C GLY A 26 -5.81 -19.61 -3.43
N TYR A 27 -5.08 -19.65 -4.53
CA TYR A 27 -3.66 -19.35 -4.56
C TYR A 27 -3.35 -18.03 -5.28
N VAL A 28 -2.40 -17.26 -4.76
CA VAL A 28 -1.59 -16.36 -5.58
C VAL A 28 -0.23 -17.05 -5.80
N ASP A 29 0.15 -17.32 -7.06
CA ASP A 29 1.42 -17.99 -7.36
C ASP A 29 1.49 -19.35 -6.63
N ASP A 30 2.32 -19.49 -5.60
CA ASP A 30 2.43 -20.76 -4.90
C ASP A 30 1.99 -20.61 -3.46
N THR A 31 1.18 -19.58 -3.20
CA THR A 31 0.81 -19.23 -1.86
C THR A 31 -0.71 -19.30 -1.67
N GLN A 32 -1.13 -20.35 -0.99
CA GLN A 32 -2.52 -20.45 -0.59
C GLN A 32 -2.84 -19.29 0.33
N PHE A 33 -4.04 -18.71 0.18
CA PHE A 33 -4.38 -17.47 0.87
C PHE A 33 -5.82 -17.49 1.39
N VAL A 34 -6.75 -18.22 0.78
CA VAL A 34 -8.07 -18.32 1.37
C VAL A 34 -8.55 -19.76 1.29
N ARG A 35 -9.68 -20.01 1.97
CA ARG A 35 -10.25 -21.34 1.92
C ARG A 35 -11.71 -21.31 2.32
N PHE A 36 -12.47 -22.16 1.63
CA PHE A 36 -13.81 -22.50 2.05
C PHE A 36 -14.09 -24.00 1.98
N ASP A 37 -14.76 -24.49 3.04
CA ASP A 37 -15.15 -25.88 3.22
C ASP A 37 -16.53 -25.94 3.88
N ASN A 38 -17.47 -26.71 3.33
CA ASN A 38 -18.82 -26.69 3.89
C ASN A 38 -19.00 -27.67 5.06
N ASP A 39 -17.94 -28.33 5.57
CA ASP A 39 -18.02 -28.97 6.87
C ASP A 39 -17.77 -27.96 8.01
N ALA A 40 -18.91 -27.37 8.42
CA ALA A 40 -19.15 -26.75 9.72
C ALA A 40 -20.62 -26.29 9.72
N ALA A 41 -21.07 -25.67 10.84
CA ALA A 41 -22.40 -25.09 10.97
C ALA A 41 -22.53 -23.86 10.09
N SER A 42 -21.69 -22.83 10.38
CA SER A 42 -21.31 -21.78 9.44
C SER A 42 -20.05 -22.22 8.67
N PRO A 43 -20.19 -22.57 7.37
CA PRO A 43 -19.04 -22.62 6.49
C PRO A 43 -18.80 -21.17 6.03
N ARG A 44 -17.57 -20.67 6.21
CA ARG A 44 -17.24 -19.30 5.88
C ARG A 44 -15.91 -19.31 5.14
N MET A 45 -15.75 -18.38 4.23
CA MET A 45 -14.45 -18.23 3.62
C MET A 45 -13.54 -17.67 4.72
N VAL A 46 -12.29 -18.10 4.68
CA VAL A 46 -11.37 -17.78 5.75
C VAL A 46 -9.98 -17.63 5.19
N PRO A 47 -9.17 -16.82 5.88
CA PRO A 47 -7.79 -16.57 5.45
C PRO A 47 -6.94 -17.75 5.79
N ARG A 48 -5.93 -17.94 4.94
CA ARG A 48 -4.94 -18.99 5.08
C ARG A 48 -3.58 -18.44 4.71
N ALA A 49 -3.46 -17.11 4.75
CA ALA A 49 -2.15 -16.52 4.72
C ALA A 49 -2.18 -15.45 5.81
N PRO A 50 -1.06 -15.19 6.51
CA PRO A 50 -1.08 -14.22 7.60
C PRO A 50 -1.49 -12.86 7.07
N TRP A 51 -1.11 -12.58 5.80
CA TRP A 51 -1.37 -11.29 5.18
C TRP A 51 -2.81 -11.08 4.73
N MET A 52 -3.71 -12.02 4.94
CA MET A 52 -5.13 -11.75 4.74
C MET A 52 -5.80 -11.56 6.11
N GLU A 53 -5.03 -11.75 7.20
CA GLU A 53 -5.61 -11.86 8.54
C GLU A 53 -6.20 -10.53 8.99
N GLN A 54 -6.12 -9.52 8.13
CA GLN A 54 -6.47 -8.17 8.50
C GLN A 54 -7.42 -7.60 7.47
N GLU A 55 -8.09 -8.48 6.72
CA GLU A 55 -9.10 -8.07 5.76
C GLU A 55 -10.46 -8.06 6.46
N GLY A 56 -11.24 -7.04 6.18
CA GLY A 56 -12.45 -6.79 6.93
C GLY A 56 -13.63 -7.62 6.45
N SER A 57 -14.76 -7.37 7.10
CA SER A 57 -15.84 -8.32 7.03
C SER A 57 -16.48 -8.26 5.66
N GLU A 58 -16.38 -7.10 5.00
CA GLU A 58 -16.89 -6.94 3.64
C GLU A 58 -16.26 -7.98 2.72
N TYR A 59 -14.93 -8.23 2.84
CA TYR A 59 -14.26 -9.26 2.06
C TYR A 59 -14.84 -10.64 2.38
N TRP A 60 -14.83 -11.00 3.67
CA TRP A 60 -15.19 -12.35 4.08
C TRP A 60 -16.69 -12.61 3.86
N ASP A 61 -17.56 -11.64 4.18
CA ASP A 61 -18.99 -11.83 3.97
C ASP A 61 -19.28 -12.09 2.49
N ARG A 62 -18.59 -11.34 1.62
CA ARG A 62 -18.84 -11.49 0.20
C ARG A 62 -18.33 -12.84 -0.26
N GLU A 63 -17.08 -13.15 0.04
CA GLU A 63 -16.51 -14.36 -0.51
C GLU A 63 -17.20 -15.58 0.11
N THR A 64 -17.71 -15.44 1.34
CA THR A 64 -18.48 -16.52 1.91
C THR A 64 -19.66 -16.78 1.00
N ARG A 65 -20.44 -15.71 0.74
CA ARG A 65 -21.61 -15.83 -0.12
C ARG A 65 -21.23 -16.49 -1.44
N SER A 66 -20.11 -16.04 -1.96
CA SER A 66 -19.69 -16.40 -3.29
C SER A 66 -19.44 -17.91 -3.31
N ALA A 67 -18.64 -18.40 -2.36
CA ALA A 67 -18.36 -19.83 -2.22
C ALA A 67 -19.65 -20.64 -2.05
N ARG A 68 -20.52 -20.18 -1.13
CA ARG A 68 -21.80 -20.83 -0.92
C ARG A 68 -22.52 -21.02 -2.27
N ASP A 69 -22.66 -19.93 -3.01
CA ASP A 69 -23.31 -19.92 -4.32
C ASP A 69 -22.71 -20.97 -5.26
N THR A 70 -21.40 -21.07 -5.26
CA THR A 70 -20.73 -22.00 -6.14
C THR A 70 -21.01 -23.43 -5.69
N ALA A 71 -20.96 -23.65 -4.37
CA ALA A 71 -21.26 -24.94 -3.78
C ALA A 71 -22.63 -25.43 -4.26
N GLN A 72 -23.63 -24.57 -4.06
CA GLN A 72 -25.01 -24.87 -4.45
C GLN A 72 -25.12 -25.17 -5.95
N ILE A 73 -24.43 -24.44 -6.82
CA ILE A 73 -24.47 -24.69 -8.25
C ILE A 73 -23.79 -26.04 -8.55
N PHE A 74 -22.76 -26.37 -7.76
CA PHE A 74 -22.00 -27.59 -8.00
C PHE A 74 -22.80 -28.83 -7.57
N ARG A 75 -23.68 -28.68 -6.56
CA ARG A 75 -24.65 -29.72 -6.28
C ARG A 75 -25.43 -29.98 -7.57
N VAL A 76 -26.03 -28.91 -8.13
CA VAL A 76 -26.86 -29.01 -9.32
C VAL A 76 -26.11 -29.71 -10.45
N ASN A 77 -24.84 -29.37 -10.62
CA ASN A 77 -24.09 -29.88 -11.75
C ASN A 77 -23.83 -31.37 -11.56
N LEU A 78 -23.61 -31.78 -10.30
CA LEU A 78 -23.35 -33.17 -10.04
C LEU A 78 -24.61 -33.97 -10.39
N ARG A 79 -25.81 -33.47 -10.01
CA ARG A 79 -27.09 -34.10 -10.39
C ARG A 79 -27.12 -34.21 -11.91
N THR A 80 -26.89 -33.09 -12.57
CA THR A 80 -26.99 -32.99 -14.01
C THR A 80 -26.08 -33.99 -14.71
N LEU A 81 -24.88 -34.22 -14.18
CA LEU A 81 -23.93 -35.07 -14.88
C LEU A 81 -24.20 -36.54 -14.61
N ARG A 82 -24.70 -36.85 -13.41
CA ARG A 82 -25.32 -38.13 -13.11
C ARG A 82 -26.30 -38.46 -14.25
N GLY A 83 -27.30 -37.57 -14.46
CA GLY A 83 -28.19 -37.62 -15.62
C GLY A 83 -27.46 -37.93 -16.92
N TYR A 84 -26.59 -37.04 -17.39
CA TYR A 84 -26.09 -37.15 -18.75
C TYR A 84 -25.42 -38.51 -18.96
N TYR A 85 -24.90 -39.12 -17.89
CA TYR A 85 -24.13 -40.36 -17.95
C TYR A 85 -24.94 -41.56 -17.45
N ASN A 86 -26.20 -41.32 -17.09
CA ASN A 86 -27.12 -42.30 -16.55
C ASN A 86 -26.42 -43.14 -15.50
N GLN A 87 -26.10 -42.51 -14.36
CA GLN A 87 -25.47 -43.17 -13.22
C GLN A 87 -26.44 -43.08 -12.05
N SER A 88 -26.28 -43.96 -11.05
N SER A 88 -26.27 -43.96 -11.05
CA SER A 88 -27.26 -44.07 -9.98
CA SER A 88 -27.26 -44.06 -9.98
C SER A 88 -26.97 -43.08 -8.88
C SER A 88 -26.97 -43.06 -8.87
N GLU A 89 -27.97 -42.85 -8.02
CA GLU A 89 -27.86 -41.97 -6.88
C GLU A 89 -26.90 -42.56 -5.84
N ALA A 90 -26.58 -43.84 -5.99
CA ALA A 90 -25.86 -44.58 -4.96
C ALA A 90 -24.37 -44.28 -5.04
N GLY A 91 -23.85 -43.99 -6.25
CA GLY A 91 -22.44 -43.72 -6.50
C GLY A 91 -22.00 -42.33 -6.03
N SER A 92 -20.76 -42.24 -5.52
CA SER A 92 -20.10 -40.98 -5.22
C SER A 92 -19.35 -40.49 -6.45
N HIS A 93 -19.41 -39.17 -6.70
CA HIS A 93 -18.82 -38.55 -7.89
C HIS A 93 -18.08 -37.28 -7.52
N THR A 94 -17.05 -36.98 -8.33
CA THR A 94 -16.25 -35.78 -8.14
C THR A 94 -16.34 -34.86 -9.36
N LEU A 95 -16.73 -33.60 -9.10
CA LEU A 95 -16.59 -32.50 -10.03
C LEU A 95 -15.57 -31.50 -9.51
N GLN A 96 -14.57 -31.21 -10.35
CA GLN A 96 -13.52 -30.24 -10.05
C GLN A 96 -13.48 -29.11 -11.08
N TRP A 97 -13.09 -27.91 -10.63
CA TRP A 97 -13.02 -26.70 -11.43
C TRP A 97 -11.74 -25.96 -11.05
N MET A 98 -10.81 -25.74 -12.01
CA MET A 98 -9.67 -24.85 -11.84
C MET A 98 -9.82 -23.69 -12.82
N HIS A 99 -9.64 -22.44 -12.32
CA HIS A 99 -9.54 -21.23 -13.14
C HIS A 99 -8.45 -20.30 -12.62
N GLY A 100 -7.86 -19.51 -13.53
CA GLY A 100 -6.93 -18.46 -13.12
C GLY A 100 -6.67 -17.39 -14.19
N CYS A 101 -6.15 -16.24 -13.74
CA CYS A 101 -5.62 -15.20 -14.61
C CYS A 101 -4.17 -14.99 -14.28
N GLU A 102 -3.35 -14.70 -15.30
CA GLU A 102 -1.96 -14.33 -15.15
C GLU A 102 -1.71 -12.89 -15.59
N LEU A 103 -0.74 -12.23 -14.91
CA LEU A 103 -0.07 -11.02 -15.37
C LEU A 103 1.21 -11.31 -16.15
N GLY A 104 1.49 -10.43 -17.12
CA GLY A 104 2.81 -10.36 -17.73
C GLY A 104 3.75 -9.47 -16.92
N PRO A 105 5.04 -9.34 -17.31
CA PRO A 105 5.93 -8.34 -16.69
C PRO A 105 5.45 -6.89 -16.83
N ASP A 106 4.44 -6.63 -17.67
CA ASP A 106 3.93 -5.27 -17.81
C ASP A 106 2.95 -4.95 -16.69
N GLY A 107 2.51 -5.95 -15.92
CA GLY A 107 1.51 -5.69 -14.91
C GLY A 107 0.08 -5.87 -15.41
N ARG A 108 -0.08 -6.44 -16.61
CA ARG A 108 -1.37 -6.48 -17.26
C ARG A 108 -1.78 -7.91 -17.58
N PHE A 109 -3.11 -8.14 -17.72
CA PHE A 109 -3.58 -9.44 -18.15
C PHE A 109 -2.64 -10.02 -19.21
N LEU A 110 -2.35 -11.31 -19.10
CA LEU A 110 -1.49 -12.01 -20.06
C LEU A 110 -2.25 -13.21 -20.62
N ARG A 111 -2.79 -14.07 -19.74
CA ARG A 111 -3.60 -15.19 -20.18
C ARG A 111 -4.56 -15.59 -19.09
N GLY A 112 -5.60 -16.31 -19.49
CA GLY A 112 -6.61 -16.84 -18.60
C GLY A 112 -6.90 -18.31 -18.92
N TYR A 113 -7.50 -19.00 -17.95
CA TYR A 113 -7.68 -20.42 -18.09
C TYR A 113 -8.86 -20.87 -17.23
N GLU A 114 -9.58 -21.89 -17.71
CA GLU A 114 -10.73 -22.46 -17.01
C GLU A 114 -11.05 -23.85 -17.55
N GLN A 115 -11.14 -24.81 -16.62
CA GLN A 115 -11.32 -26.22 -16.92
C GLN A 115 -12.19 -26.88 -15.87
N PHE A 116 -13.06 -27.79 -16.34
CA PHE A 116 -13.88 -28.66 -15.51
C PHE A 116 -13.43 -30.11 -15.67
N ALA A 117 -13.67 -30.92 -14.64
CA ALA A 117 -13.33 -32.34 -14.70
C ALA A 117 -14.31 -33.15 -13.89
N TYR A 118 -14.90 -34.17 -14.56
CA TYR A 118 -15.79 -35.13 -13.91
C TYR A 118 -15.01 -36.41 -13.58
N ASP A 119 -15.03 -36.83 -12.31
CA ASP A 119 -14.41 -38.09 -11.92
C ASP A 119 -13.01 -38.17 -12.52
N GLY A 120 -12.25 -37.04 -12.38
CA GLY A 120 -10.81 -37.07 -12.58
C GLY A 120 -10.35 -37.04 -14.05
N LYS A 121 -11.25 -36.78 -15.00
CA LYS A 121 -10.87 -36.61 -16.38
C LYS A 121 -11.41 -35.27 -16.86
N ASP A 122 -10.79 -34.71 -17.90
CA ASP A 122 -11.30 -33.48 -18.51
C ASP A 122 -12.75 -33.68 -18.93
N TYR A 123 -13.60 -32.68 -18.69
CA TYR A 123 -14.99 -32.69 -19.11
C TYR A 123 -15.26 -31.56 -20.08
N LEU A 124 -15.09 -30.32 -19.60
CA LEU A 124 -15.32 -29.13 -20.41
C LEU A 124 -14.16 -28.15 -20.20
N THR A 125 -13.62 -27.65 -21.30
CA THR A 125 -12.46 -26.76 -21.24
C THR A 125 -12.75 -25.43 -21.94
N LEU A 126 -12.47 -24.31 -21.26
CA LEU A 126 -12.49 -23.01 -21.91
C LEU A 126 -11.25 -22.88 -22.76
N ASN A 127 -11.42 -22.44 -24.02
CA ASN A 127 -10.31 -22.37 -24.97
C ASN A 127 -9.55 -21.07 -24.73
N GLU A 128 -8.30 -21.04 -25.24
CA GLU A 128 -7.35 -19.95 -25.03
C GLU A 128 -7.97 -18.61 -25.43
N ASP A 129 -8.80 -18.57 -26.48
CA ASP A 129 -9.50 -17.35 -26.90
C ASP A 129 -10.54 -16.89 -25.88
N LEU A 130 -10.77 -17.62 -24.80
CA LEU A 130 -11.80 -17.31 -23.82
C LEU A 130 -13.13 -16.88 -24.47
N ARG A 131 -13.52 -17.48 -25.62
CA ARG A 131 -14.78 -17.17 -26.30
C ARG A 131 -15.63 -18.39 -26.67
N SER A 132 -15.09 -19.59 -26.44
CA SER A 132 -15.62 -20.84 -26.90
C SER A 132 -15.18 -21.95 -25.94
N TRP A 133 -15.80 -23.14 -26.03
CA TRP A 133 -15.38 -24.30 -25.25
C TRP A 133 -15.04 -25.51 -26.15
N THR A 134 -14.44 -26.50 -25.48
CA THR A 134 -14.13 -27.81 -26.01
C THR A 134 -14.72 -28.90 -25.13
N ALA A 135 -15.70 -29.67 -25.65
CA ALA A 135 -16.27 -30.81 -24.93
C ALA A 135 -15.44 -32.06 -25.24
N VAL A 136 -15.37 -33.01 -24.27
CA VAL A 136 -14.65 -34.26 -24.49
C VAL A 136 -15.60 -35.34 -25.00
N ASP A 137 -16.93 -35.15 -24.89
CA ASP A 137 -17.89 -36.22 -25.15
C ASP A 137 -19.30 -35.64 -25.31
N THR A 138 -20.25 -36.50 -25.67
CA THR A 138 -21.67 -36.18 -25.84
C THR A 138 -22.25 -35.40 -24.66
N ALA A 139 -21.88 -35.83 -23.45
CA ALA A 139 -22.42 -35.25 -22.23
C ALA A 139 -21.93 -33.81 -22.14
N ALA A 140 -20.62 -33.64 -22.29
CA ALA A 140 -19.99 -32.33 -22.30
C ALA A 140 -20.59 -31.44 -23.39
N GLN A 141 -20.95 -32.02 -24.54
CA GLN A 141 -21.53 -31.26 -25.64
C GLN A 141 -22.85 -30.60 -25.20
N ILE A 142 -23.65 -31.29 -24.39
CA ILE A 142 -24.86 -30.66 -23.90
C ILE A 142 -24.46 -29.42 -23.11
N SER A 143 -23.38 -29.54 -22.31
CA SER A 143 -22.87 -28.47 -21.48
C SER A 143 -22.30 -27.31 -22.32
N GLU A 144 -21.54 -27.64 -23.37
CA GLU A 144 -21.05 -26.67 -24.36
C GLU A 144 -22.20 -25.84 -24.90
N GLN A 145 -23.23 -26.53 -25.40
CA GLN A 145 -24.37 -25.87 -26.01
C GLN A 145 -25.04 -24.97 -24.97
N LYS A 146 -25.15 -25.44 -23.72
CA LYS A 146 -25.85 -24.66 -22.71
C LYS A 146 -25.07 -23.40 -22.42
N SER A 147 -23.75 -23.54 -22.40
CA SER A 147 -22.87 -22.42 -22.10
C SER A 147 -22.91 -21.40 -23.23
N ASN A 148 -22.85 -21.88 -24.47
CA ASN A 148 -22.99 -21.07 -25.66
C ASN A 148 -24.27 -20.23 -25.57
N ASP A 149 -25.41 -20.89 -25.32
CA ASP A 149 -26.70 -20.20 -25.32
C ASP A 149 -26.73 -19.18 -24.19
N ALA A 150 -25.78 -19.24 -23.25
CA ALA A 150 -25.84 -18.42 -22.06
C ALA A 150 -24.75 -17.36 -22.05
N SER A 151 -23.90 -17.40 -23.08
CA SER A 151 -22.73 -16.56 -23.16
C SER A 151 -21.89 -16.72 -21.91
N GLU A 152 -21.59 -17.98 -21.56
CA GLU A 152 -20.84 -18.22 -20.33
C GLU A 152 -19.43 -17.68 -20.55
N ALA A 153 -18.87 -17.98 -21.72
CA ALA A 153 -17.49 -17.61 -22.01
C ALA A 153 -17.34 -16.10 -21.84
N GLU A 154 -18.31 -15.33 -22.32
CA GLU A 154 -18.27 -13.90 -22.12
C GLU A 154 -18.12 -13.63 -20.61
N HIS A 155 -19.01 -14.20 -19.82
CA HIS A 155 -19.05 -13.91 -18.40
C HIS A 155 -17.73 -14.30 -17.73
N GLN A 156 -17.14 -15.44 -18.11
CA GLN A 156 -15.89 -15.88 -17.52
C GLN A 156 -14.74 -14.97 -17.96
N ARG A 157 -14.71 -14.60 -19.24
CA ARG A 157 -13.68 -13.70 -19.77
C ARG A 157 -13.72 -12.38 -19.02
N ALA A 158 -14.93 -11.91 -18.72
CA ALA A 158 -15.05 -10.70 -17.92
C ALA A 158 -14.37 -10.88 -16.55
N TYR A 159 -14.65 -11.99 -15.88
CA TYR A 159 -13.97 -12.25 -14.64
C TYR A 159 -12.49 -12.37 -14.90
N LEU A 160 -12.07 -13.25 -15.80
CA LEU A 160 -10.66 -13.57 -15.96
C LEU A 160 -9.82 -12.37 -16.38
N GLU A 161 -10.33 -11.55 -17.31
CA GLU A 161 -9.53 -10.47 -17.90
C GLU A 161 -9.47 -9.27 -16.97
N ASP A 162 -10.54 -9.04 -16.22
CA ASP A 162 -10.78 -7.80 -15.53
C ASP A 162 -10.70 -8.04 -14.01
N THR A 163 -11.77 -8.57 -13.41
CA THR A 163 -11.89 -8.72 -11.97
C THR A 163 -10.75 -9.54 -11.37
N CYS A 164 -10.49 -10.68 -11.97
CA CYS A 164 -9.39 -11.50 -11.54
C CYS A 164 -8.12 -10.65 -11.49
N VAL A 165 -7.80 -9.97 -12.58
CA VAL A 165 -6.58 -9.15 -12.58
C VAL A 165 -6.62 -8.01 -11.55
N GLU A 166 -7.73 -7.28 -11.44
CA GLU A 166 -7.83 -6.23 -10.44
C GLU A 166 -7.36 -6.78 -9.08
N TRP A 167 -7.88 -7.94 -8.70
CA TRP A 167 -7.70 -8.40 -7.33
C TRP A 167 -6.31 -9.02 -7.17
N LEU A 168 -5.78 -9.63 -8.23
CA LEU A 168 -4.44 -10.17 -8.15
C LEU A 168 -3.47 -9.05 -7.73
N HIS A 169 -3.68 -7.84 -8.30
CA HIS A 169 -2.91 -6.67 -7.92
C HIS A 169 -3.07 -6.43 -6.42
N LYS A 170 -4.31 -6.32 -5.96
CA LYS A 170 -4.53 -6.04 -4.54
C LYS A 170 -3.76 -7.02 -3.65
N TYR A 171 -3.73 -8.30 -4.03
CA TYR A 171 -3.17 -9.33 -3.17
C TYR A 171 -1.65 -9.26 -3.22
N LEU A 172 -1.10 -9.08 -4.44
CA LEU A 172 0.34 -8.98 -4.59
C LEU A 172 0.86 -7.85 -3.68
N GLU A 173 0.07 -6.80 -3.49
CA GLU A 173 0.52 -5.67 -2.70
C GLU A 173 0.47 -6.09 -1.25
N LYS A 174 -0.70 -6.51 -0.80
CA LYS A 174 -0.95 -6.93 0.57
C LYS A 174 0.06 -8.02 0.97
N GLY A 175 0.46 -8.91 0.07
CA GLY A 175 1.34 -10.01 0.46
C GLY A 175 2.74 -9.88 -0.12
N LYS A 176 3.18 -8.61 -0.36
CA LYS A 176 4.45 -8.26 -1.01
C LYS A 176 5.56 -9.09 -0.38
N GLU A 177 5.55 -9.17 0.98
CA GLU A 177 6.68 -9.68 1.75
C GLU A 177 6.88 -11.17 1.52
N THR A 178 5.79 -11.82 1.07
CA THR A 178 5.72 -13.25 0.84
C THR A 178 5.84 -13.52 -0.66
N LEU A 179 5.10 -12.77 -1.48
CA LEU A 179 4.93 -13.07 -2.91
C LEU A 179 6.04 -12.46 -3.77
N LEU A 180 6.54 -11.28 -3.40
CA LEU A 180 7.46 -10.53 -4.25
C LEU A 180 8.87 -10.58 -3.70
N HIS A 181 9.00 -10.65 -2.37
CA HIS A 181 10.29 -10.80 -1.68
C HIS A 181 10.61 -12.27 -1.44
N LEU A 182 11.16 -12.82 -2.50
CA LEU A 182 11.43 -14.23 -2.66
C LEU A 182 12.42 -14.73 -1.62
N GLU A 183 12.47 -16.07 -1.54
CA GLU A 183 13.36 -16.78 -0.64
C GLU A 183 14.27 -17.65 -1.47
N PRO A 184 15.58 -17.36 -1.54
CA PRO A 184 16.51 -18.25 -2.23
C PRO A 184 16.62 -19.54 -1.43
N PRO A 185 17.08 -20.63 -2.07
CA PRO A 185 17.37 -21.86 -1.36
C PRO A 185 18.62 -21.68 -0.49
N LYS A 186 18.43 -22.16 0.75
CA LYS A 186 19.56 -22.54 1.59
C LYS A 186 20.01 -23.89 1.06
N THR A 187 21.28 -24.01 0.71
CA THR A 187 21.76 -25.00 -0.22
C THR A 187 22.98 -25.71 0.40
N HIS A 188 22.98 -27.07 0.42
CA HIS A 188 24.14 -27.83 0.88
C HIS A 188 24.17 -29.29 0.42
N VAL A 189 25.35 -29.94 0.55
CA VAL A 189 25.58 -31.29 0.05
C VAL A 189 25.93 -32.23 1.19
N THR A 190 25.20 -33.33 1.30
CA THR A 190 25.52 -34.37 2.26
C THR A 190 26.11 -35.56 1.50
N HIS A 191 26.83 -36.40 2.27
CA HIS A 191 27.57 -37.56 1.78
C HIS A 191 27.09 -38.78 2.54
N HIS A 192 26.80 -39.85 1.81
CA HIS A 192 26.20 -41.05 2.37
C HIS A 192 26.86 -42.28 1.75
N PRO A 193 27.80 -42.96 2.46
CA PRO A 193 28.38 -44.21 1.96
C PRO A 193 27.31 -45.28 1.77
N ILE A 194 27.24 -45.82 0.54
CA ILE A 194 26.41 -46.95 0.16
C ILE A 194 27.15 -48.24 0.55
N SER A 195 28.40 -48.32 0.08
CA SER A 195 29.21 -49.51 0.08
C SER A 195 30.64 -49.07 0.35
N ASP A 196 31.57 -50.04 0.34
CA ASP A 196 32.99 -49.78 0.57
C ASP A 196 33.55 -48.86 -0.51
N HIS A 197 32.95 -48.88 -1.70
CA HIS A 197 33.60 -48.30 -2.86
C HIS A 197 32.78 -47.17 -3.51
N GLU A 198 31.64 -46.76 -2.94
CA GLU A 198 30.82 -45.73 -3.59
C GLU A 198 29.85 -45.09 -2.62
N ALA A 199 29.58 -43.80 -2.86
CA ALA A 199 28.73 -42.99 -1.99
C ALA A 199 27.63 -42.30 -2.80
N THR A 200 26.56 -41.93 -2.09
CA THR A 200 25.57 -40.99 -2.56
C THR A 200 25.92 -39.55 -2.13
N LEU A 201 26.14 -38.67 -3.10
CA LEU A 201 26.15 -37.24 -2.83
C LEU A 201 24.74 -36.74 -3.05
N ARG A 202 24.20 -35.97 -2.10
CA ARG A 202 22.84 -35.48 -2.19
C ARG A 202 22.85 -33.97 -1.98
N CYS A 203 22.36 -33.24 -2.97
CA CYS A 203 22.38 -31.78 -2.96
C CYS A 203 21.05 -31.30 -2.44
N TRP A 204 21.06 -30.66 -1.27
CA TRP A 204 19.84 -30.13 -0.70
C TRP A 204 19.54 -28.70 -1.13
N ALA A 205 18.25 -28.38 -1.24
CA ALA A 205 17.73 -27.05 -1.47
C ALA A 205 16.47 -26.86 -0.62
N LEU A 206 16.58 -25.94 0.36
CA LEU A 206 15.66 -25.85 1.49
C LEU A 206 15.18 -24.41 1.69
N GLY A 207 13.92 -24.30 2.10
CA GLY A 207 13.33 -23.05 2.51
C GLY A 207 13.19 -22.03 1.37
N PHE A 208 13.14 -22.51 0.13
CA PHE A 208 13.02 -21.60 -1.01
C PHE A 208 11.56 -21.39 -1.39
N TYR A 209 11.34 -20.25 -2.06
CA TYR A 209 10.04 -19.85 -2.58
C TYR A 209 10.24 -18.84 -3.71
N PRO A 210 9.61 -19.05 -4.90
CA PRO A 210 8.54 -20.04 -5.08
C PRO A 210 9.13 -21.40 -5.44
N ALA A 211 8.24 -22.35 -5.74
CA ALA A 211 8.53 -23.76 -5.77
C ALA A 211 9.37 -24.19 -6.99
N GLU A 212 9.38 -23.35 -8.02
CA GLU A 212 10.11 -23.67 -9.24
C GLU A 212 11.60 -23.63 -8.91
N ILE A 213 12.35 -24.68 -9.28
CA ILE A 213 13.78 -24.79 -8.97
C ILE A 213 14.44 -25.83 -9.87
N THR A 214 15.76 -25.72 -10.02
CA THR A 214 16.52 -26.61 -10.90
C THR A 214 17.81 -27.04 -10.20
N LEU A 215 17.92 -28.36 -9.96
CA LEU A 215 19.06 -28.97 -9.32
C LEU A 215 19.70 -29.89 -10.33
N THR A 216 21.03 -29.80 -10.45
CA THR A 216 21.80 -30.47 -11.49
C THR A 216 23.17 -30.85 -10.95
N TRP A 217 23.58 -32.07 -11.30
CA TRP A 217 24.88 -32.59 -10.90
C TRP A 217 25.77 -32.63 -12.13
N GLN A 218 27.04 -32.24 -11.93
CA GLN A 218 28.00 -32.25 -13.01
C GLN A 218 29.24 -33.00 -12.59
N GLN A 219 29.73 -33.88 -13.48
CA GLN A 219 31.01 -34.54 -13.36
C GLN A 219 32.08 -33.80 -14.18
N ASP A 220 33.01 -33.11 -13.49
CA ASP A 220 34.10 -32.37 -14.12
C ASP A 220 33.51 -31.22 -14.95
N GLY A 221 32.49 -30.53 -14.41
CA GLY A 221 31.73 -29.53 -15.12
C GLY A 221 31.17 -30.01 -16.47
N GLU A 222 30.42 -31.11 -16.48
CA GLU A 222 29.73 -31.62 -17.66
C GLU A 222 28.70 -32.68 -17.23
N GLY A 223 27.72 -33.03 -18.10
CA GLY A 223 26.79 -34.11 -17.83
C GLY A 223 27.50 -35.40 -17.44
N HIS A 224 26.73 -36.43 -17.04
CA HIS A 224 27.30 -37.71 -16.62
C HIS A 224 26.21 -38.78 -16.74
N THR A 225 26.59 -39.95 -17.25
CA THR A 225 25.72 -41.12 -17.23
C THR A 225 25.98 -41.83 -15.90
N GLN A 226 25.17 -41.47 -14.91
CA GLN A 226 25.36 -41.77 -13.51
C GLN A 226 23.98 -41.73 -12.87
N ASP A 227 23.81 -42.45 -11.76
CA ASP A 227 22.49 -42.63 -11.17
C ASP A 227 22.06 -41.32 -10.53
N THR A 228 20.96 -40.69 -11.01
CA THR A 228 20.59 -39.33 -10.59
C THR A 228 19.16 -39.26 -10.04
N GLU A 229 19.02 -39.58 -8.74
CA GLU A 229 17.74 -39.61 -8.04
C GLU A 229 17.33 -38.16 -7.72
N LEU A 230 16.05 -37.87 -8.00
CA LEU A 230 15.48 -36.54 -7.88
C LEU A 230 14.09 -36.66 -7.27
N VAL A 231 13.90 -36.09 -6.09
CA VAL A 231 12.64 -36.19 -5.37
C VAL A 231 11.72 -35.01 -5.73
N GLU A 232 10.41 -35.25 -5.73
CA GLU A 232 9.40 -34.24 -6.05
C GLU A 232 9.52 -33.08 -5.08
N THR A 233 9.28 -31.88 -5.59
CA THR A 233 9.43 -30.70 -4.75
C THR A 233 8.33 -30.72 -3.72
N ARG A 234 8.66 -30.45 -2.45
CA ARG A 234 7.74 -30.77 -1.38
C ARG A 234 7.61 -29.59 -0.43
N PRO A 235 6.44 -29.36 0.16
CA PRO A 235 6.25 -28.24 1.09
C PRO A 235 6.80 -28.49 2.47
N ALA A 236 7.66 -27.58 2.93
CA ALA A 236 8.15 -27.63 4.30
C ALA A 236 7.07 -27.38 5.35
N GLY A 237 5.90 -26.87 4.99
CA GLY A 237 4.91 -26.52 6.00
C GLY A 237 4.85 -25.02 6.31
N ASP A 238 5.99 -24.31 6.12
CA ASP A 238 6.16 -22.91 6.53
C ASP A 238 5.94 -21.91 5.39
N GLY A 239 5.41 -22.32 4.25
CA GLY A 239 5.33 -21.38 3.14
C GLY A 239 6.41 -21.60 2.10
N THR A 240 7.56 -22.18 2.49
CA THR A 240 8.62 -22.55 1.56
C THR A 240 8.53 -24.03 1.10
N PHE A 241 9.56 -24.46 0.36
CA PHE A 241 9.60 -25.73 -0.34
C PHE A 241 11.00 -26.33 -0.28
N GLN A 242 11.07 -27.66 -0.45
CA GLN A 242 12.31 -28.40 -0.33
C GLN A 242 12.47 -29.23 -1.59
N LYS A 243 13.73 -29.59 -1.84
CA LYS A 243 14.01 -30.51 -2.92
C LYS A 243 15.45 -30.94 -2.78
N TRP A 244 15.73 -32.20 -3.13
CA TRP A 244 17.11 -32.67 -3.22
C TRP A 244 17.29 -33.43 -4.52
N ALA A 245 18.57 -33.56 -4.92
CA ALA A 245 18.96 -34.35 -6.06
C ALA A 245 20.29 -35.02 -5.75
N ALA A 246 20.30 -36.37 -5.73
CA ALA A 246 21.47 -37.15 -5.35
C ALA A 246 22.08 -37.85 -6.57
N VAL A 247 23.38 -38.12 -6.51
CA VAL A 247 24.04 -39.03 -7.44
C VAL A 247 24.93 -39.95 -6.64
N VAL A 248 25.14 -41.15 -7.20
CA VAL A 248 26.00 -42.13 -6.56
C VAL A 248 27.28 -42.13 -7.35
N VAL A 249 28.41 -42.13 -6.63
CA VAL A 249 29.72 -41.88 -7.21
C VAL A 249 30.75 -42.77 -6.49
N PRO A 250 31.83 -43.18 -7.19
CA PRO A 250 32.99 -43.80 -6.54
C PRO A 250 33.63 -43.00 -5.41
N SER A 251 33.77 -43.65 -4.23
CA SER A 251 34.40 -43.05 -3.05
C SER A 251 35.78 -42.55 -3.46
N GLY A 252 36.13 -41.35 -2.97
CA GLY A 252 37.34 -40.65 -3.36
C GLY A 252 37.21 -39.89 -4.69
N GLU A 253 36.03 -39.81 -5.31
CA GLU A 253 35.88 -38.98 -6.51
C GLU A 253 34.82 -37.89 -6.30
N GLU A 254 34.51 -37.60 -5.04
CA GLU A 254 33.46 -36.67 -4.67
C GLU A 254 33.78 -35.23 -5.10
N GLN A 255 35.05 -34.95 -5.41
CA GLN A 255 35.48 -33.62 -5.84
C GLN A 255 35.35 -33.47 -7.36
N ARG A 256 35.04 -34.53 -8.07
CA ARG A 256 34.75 -34.39 -9.49
C ARG A 256 33.33 -33.87 -9.69
N TYR A 257 32.56 -33.74 -8.60
CA TYR A 257 31.10 -33.62 -8.67
C TYR A 257 30.61 -32.31 -8.05
N THR A 258 29.79 -31.60 -8.82
CA THR A 258 29.32 -30.26 -8.48
C THR A 258 27.82 -30.15 -8.72
N CYS A 259 27.14 -29.48 -7.79
CA CYS A 259 25.70 -29.32 -7.87
C CYS A 259 25.39 -27.89 -8.34
N HIS A 260 24.52 -27.77 -9.34
CA HIS A 260 24.16 -26.48 -9.92
C HIS A 260 22.71 -26.17 -9.55
N VAL A 261 22.49 -25.03 -8.86
CA VAL A 261 21.18 -24.63 -8.35
C VAL A 261 20.70 -23.32 -8.97
N GLN A 262 19.59 -23.39 -9.70
CA GLN A 262 18.93 -22.22 -10.28
C GLN A 262 17.60 -22.01 -9.58
N HIS A 263 17.34 -20.77 -9.16
CA HIS A 263 16.08 -20.43 -8.50
C HIS A 263 15.90 -18.91 -8.62
N GLU A 264 14.65 -18.45 -8.73
CA GLU A 264 14.37 -17.06 -9.03
C GLU A 264 14.88 -16.13 -7.91
N GLY A 265 14.97 -16.61 -6.67
CA GLY A 265 15.36 -15.78 -5.53
C GLY A 265 16.88 -15.60 -5.37
N LEU A 266 17.64 -16.41 -6.10
CA LEU A 266 19.07 -16.21 -6.17
C LEU A 266 19.38 -15.06 -7.13
N PRO A 267 20.35 -14.17 -6.80
CA PRO A 267 20.89 -13.24 -7.78
C PRO A 267 21.55 -13.96 -8.97
N GLU A 268 22.12 -15.14 -8.77
CA GLU A 268 22.92 -15.80 -9.77
C GLU A 268 22.94 -17.30 -9.46
N PRO A 269 23.01 -18.22 -10.46
CA PRO A 269 23.11 -19.64 -10.16
C PRO A 269 24.28 -19.99 -9.24
N VAL A 270 24.04 -20.85 -8.24
CA VAL A 270 25.05 -21.29 -7.28
C VAL A 270 25.55 -22.70 -7.65
N THR A 271 26.85 -22.93 -7.47
CA THR A 271 27.42 -24.26 -7.56
C THR A 271 27.94 -24.67 -6.18
N LEU A 272 28.10 -25.99 -6.03
CA LEU A 272 28.11 -26.62 -4.72
C LEU A 272 28.88 -27.93 -4.82
N ARG A 273 29.49 -28.32 -3.71
CA ARG A 273 30.42 -29.44 -3.66
C ARG A 273 30.39 -30.01 -2.24
N TRP A 274 30.60 -31.32 -2.09
CA TRP A 274 30.67 -31.88 -0.73
C TRP A 274 31.88 -31.29 -0.04
N LYS A 275 31.71 -30.69 1.15
CA LYS A 275 32.84 -30.25 1.98
C LYS A 275 33.11 -31.27 3.11
N PRO A 276 34.20 -32.06 3.04
CA PRO A 276 34.58 -32.97 4.12
C PRO A 276 34.50 -32.28 5.50
N MET B 1 -13.88 -43.09 -15.04
CA MET B 1 -13.61 -42.85 -13.59
C MET B 1 -12.19 -43.30 -13.29
N ILE B 2 -11.27 -42.33 -13.27
CA ILE B 2 -9.86 -42.59 -13.00
C ILE B 2 -9.67 -42.82 -11.50
N GLN B 3 -8.71 -43.70 -11.19
CA GLN B 3 -8.16 -43.80 -9.84
C GLN B 3 -6.65 -43.82 -9.87
N ARG B 4 -6.08 -43.01 -8.98
CA ARG B 4 -4.66 -42.79 -8.93
C ARG B 4 -4.21 -42.99 -7.50
N THR B 5 -3.05 -43.64 -7.35
CA THR B 5 -2.62 -44.07 -6.04
C THR B 5 -1.64 -43.05 -5.44
N PRO B 6 -1.80 -42.69 -4.15
CA PRO B 6 -0.96 -41.68 -3.51
C PRO B 6 0.54 -41.94 -3.58
N LYS B 7 1.32 -40.89 -3.95
CA LYS B 7 2.75 -40.81 -3.68
C LYS B 7 2.95 -40.23 -2.27
N ILE B 8 4.00 -40.68 -1.55
CA ILE B 8 4.21 -40.29 -0.17
C ILE B 8 5.66 -39.85 0.06
N GLN B 9 5.85 -38.76 0.82
CA GLN B 9 7.17 -38.39 1.30
C GLN B 9 7.04 -38.06 2.78
N VAL B 10 8.08 -38.46 3.55
CA VAL B 10 8.07 -38.20 4.99
C VAL B 10 9.36 -37.48 5.35
N TYR B 11 9.23 -36.32 6.00
CA TYR B 11 10.39 -35.47 6.18
C TYR B 11 10.14 -34.48 7.31
N SER B 12 11.27 -33.98 7.84
CA SER B 12 11.29 -32.86 8.77
C SER B 12 11.35 -31.53 8.01
N ARG B 13 10.70 -30.51 8.63
CA ARG B 13 10.68 -29.14 8.17
C ARG B 13 12.09 -28.57 8.16
N HIS B 14 12.78 -28.70 9.30
CA HIS B 14 14.20 -28.37 9.40
C HIS B 14 15.04 -29.63 9.55
N PRO B 15 16.34 -29.63 9.16
CA PRO B 15 17.11 -30.88 9.16
C PRO B 15 17.23 -31.30 10.63
N ALA B 16 17.11 -32.59 10.91
CA ALA B 16 16.92 -33.04 12.27
C ALA B 16 18.19 -32.84 13.09
N GLU B 17 18.02 -32.32 14.31
CA GLU B 17 19.07 -32.33 15.33
C GLU B 17 18.50 -32.98 16.59
N ASN B 18 19.10 -34.12 17.00
CA ASN B 18 18.52 -34.86 18.13
C ASN B 18 18.24 -33.91 19.28
N GLY B 19 17.02 -33.92 19.84
CA GLY B 19 16.71 -33.10 20.99
C GLY B 19 16.11 -31.74 20.64
N LYS B 20 16.41 -31.23 19.45
CA LYS B 20 15.90 -29.92 19.03
C LYS B 20 14.51 -30.10 18.38
N SER B 21 13.52 -29.35 18.87
CA SER B 21 12.15 -29.36 18.35
C SER B 21 12.07 -28.98 16.87
N ASN B 22 11.03 -29.49 16.19
CA ASN B 22 11.01 -29.57 14.74
C ASN B 22 9.55 -29.81 14.33
N PHE B 23 9.36 -30.21 13.05
CA PHE B 23 8.07 -30.63 12.53
C PHE B 23 8.24 -31.83 11.61
N LEU B 24 7.25 -32.73 11.69
CA LEU B 24 7.24 -33.93 10.88
C LEU B 24 6.12 -33.80 9.85
N ASN B 25 6.54 -34.03 8.61
CA ASN B 25 5.67 -33.88 7.48
C ASN B 25 5.45 -35.21 6.83
N CYS B 26 4.19 -35.42 6.45
CA CYS B 26 3.85 -36.41 5.45
C CYS B 26 3.12 -35.72 4.31
N TYR B 27 3.71 -35.87 3.13
CA TYR B 27 3.16 -35.24 1.94
C TYR B 27 2.66 -36.33 1.02
N VAL B 28 1.33 -36.38 0.92
CA VAL B 28 0.65 -37.28 0.00
C VAL B 28 0.20 -36.46 -1.19
N SER B 29 0.29 -37.05 -2.38
CA SER B 29 0.07 -36.35 -3.64
C SER B 29 -0.22 -37.33 -4.77
N GLY B 30 -0.85 -36.90 -5.83
CA GLY B 30 -0.93 -37.74 -7.02
C GLY B 30 -2.15 -38.67 -7.04
N PHE B 31 -3.04 -38.53 -6.05
CA PHE B 31 -4.09 -39.49 -5.84
C PHE B 31 -5.48 -38.96 -6.22
N HIS B 32 -6.34 -39.90 -6.64
CA HIS B 32 -7.74 -39.63 -6.92
C HIS B 32 -8.53 -40.90 -6.64
N PRO B 33 -9.73 -40.82 -6.03
CA PRO B 33 -10.34 -39.57 -5.57
C PRO B 33 -9.79 -39.02 -4.26
N SER B 34 -10.55 -38.05 -3.73
CA SER B 34 -10.06 -37.14 -2.70
C SER B 34 -9.83 -37.91 -1.41
N ASP B 35 -10.82 -38.71 -0.99
CA ASP B 35 -10.84 -39.41 0.29
C ASP B 35 -9.53 -40.16 0.54
N ILE B 36 -8.96 -39.96 1.74
CA ILE B 36 -7.64 -40.52 2.07
C ILE B 36 -7.43 -40.45 3.58
N GLU B 37 -6.66 -41.42 4.11
CA GLU B 37 -6.44 -41.59 5.54
C GLU B 37 -4.93 -41.66 5.81
N VAL B 38 -4.49 -40.74 6.67
CA VAL B 38 -3.08 -40.59 6.91
C VAL B 38 -2.90 -40.48 8.41
N ASP B 39 -1.95 -41.30 8.90
CA ASP B 39 -1.54 -41.23 10.28
C ASP B 39 -0.01 -41.09 10.29
N LEU B 40 0.40 -40.37 11.33
CA LEU B 40 1.80 -40.13 11.66
C LEU B 40 2.14 -40.98 12.87
N LEU B 41 3.28 -41.68 12.80
CA LEU B 41 3.58 -42.70 13.78
C LEU B 41 4.88 -42.37 14.49
N LYS B 42 4.83 -42.44 15.83
CA LYS B 42 6.03 -42.63 16.64
C LYS B 42 6.15 -44.05 17.18
N ASN B 43 7.13 -44.79 16.64
CA ASN B 43 7.37 -46.17 17.03
C ASN B 43 6.07 -46.95 16.87
N GLY B 44 5.48 -46.91 15.67
CA GLY B 44 4.23 -47.58 15.35
C GLY B 44 2.96 -46.98 16.00
N GLU B 45 3.09 -46.05 16.97
CA GLU B 45 1.91 -45.50 17.63
C GLU B 45 1.43 -44.23 16.91
N ARG B 46 0.13 -44.16 16.65
CA ARG B 46 -0.49 -43.02 16.00
C ARG B 46 -0.34 -41.78 16.90
N ILE B 47 0.13 -40.67 16.30
CA ILE B 47 0.31 -39.41 16.97
C ILE B 47 -1.02 -38.66 16.89
N GLU B 48 -1.50 -38.19 18.05
CA GLU B 48 -2.70 -37.39 18.13
C GLU B 48 -2.29 -35.94 17.87
N LYS B 49 -3.26 -35.07 17.57
CA LYS B 49 -3.00 -33.67 17.23
C LYS B 49 -2.03 -33.55 16.05
N VAL B 50 -2.39 -34.19 14.93
CA VAL B 50 -1.78 -34.00 13.62
C VAL B 50 -2.69 -33.07 12.83
N GLU B 51 -2.13 -32.15 12.06
CA GLU B 51 -2.95 -31.27 11.24
C GLU B 51 -2.61 -31.51 9.77
N HIS B 52 -3.43 -30.89 8.91
CA HIS B 52 -3.23 -30.98 7.47
C HIS B 52 -3.73 -29.77 6.68
N SER B 53 -3.12 -29.64 5.51
CA SER B 53 -3.43 -28.60 4.56
C SER B 53 -4.85 -28.81 4.07
N ASP B 54 -5.43 -27.74 3.52
CA ASP B 54 -6.66 -27.80 2.77
C ASP B 54 -6.45 -28.54 1.45
N LEU B 55 -7.55 -29.11 0.96
CA LEU B 55 -7.44 -30.05 -0.14
C LEU B 55 -7.30 -29.27 -1.43
N SER B 56 -6.26 -29.59 -2.18
CA SER B 56 -6.00 -28.89 -3.44
C SER B 56 -5.63 -29.91 -4.52
N PHE B 57 -5.44 -29.45 -5.75
CA PHE B 57 -5.17 -30.40 -6.81
C PHE B 57 -4.33 -29.77 -7.92
N SER B 58 -3.76 -30.64 -8.75
CA SER B 58 -2.76 -30.29 -9.73
C SER B 58 -3.39 -30.20 -11.12
N LYS B 59 -2.55 -30.04 -12.14
CA LYS B 59 -3.01 -29.84 -13.50
C LYS B 59 -3.61 -31.15 -13.98
N ASP B 60 -3.13 -32.29 -13.48
CA ASP B 60 -3.66 -33.59 -13.88
C ASP B 60 -4.95 -33.91 -13.10
N TRP B 61 -5.34 -33.05 -12.13
CA TRP B 61 -6.53 -33.21 -11.30
C TRP B 61 -6.27 -34.05 -10.04
N SER B 62 -5.06 -34.63 -9.94
CA SER B 62 -4.69 -35.41 -8.78
C SER B 62 -4.60 -34.49 -7.57
N PHE B 63 -5.05 -35.00 -6.41
CA PHE B 63 -5.04 -34.23 -5.18
C PHE B 63 -3.71 -34.38 -4.40
N TYR B 64 -3.52 -33.47 -3.43
CA TYR B 64 -2.30 -33.43 -2.63
C TYR B 64 -2.66 -32.82 -1.27
N LEU B 65 -1.96 -33.27 -0.23
CA LEU B 65 -2.14 -32.81 1.14
C LEU B 65 -0.82 -32.90 1.89
N LEU B 66 -0.73 -32.07 2.92
CA LEU B 66 0.38 -32.15 3.84
C LEU B 66 -0.20 -32.43 5.22
N TYR B 67 0.18 -33.58 5.80
CA TYR B 67 -0.06 -33.84 7.20
C TYR B 67 1.25 -33.58 7.94
N TYR B 68 1.12 -32.95 9.11
CA TYR B 68 2.32 -32.54 9.83
C TYR B 68 2.02 -32.52 11.34
N THR B 69 3.08 -32.64 12.16
CA THR B 69 2.97 -32.46 13.61
C THR B 69 4.29 -31.95 14.18
N GLU B 70 4.20 -31.20 15.30
CA GLU B 70 5.38 -30.82 16.05
C GLU B 70 6.07 -32.10 16.52
N PHE B 71 7.41 -32.16 16.52
CA PHE B 71 8.08 -33.34 17.01
C PHE B 71 9.52 -33.01 17.44
N THR B 72 10.10 -33.92 18.24
CA THR B 72 11.43 -33.74 18.76
C THR B 72 12.23 -35.02 18.51
N PRO B 73 12.90 -35.08 17.35
CA PRO B 73 13.64 -36.28 16.97
C PRO B 73 14.66 -36.65 18.03
N THR B 74 14.84 -37.95 18.23
CA THR B 74 15.87 -38.47 19.09
C THR B 74 16.66 -39.48 18.27
N GLU B 75 17.81 -39.94 18.81
CA GLU B 75 18.68 -40.88 18.11
C GLU B 75 17.90 -42.16 17.80
N LYS B 76 17.15 -42.62 18.81
CA LYS B 76 16.66 -43.99 18.92
C LYS B 76 15.23 -44.09 18.38
N ASP B 77 14.35 -43.11 18.75
CA ASP B 77 12.98 -43.02 18.24
C ASP B 77 12.90 -43.22 16.72
N GLU B 78 11.83 -43.89 16.28
CA GLU B 78 11.49 -44.01 14.88
C GLU B 78 10.20 -43.23 14.63
N TYR B 79 10.08 -42.71 13.40
CA TYR B 79 8.84 -42.07 12.98
C TYR B 79 8.47 -42.58 11.58
N ALA B 80 7.16 -42.54 11.28
CA ALA B 80 6.75 -42.88 9.93
C ALA B 80 5.35 -42.34 9.67
N CYS B 81 4.96 -42.51 8.41
CA CYS B 81 3.64 -42.15 7.91
C CYS B 81 2.96 -43.42 7.41
N ARG B 82 1.69 -43.58 7.84
CA ARG B 82 0.82 -44.60 7.31
C ARG B 82 -0.37 -43.99 6.58
N VAL B 83 -0.57 -44.47 5.34
CA VAL B 83 -1.54 -43.96 4.40
C VAL B 83 -2.44 -45.09 3.91
N ASN B 84 -3.76 -44.89 3.99
CA ASN B 84 -4.69 -45.82 3.36
C ASN B 84 -5.59 -45.03 2.39
N HIS B 85 -5.86 -45.63 1.24
CA HIS B 85 -6.63 -45.05 0.15
C HIS B 85 -7.49 -46.17 -0.43
N VAL B 86 -8.38 -45.79 -1.36
CA VAL B 86 -9.19 -46.76 -2.08
C VAL B 86 -8.32 -47.56 -3.06
N THR B 87 -7.16 -47.04 -3.42
CA THR B 87 -6.34 -47.71 -4.41
C THR B 87 -5.42 -48.68 -3.69
N LEU B 88 -5.57 -48.72 -2.36
CA LEU B 88 -4.68 -49.49 -1.52
C LEU B 88 -5.45 -50.64 -0.89
N SER B 89 -4.93 -51.85 -1.22
CA SER B 89 -5.27 -53.13 -0.61
C SER B 89 -5.07 -53.06 0.91
N GLN B 90 -3.92 -52.56 1.37
CA GLN B 90 -3.70 -52.34 2.80
C GLN B 90 -2.85 -51.09 3.02
N PRO B 91 -2.90 -50.43 4.20
CA PRO B 91 -2.11 -49.23 4.48
C PRO B 91 -0.69 -49.35 3.95
N LYS B 92 -0.18 -48.25 3.38
CA LYS B 92 1.25 -48.17 3.12
C LYS B 92 1.87 -47.40 4.28
N ILE B 93 3.08 -47.85 4.62
CA ILE B 93 3.82 -47.23 5.70
C ILE B 93 5.18 -46.86 5.17
N VAL B 94 5.51 -45.58 5.37
CA VAL B 94 6.79 -45.07 4.95
C VAL B 94 7.47 -44.52 6.19
N LYS B 95 8.72 -44.95 6.35
CA LYS B 95 9.51 -44.60 7.51
C LYS B 95 10.24 -43.29 7.19
N TRP B 96 10.26 -42.39 8.18
CA TRP B 96 11.09 -41.20 8.14
C TRP B 96 12.57 -41.55 8.14
N ASP B 97 13.26 -41.32 7.02
CA ASP B 97 14.72 -41.17 7.01
C ASP B 97 15.08 -39.68 7.04
N ARG B 98 15.85 -39.29 8.06
CA ARG B 98 16.22 -37.91 8.33
C ARG B 98 17.22 -37.38 7.30
N ASP B 99 17.87 -38.26 6.54
CA ASP B 99 18.71 -37.83 5.45
C ASP B 99 17.95 -37.92 4.13
N MET B 100 16.61 -37.83 4.17
CA MET B 100 15.86 -37.91 2.93
C MET B 100 14.61 -37.01 2.95
N ILE C 1 -10.41 -12.74 -5.68
CA ILE C 1 -11.77 -13.21 -5.29
C ILE C 1 -12.27 -14.29 -6.24
N LEU C 2 -13.29 -14.99 -5.76
CA LEU C 2 -14.03 -15.97 -6.55
C LEU C 2 -14.70 -15.31 -7.74
N SER C 3 -14.86 -16.10 -8.79
CA SER C 3 -15.65 -15.67 -9.94
C SER C 3 -17.08 -15.35 -9.53
N PRO C 4 -17.63 -14.17 -9.87
CA PRO C 4 -19.06 -13.94 -9.68
C PRO C 4 -19.92 -14.68 -10.71
N PHE C 5 -19.26 -15.45 -11.59
CA PHE C 5 -19.88 -16.14 -12.71
C PHE C 5 -19.60 -17.65 -12.67
N ILE C 6 -20.67 -18.41 -12.43
CA ILE C 6 -20.54 -19.86 -12.28
C ILE C 6 -21.31 -20.60 -13.38
N PRO C 7 -20.62 -21.32 -14.29
CA PRO C 7 -21.28 -22.14 -15.29
C PRO C 7 -22.25 -23.17 -14.72
N LEU C 8 -23.43 -23.27 -15.33
CA LEU C 8 -24.33 -24.41 -15.19
C LEU C 8 -24.02 -25.42 -16.31
N LEU C 9 -23.49 -26.57 -15.89
CA LEU C 9 -23.12 -27.60 -16.84
C LEU C 9 -24.34 -28.33 -17.42
N LYS D 3 -29.10 7.09 -4.24
CA LYS D 3 -29.68 6.27 -5.35
C LYS D 3 -28.55 5.65 -6.19
N GLU D 4 -28.47 4.31 -6.19
CA GLU D 4 -27.27 3.59 -6.59
C GLU D 4 -27.10 3.64 -8.11
N VAL D 5 -28.23 3.51 -8.85
CA VAL D 5 -28.21 3.54 -10.30
C VAL D 5 -28.97 4.79 -10.75
N GLU D 6 -28.22 5.77 -11.33
CA GLU D 6 -28.77 7.02 -11.83
C GLU D 6 -29.02 6.98 -13.33
N GLN D 7 -30.28 7.24 -13.65
CA GLN D 7 -30.70 7.59 -14.99
C GLN D 7 -31.49 8.89 -14.89
N ASN D 8 -31.51 9.66 -15.98
CA ASN D 8 -32.36 10.82 -16.11
C ASN D 8 -33.72 10.34 -16.60
N SER D 9 -34.81 10.79 -15.98
CA SER D 9 -36.15 10.35 -16.38
C SER D 9 -36.51 10.86 -17.78
N GLY D 10 -35.96 12.04 -18.09
CA GLY D 10 -36.33 12.78 -19.27
C GLY D 10 -37.77 13.28 -19.12
N PRO D 11 -38.68 13.02 -20.10
CA PRO D 11 -38.35 12.23 -21.29
C PRO D 11 -37.40 12.91 -22.24
N LEU D 12 -36.77 12.10 -23.10
CA LEU D 12 -35.93 12.54 -24.20
C LEU D 12 -36.69 12.40 -25.50
N SER D 13 -36.52 13.39 -26.39
CA SER D 13 -37.00 13.30 -27.76
C SER D 13 -35.83 12.94 -28.66
N VAL D 14 -36.11 12.10 -29.64
CA VAL D 14 -35.22 11.94 -30.77
C VAL D 14 -36.06 11.97 -32.04
N PRO D 15 -35.64 12.76 -33.04
CA PRO D 15 -36.24 12.66 -34.37
C PRO D 15 -36.19 11.24 -34.94
N GLU D 16 -37.28 10.84 -35.58
CA GLU D 16 -37.27 9.56 -36.25
C GLU D 16 -36.12 9.54 -37.25
N GLY D 17 -35.36 8.44 -37.18
CA GLY D 17 -34.24 8.20 -38.08
C GLY D 17 -32.91 8.58 -37.46
N ALA D 18 -32.98 9.42 -36.40
CA ALA D 18 -31.79 9.91 -35.72
C ALA D 18 -31.27 8.88 -34.71
N ILE D 19 -30.02 9.08 -34.27
CA ILE D 19 -29.41 8.30 -33.20
C ILE D 19 -29.96 8.75 -31.85
N ALA D 20 -30.40 7.78 -31.02
CA ALA D 20 -30.74 8.07 -29.63
C ALA D 20 -29.56 7.67 -28.77
N SER D 21 -29.33 8.41 -27.69
CA SER D 21 -28.28 8.01 -26.77
C SER D 21 -28.78 8.15 -25.33
N LEU D 22 -28.60 7.06 -24.57
CA LEU D 22 -29.10 6.90 -23.20
C LEU D 22 -27.95 6.52 -22.25
N ASN D 23 -27.85 7.23 -21.13
CA ASN D 23 -26.76 6.97 -20.21
C ASN D 23 -27.19 6.46 -18.83
N CYS D 24 -26.25 5.80 -18.17
CA CYS D 24 -26.45 5.31 -16.82
C CYS D 24 -25.14 5.35 -16.08
N THR D 25 -25.19 5.89 -14.86
CA THR D 25 -24.10 5.73 -13.92
C THR D 25 -24.53 4.87 -12.74
N TYR D 26 -23.51 4.40 -12.01
CA TYR D 26 -23.69 3.54 -10.85
C TYR D 26 -22.58 3.78 -9.82
N SER D 27 -22.89 3.63 -8.53
CA SER D 27 -21.99 4.03 -7.47
C SER D 27 -20.97 2.95 -7.10
N ASP D 28 -21.37 1.67 -7.08
CA ASP D 28 -20.49 0.68 -6.50
C ASP D 28 -19.47 0.15 -7.52
N ARG D 29 -18.19 0.39 -7.25
CA ARG D 29 -17.10 -0.23 -8.01
C ARG D 29 -17.21 -1.74 -8.02
N GLY D 30 -18.01 -2.34 -7.13
CA GLY D 30 -18.24 -3.77 -7.09
C GLY D 30 -19.16 -4.28 -8.19
N SER D 31 -19.71 -3.38 -9.01
CA SER D 31 -20.69 -3.79 -10.00
C SER D 31 -19.95 -4.56 -11.09
N VAL D 32 -20.44 -5.76 -11.49
CA VAL D 32 -19.72 -6.65 -12.40
C VAL D 32 -20.52 -7.04 -13.65
N SER D 33 -21.79 -6.61 -13.73
CA SER D 33 -22.64 -6.97 -14.84
C SER D 33 -23.65 -5.83 -15.06
N PHE D 34 -24.10 -5.65 -16.31
CA PHE D 34 -24.79 -4.43 -16.73
C PHE D 34 -25.84 -4.76 -17.77
N PHE D 35 -26.98 -4.06 -17.69
CA PHE D 35 -28.12 -4.43 -18.51
C PHE D 35 -28.94 -3.22 -18.95
N TRP D 36 -29.38 -3.33 -20.21
CA TRP D 36 -30.40 -2.47 -20.75
C TRP D 36 -31.68 -3.26 -21.02
N TYR D 37 -32.75 -2.78 -20.39
CA TYR D 37 -34.06 -3.35 -20.51
C TYR D 37 -34.96 -2.29 -21.13
N ARG D 38 -35.81 -2.74 -22.04
CA ARG D 38 -36.83 -1.92 -22.65
C ARG D 38 -38.18 -2.32 -22.11
N GLN D 39 -38.95 -1.30 -21.68
CA GLN D 39 -40.28 -1.54 -21.19
C GLN D 39 -41.29 -0.63 -21.90
N TYR D 40 -42.17 -1.25 -22.70
CA TYR D 40 -43.33 -0.58 -23.27
C TYR D 40 -44.35 -0.34 -22.16
N SER D 41 -44.91 0.87 -22.08
CA SER D 41 -45.99 1.21 -21.17
C SER D 41 -46.96 0.04 -21.05
N GLY D 42 -47.21 -0.38 -19.80
CA GLY D 42 -48.14 -1.46 -19.51
C GLY D 42 -47.46 -2.83 -19.36
N LYS D 43 -46.33 -3.00 -20.04
CA LYS D 43 -45.78 -4.33 -20.27
C LYS D 43 -44.61 -4.57 -19.33
N SER D 44 -43.98 -5.73 -19.50
CA SER D 44 -42.89 -6.12 -18.66
C SER D 44 -41.57 -5.56 -19.19
N PRO D 45 -40.50 -5.52 -18.38
CA PRO D 45 -39.17 -5.25 -18.90
C PRO D 45 -38.74 -6.36 -19.84
N GLU D 46 -38.03 -6.00 -20.91
CA GLU D 46 -37.60 -6.93 -21.93
C GLU D 46 -36.14 -6.63 -22.22
N LEU D 47 -35.29 -7.65 -22.30
CA LEU D 47 -33.86 -7.38 -22.24
C LEU D 47 -33.39 -6.99 -23.63
N ILE D 48 -32.88 -5.77 -23.76
CA ILE D 48 -32.32 -5.31 -25.02
C ILE D 48 -30.90 -5.81 -25.19
N MET D 49 -30.04 -5.57 -24.17
CA MET D 49 -28.61 -5.86 -24.28
C MET D 49 -27.97 -6.05 -22.90
N SER D 50 -26.92 -6.86 -22.91
CA SER D 50 -26.20 -7.27 -21.71
C SER D 50 -24.73 -7.03 -21.94
N ILE D 51 -24.02 -6.43 -20.99
CA ILE D 51 -22.59 -6.25 -21.18
C ILE D 51 -21.85 -6.44 -19.85
N TYR D 52 -20.66 -7.03 -19.96
CA TYR D 52 -19.83 -7.42 -18.82
C TYR D 52 -18.38 -6.94 -18.96
N LEU D 53 -17.83 -7.02 -20.16
CA LEU D 53 -16.49 -6.54 -20.42
C LEU D 53 -16.57 -5.08 -20.80
N ASN D 54 -15.67 -4.30 -20.18
CA ASN D 54 -15.36 -2.95 -20.60
C ASN D 54 -15.25 -2.89 -22.11
N GLY D 55 -15.88 -1.87 -22.70
CA GLY D 55 -15.81 -1.73 -24.14
C GLY D 55 -17.17 -1.49 -24.78
N LEU D 56 -17.22 -1.89 -26.05
CA LEU D 56 -18.33 -1.62 -26.95
C LEU D 56 -18.95 -2.94 -27.38
N LYS D 57 -20.26 -3.03 -27.37
CA LYS D 57 -20.88 -4.25 -27.83
C LYS D 57 -22.05 -3.84 -28.73
N GLU D 58 -22.17 -4.55 -29.87
CA GLU D 58 -23.11 -4.16 -30.89
C GLU D 58 -24.06 -5.29 -31.22
N ASP D 59 -25.35 -4.99 -31.31
CA ASP D 59 -26.30 -5.94 -31.88
C ASP D 59 -27.38 -5.20 -32.66
N GLY D 60 -27.41 -5.37 -33.98
CA GLY D 60 -28.38 -4.68 -34.80
C GLY D 60 -28.17 -3.18 -34.70
N ARG D 61 -29.25 -2.43 -34.51
CA ARG D 61 -29.20 -0.98 -34.39
C ARG D 61 -28.62 -0.53 -33.05
N PHE D 62 -28.30 -1.48 -32.17
CA PHE D 62 -28.00 -1.10 -30.81
C PHE D 62 -26.51 -1.23 -30.54
N THR D 63 -25.99 -0.25 -29.78
CA THR D 63 -24.65 -0.38 -29.28
C THR D 63 -24.70 -0.07 -27.81
N ALA D 64 -23.97 -0.87 -27.04
CA ALA D 64 -23.79 -0.57 -25.63
C ALA D 64 -22.31 -0.39 -25.38
N GLN D 65 -21.99 0.44 -24.39
CA GLN D 65 -20.61 0.75 -24.05
C GLN D 65 -20.51 0.74 -22.55
N LEU D 66 -19.48 0.10 -22.04
CA LEU D 66 -19.30 -0.02 -20.61
C LEU D 66 -17.92 0.51 -20.32
N ASN D 67 -17.83 1.27 -19.24
CA ASN D 67 -16.58 1.86 -18.81
C ASN D 67 -16.57 1.86 -17.27
N LYS D 68 -15.92 0.84 -16.73
CA LYS D 68 -16.07 0.54 -15.32
C LYS D 68 -15.15 1.46 -14.56
N ALA D 69 -14.08 1.90 -15.24
CA ALA D 69 -13.22 2.98 -14.76
C ALA D 69 -14.04 4.18 -14.31
N SER D 70 -15.03 4.60 -15.11
CA SER D 70 -15.77 5.85 -14.89
C SER D 70 -17.20 5.57 -14.45
N GLN D 71 -17.53 4.26 -14.44
CA GLN D 71 -18.70 3.74 -13.75
C GLN D 71 -19.96 4.22 -14.46
N TYR D 72 -19.94 4.04 -15.78
CA TYR D 72 -21.09 4.40 -16.59
C TYR D 72 -21.27 3.27 -17.59
N VAL D 73 -22.52 3.04 -17.96
CA VAL D 73 -22.89 2.19 -19.07
C VAL D 73 -23.84 3.02 -19.92
N SER D 74 -23.81 2.83 -21.23
CA SER D 74 -24.59 3.66 -22.15
C SER D 74 -25.20 2.80 -23.26
N LEU D 75 -26.35 3.26 -23.78
CA LEU D 75 -26.95 2.61 -24.94
C LEU D 75 -27.16 3.62 -26.08
N LEU D 76 -26.81 3.19 -27.30
CA LEU D 76 -27.04 3.92 -28.54
C LEU D 76 -28.03 3.20 -29.48
N ILE D 77 -29.10 3.87 -29.88
CA ILE D 77 -30.02 3.35 -30.90
C ILE D 77 -29.86 4.11 -32.22
N ARG D 78 -29.27 3.45 -33.25
CA ARG D 78 -29.23 3.95 -34.63
C ARG D 78 -30.59 3.85 -35.29
N ASP D 79 -30.94 4.87 -36.07
CA ASP D 79 -32.07 4.84 -36.98
C ASP D 79 -33.35 4.64 -36.15
N SER D 80 -33.56 5.57 -35.20
CA SER D 80 -34.68 5.50 -34.26
C SER D 80 -36.00 5.31 -34.98
N GLN D 81 -36.80 4.34 -34.51
CA GLN D 81 -38.10 4.03 -35.09
C GLN D 81 -39.18 4.33 -34.07
N PRO D 82 -40.46 4.43 -34.46
CA PRO D 82 -41.51 4.72 -33.49
C PRO D 82 -41.65 3.56 -32.52
N SER D 83 -41.25 2.34 -32.96
CA SER D 83 -41.22 1.14 -32.13
C SER D 83 -40.28 1.28 -30.94
N ASP D 84 -39.20 2.06 -31.07
CA ASP D 84 -38.21 2.27 -30.01
C ASP D 84 -38.70 3.22 -28.92
N SER D 85 -39.84 3.90 -29.14
CA SER D 85 -40.41 4.73 -28.09
C SER D 85 -40.76 3.80 -26.94
N ALA D 86 -40.26 4.12 -25.74
CA ALA D 86 -40.45 3.29 -24.56
C ALA D 86 -39.67 3.85 -23.37
N THR D 87 -39.81 3.21 -22.20
CA THR D 87 -38.89 3.45 -21.10
C THR D 87 -37.74 2.45 -21.22
N TYR D 88 -36.51 2.93 -20.95
CA TYR D 88 -35.29 2.14 -21.03
C TYR D 88 -34.71 2.04 -19.63
N LEU D 89 -34.45 0.81 -19.16
CA LEU D 89 -34.05 0.54 -17.78
C LEU D 89 -32.60 0.05 -17.72
N CYS D 90 -31.82 0.74 -16.89
CA CYS D 90 -30.45 0.35 -16.60
C CYS D 90 -30.46 -0.54 -15.36
N ALA D 91 -29.81 -1.72 -15.46
CA ALA D 91 -29.67 -2.59 -14.31
C ALA D 91 -28.23 -3.03 -14.19
N VAL D 92 -27.71 -2.96 -12.97
CA VAL D 92 -26.39 -3.49 -12.66
C VAL D 92 -26.55 -4.68 -11.72
N GLY D 93 -25.58 -5.60 -11.81
CA GLY D 93 -25.37 -6.63 -10.81
C GLY D 93 -24.18 -6.26 -9.91
N ASN D 94 -24.49 -5.92 -8.64
CA ASN D 94 -23.50 -5.54 -7.65
C ASN D 94 -23.01 -6.79 -6.89
N HIS D 95 -21.72 -7.11 -7.05
CA HIS D 95 -21.17 -8.31 -6.44
C HIS D 95 -20.80 -8.06 -4.99
N ASN D 96 -20.77 -6.80 -4.56
CA ASN D 96 -20.43 -6.49 -3.18
C ASN D 96 -21.64 -6.73 -2.30
N THR D 97 -22.85 -6.53 -2.84
CA THR D 97 -24.07 -6.66 -2.05
C THR D 97 -24.91 -7.87 -2.44
N GLY D 98 -24.80 -8.29 -3.70
CA GLY D 98 -25.37 -9.55 -4.10
C GLY D 98 -26.91 -9.56 -4.18
N ASN D 99 -27.60 -8.43 -4.09
CA ASN D 99 -29.05 -8.47 -4.11
C ASN D 99 -29.61 -8.45 -5.53
N MET D 100 -29.32 -9.51 -6.28
CA MET D 100 -29.82 -9.67 -7.64
C MET D 100 -29.49 -8.42 -8.45
N LEU D 101 -30.37 -8.00 -9.37
CA LEU D 101 -30.06 -6.84 -10.21
C LEU D 101 -30.66 -5.60 -9.56
N THR D 102 -29.85 -4.54 -9.54
CA THR D 102 -30.26 -3.25 -9.03
C THR D 102 -30.58 -2.30 -10.20
N PHE D 103 -31.77 -1.69 -10.15
CA PHE D 103 -32.33 -0.97 -11.27
C PHE D 103 -32.23 0.53 -11.05
N GLY D 104 -31.89 1.25 -12.15
CA GLY D 104 -32.08 2.69 -12.20
C GLY D 104 -33.56 3.00 -12.37
N GLY D 105 -33.92 4.28 -12.29
CA GLY D 105 -35.31 4.72 -12.40
C GLY D 105 -35.87 4.70 -13.82
N GLY D 106 -35.01 4.53 -14.83
CA GLY D 106 -35.47 4.47 -16.20
C GLY D 106 -35.50 5.84 -16.88
N THR D 107 -35.35 5.80 -18.20
CA THR D 107 -35.45 6.99 -19.03
C THR D 107 -36.47 6.68 -20.12
N ARG D 108 -37.48 7.56 -20.24
CA ARG D 108 -38.42 7.42 -21.32
C ARG D 108 -37.95 8.15 -22.58
N LEU D 109 -38.03 7.45 -23.73
CA LEU D 109 -37.59 7.94 -25.01
C LEU D 109 -38.81 8.11 -25.89
N MET D 110 -39.02 9.33 -26.40
CA MET D 110 -40.08 9.58 -27.36
C MET D 110 -39.48 9.82 -28.74
N VAL D 111 -39.65 8.85 -29.65
CA VAL D 111 -39.20 9.01 -31.03
C VAL D 111 -40.26 9.79 -31.77
N LYS D 112 -39.98 11.08 -32.09
CA LYS D 112 -40.93 11.93 -32.78
C LYS D 112 -40.76 11.81 -34.29
N PRO D 113 -41.84 11.60 -35.06
CA PRO D 113 -41.78 11.51 -36.52
C PRO D 113 -41.98 12.89 -37.13
N HIS D 114 -41.45 13.08 -38.36
CA HIS D 114 -41.56 14.35 -39.07
C HIS D 114 -42.94 14.47 -39.70
N ILE D 115 -43.75 15.36 -39.15
CA ILE D 115 -45.07 15.62 -39.68
C ILE D 115 -44.88 16.31 -41.01
N GLN D 116 -45.30 15.61 -42.07
CA GLN D 116 -45.11 15.98 -43.47
C GLN D 116 -45.64 17.38 -43.74
N ASN D 117 -46.97 17.57 -43.59
CA ASN D 117 -47.68 18.77 -43.98
C ASN D 117 -48.52 19.24 -42.81
N PRO D 118 -47.92 19.98 -41.84
CA PRO D 118 -48.65 20.49 -40.67
C PRO D 118 -49.89 21.33 -40.95
N ASP D 119 -51.09 20.79 -40.62
CA ASP D 119 -52.38 21.45 -40.83
C ASP D 119 -53.13 21.60 -39.48
N PRO D 120 -52.60 22.37 -38.50
CA PRO D 120 -53.19 22.47 -37.16
C PRO D 120 -54.65 22.91 -37.18
N ALA D 121 -55.56 21.95 -36.92
CA ALA D 121 -56.99 22.16 -36.99
C ALA D 121 -57.63 21.62 -35.71
N VAL D 122 -58.49 22.43 -35.08
CA VAL D 122 -59.39 22.00 -34.03
C VAL D 122 -60.73 21.58 -34.66
N TYR D 123 -61.29 20.48 -34.16
CA TYR D 123 -62.56 19.97 -34.65
C TYR D 123 -63.52 19.81 -33.45
N GLN D 124 -64.71 19.27 -33.73
CA GLN D 124 -65.70 18.90 -32.72
C GLN D 124 -66.51 17.73 -33.31
N LEU D 125 -66.92 16.80 -32.45
CA LEU D 125 -67.42 15.50 -32.88
C LEU D 125 -68.63 15.10 -32.03
N ARG D 126 -69.79 14.90 -32.66
CA ARG D 126 -71.02 14.62 -31.93
C ARG D 126 -70.98 13.18 -31.42
N ASP D 127 -71.36 13.02 -30.13
CA ASP D 127 -71.74 11.75 -29.55
C ASP D 127 -72.56 10.95 -30.56
N SER D 128 -72.18 9.69 -30.84
CA SER D 128 -72.92 8.80 -31.72
C SER D 128 -74.25 8.30 -31.08
N LYS D 129 -74.67 8.92 -29.97
CA LYS D 129 -75.98 8.76 -29.35
C LYS D 129 -76.39 10.11 -28.76
N SER D 130 -77.13 10.91 -29.53
CA SER D 130 -77.77 12.14 -29.06
C SER D 130 -76.73 13.16 -28.55
N SER D 131 -76.73 13.41 -27.23
CA SER D 131 -76.24 14.66 -26.64
C SER D 131 -76.95 15.85 -27.33
N SER D 134 -70.35 15.55 -27.07
CA SER D 134 -69.36 16.14 -28.02
C SER D 134 -67.99 16.34 -27.36
N VAL D 135 -66.94 16.09 -28.16
CA VAL D 135 -65.55 16.09 -27.73
C VAL D 135 -64.75 16.96 -28.72
N CYS D 136 -63.68 17.61 -28.24
CA CYS D 136 -62.77 18.35 -29.12
C CYS D 136 -61.61 17.44 -29.54
N LEU D 137 -60.98 17.75 -30.69
CA LEU D 137 -59.85 17.00 -31.21
C LEU D 137 -58.90 17.94 -31.95
N PHE D 138 -57.77 18.28 -31.31
CA PHE D 138 -56.63 18.89 -31.97
C PHE D 138 -55.93 17.82 -32.82
N THR D 139 -55.70 18.06 -34.12
CA THR D 139 -55.12 17.03 -34.99
C THR D 139 -54.28 17.70 -36.08
N ASP D 140 -53.39 16.90 -36.69
CA ASP D 140 -52.58 17.30 -37.85
C ASP D 140 -51.55 18.39 -37.51
N PHE D 141 -51.31 18.72 -36.25
CA PHE D 141 -50.25 19.65 -35.90
C PHE D 141 -48.90 18.93 -36.01
N ASP D 142 -47.81 19.67 -35.78
CA ASP D 142 -46.46 19.14 -35.98
C ASP D 142 -45.89 18.66 -34.65
N SER D 143 -44.87 17.79 -34.74
CA SER D 143 -44.30 17.08 -33.60
C SER D 143 -43.56 18.03 -32.66
N GLN D 144 -43.48 19.32 -32.99
CA GLN D 144 -42.82 20.28 -32.10
C GLN D 144 -43.85 21.04 -31.28
N THR D 145 -45.14 20.99 -31.66
CA THR D 145 -46.21 21.51 -30.83
C THR D 145 -46.34 20.64 -29.58
N ASN D 146 -46.30 21.27 -28.40
CA ASN D 146 -46.60 20.60 -27.15
C ASN D 146 -47.93 21.14 -26.64
N VAL D 147 -48.83 20.20 -26.31
CA VAL D 147 -50.17 20.49 -25.87
C VAL D 147 -50.14 20.92 -24.41
N SER D 148 -50.97 21.91 -24.08
CA SER D 148 -50.97 22.56 -22.79
C SER D 148 -52.09 22.02 -21.92
N GLN D 149 -52.00 22.29 -20.60
CA GLN D 149 -52.99 21.86 -19.64
C GLN D 149 -53.99 22.99 -19.35
N SER D 153 -60.05 23.51 -14.00
CA SER D 153 -60.96 22.39 -13.66
C SER D 153 -62.07 22.23 -14.70
N ASP D 154 -62.62 21.00 -14.79
CA ASP D 154 -63.64 20.54 -15.71
C ASP D 154 -63.26 20.72 -17.18
N VAL D 155 -61.99 21.08 -17.42
CA VAL D 155 -61.44 21.20 -18.76
C VAL D 155 -60.49 20.02 -18.92
N TYR D 156 -60.95 18.93 -19.58
CA TYR D 156 -60.20 17.68 -19.65
C TYR D 156 -59.45 17.54 -20.98
N ILE D 157 -58.10 17.66 -20.91
CA ILE D 157 -57.19 17.67 -22.05
C ILE D 157 -56.27 16.45 -21.94
N THR D 158 -56.23 15.59 -22.97
CA THR D 158 -55.28 14.48 -22.95
C THR D 158 -53.87 14.94 -23.34
N ASP D 159 -52.92 14.04 -23.15
CA ASP D 159 -51.60 14.17 -23.73
C ASP D 159 -51.72 13.85 -25.23
N LYS D 160 -50.66 14.19 -25.99
CA LYS D 160 -50.69 14.04 -27.44
C LYS D 160 -50.31 12.61 -27.79
N CYS D 161 -50.74 12.12 -28.97
CA CYS D 161 -50.40 10.76 -29.34
C CYS D 161 -50.52 10.56 -30.87
N VAL D 162 -49.65 9.70 -31.41
CA VAL D 162 -49.41 9.70 -32.85
C VAL D 162 -49.92 8.41 -33.50
N LEU D 163 -50.82 8.56 -34.49
CA LEU D 163 -51.40 7.43 -35.22
C LEU D 163 -50.72 7.29 -36.57
N ASP D 164 -50.81 6.08 -37.16
CA ASP D 164 -50.10 5.73 -38.38
C ASP D 164 -51.00 4.92 -39.33
N MET D 165 -51.68 5.62 -40.24
CA MET D 165 -52.36 4.97 -41.35
C MET D 165 -51.30 4.44 -42.30
N ARG D 166 -51.07 3.12 -42.37
CA ARG D 166 -50.03 2.55 -43.23
C ARG D 166 -50.40 2.59 -44.72
N SER D 167 -51.69 2.47 -45.06
CA SER D 167 -52.13 2.48 -46.46
C SER D 167 -52.14 3.90 -47.04
N MET D 168 -51.50 4.86 -46.35
CA MET D 168 -51.27 6.19 -46.89
C MET D 168 -49.91 6.75 -46.44
N ASP D 169 -49.07 5.90 -45.86
CA ASP D 169 -47.87 6.31 -45.13
C ASP D 169 -48.09 7.63 -44.40
N PHE D 170 -49.21 7.73 -43.67
CA PHE D 170 -49.64 8.95 -43.00
C PHE D 170 -49.57 8.78 -41.48
N LYS D 171 -49.15 9.87 -40.80
CA LYS D 171 -49.03 9.93 -39.35
C LYS D 171 -49.55 11.29 -38.87
N SER D 172 -50.62 11.30 -38.09
CA SER D 172 -51.06 12.53 -37.45
C SER D 172 -50.69 12.46 -35.98
N ASN D 173 -50.37 13.63 -35.40
CA ASN D 173 -50.56 13.86 -33.99
C ASN D 173 -52.04 14.15 -33.74
N SER D 174 -52.51 13.91 -32.51
CA SER D 174 -53.91 13.99 -32.13
C SER D 174 -54.00 14.12 -30.61
N ALA D 175 -54.71 15.13 -30.08
CA ALA D 175 -54.84 15.34 -28.63
C ALA D 175 -56.26 15.78 -28.25
N VAL D 176 -57.00 14.93 -27.51
CA VAL D 176 -58.43 15.12 -27.29
C VAL D 176 -58.68 15.94 -26.02
N ALA D 177 -59.87 16.56 -26.00
CA ALA D 177 -60.38 17.26 -24.84
C ALA D 177 -61.92 17.18 -24.80
N TRP D 178 -62.49 17.29 -23.58
CA TRP D 178 -63.93 17.32 -23.37
C TRP D 178 -64.26 18.05 -22.06
N SER D 179 -65.56 18.38 -21.91
CA SER D 179 -66.12 18.80 -20.64
C SER D 179 -67.62 18.51 -20.65
N ASN D 180 -68.22 18.50 -19.45
CA ASN D 180 -69.66 18.32 -19.29
C ASN D 180 -70.36 19.65 -19.53
N LYS D 181 -69.64 20.75 -19.27
CA LYS D 181 -70.20 22.10 -19.26
C LYS D 181 -70.94 22.36 -20.57
N SER D 182 -72.00 23.17 -20.49
CA SER D 182 -72.60 23.78 -21.65
C SER D 182 -71.65 24.85 -22.18
N ASP D 183 -70.97 25.53 -21.24
CA ASP D 183 -69.93 26.52 -21.50
C ASP D 183 -68.68 25.86 -22.06
N PHE D 184 -68.79 25.31 -23.28
CA PHE D 184 -67.79 24.39 -23.83
C PHE D 184 -67.11 25.04 -25.03
N ALA D 185 -66.11 25.90 -24.78
CA ALA D 185 -65.45 26.69 -25.82
C ALA D 185 -65.08 25.82 -27.03
N CYS D 186 -64.04 24.99 -26.89
CA CYS D 186 -63.62 24.04 -27.93
C CYS D 186 -62.73 24.75 -28.95
N ALA D 187 -63.30 25.71 -29.69
CA ALA D 187 -62.57 26.42 -30.75
C ALA D 187 -61.27 27.02 -30.22
N ASN D 188 -61.26 27.50 -28.96
CA ASN D 188 -60.02 27.98 -28.34
C ASN D 188 -59.70 27.13 -27.10
N ALA D 189 -60.05 25.84 -27.15
CA ALA D 189 -59.92 24.98 -25.99
C ALA D 189 -58.45 24.78 -25.63
N PHE D 190 -57.55 24.86 -26.63
CA PHE D 190 -56.17 24.42 -26.49
C PHE D 190 -55.21 25.61 -26.37
N ASN D 191 -55.35 26.37 -25.27
CA ASN D 191 -54.51 27.52 -24.96
C ASN D 191 -53.94 27.31 -23.56
N GLY E 4 -41.52 -18.81 -20.59
CA GLY E 4 -40.59 -19.30 -19.55
C GLY E 4 -41.06 -19.02 -18.12
N VAL E 5 -41.61 -17.82 -17.87
CA VAL E 5 -41.97 -17.40 -16.52
C VAL E 5 -43.45 -17.05 -16.51
N THR E 6 -44.23 -17.86 -15.79
CA THR E 6 -45.66 -17.63 -15.68
C THR E 6 -45.98 -17.01 -14.33
N GLN E 7 -46.46 -15.79 -14.37
CA GLN E 7 -46.83 -15.03 -13.20
C GLN E 7 -48.33 -14.85 -13.29
N THR E 8 -49.04 -14.88 -12.16
CA THR E 8 -50.49 -14.69 -12.17
C THR E 8 -50.92 -13.96 -10.90
N PRO E 9 -52.04 -13.21 -10.90
CA PRO E 9 -52.81 -12.86 -12.10
C PRO E 9 -52.42 -11.51 -12.68
N LYS E 10 -52.97 -11.16 -13.86
CA LYS E 10 -52.49 -9.98 -14.58
C LYS E 10 -52.95 -8.72 -13.85
N PHE E 11 -54.23 -8.70 -13.44
CA PHE E 11 -54.78 -7.59 -12.67
C PHE E 11 -55.35 -8.10 -11.33
N GLN E 12 -55.50 -7.18 -10.37
CA GLN E 12 -56.02 -7.50 -9.05
C GLN E 12 -56.36 -6.25 -8.24
N VAL E 13 -57.61 -6.17 -7.76
CA VAL E 13 -58.02 -5.13 -6.83
C VAL E 13 -58.11 -5.79 -5.46
N LEU E 14 -57.86 -5.03 -4.39
CA LEU E 14 -57.85 -5.55 -3.03
C LEU E 14 -58.36 -4.47 -2.09
N LYS E 15 -59.05 -4.92 -1.04
CA LYS E 15 -59.54 -4.06 0.02
C LYS E 15 -58.41 -3.92 1.03
N THR E 16 -58.15 -2.67 1.52
CA THR E 16 -57.18 -2.47 2.59
C THR E 16 -57.38 -3.61 3.57
N GLY E 17 -56.30 -4.22 4.05
CA GLY E 17 -56.43 -5.25 5.05
C GLY E 17 -56.51 -6.66 4.47
N GLN E 18 -57.01 -6.81 3.24
CA GLN E 18 -57.00 -8.11 2.61
C GLN E 18 -55.59 -8.66 2.45
N SER E 19 -55.54 -9.95 2.15
CA SER E 19 -54.30 -10.64 1.85
C SER E 19 -54.50 -11.34 0.52
N MET E 20 -53.37 -11.66 -0.12
CA MET E 20 -53.36 -11.96 -1.54
C MET E 20 -52.01 -12.63 -1.82
N THR E 21 -52.02 -13.62 -2.73
CA THR E 21 -50.80 -14.32 -3.11
C THR E 21 -50.67 -14.32 -4.64
N LEU E 22 -49.65 -13.62 -5.14
CA LEU E 22 -49.30 -13.62 -6.55
C LEU E 22 -48.52 -14.89 -6.79
N GLN E 23 -48.73 -15.51 -7.96
CA GLN E 23 -48.13 -16.79 -8.27
C GLN E 23 -47.03 -16.57 -9.32
N CYS E 24 -45.95 -17.35 -9.22
CA CYS E 24 -44.94 -17.33 -10.25
C CYS E 24 -44.28 -18.70 -10.42
N ALA E 25 -44.12 -19.11 -11.69
CA ALA E 25 -43.68 -20.43 -12.06
C ALA E 25 -42.73 -20.35 -13.27
N GLN E 26 -41.71 -21.21 -13.29
CA GLN E 26 -40.67 -21.13 -14.32
C GLN E 26 -40.20 -22.51 -14.80
N ASP E 27 -40.24 -22.69 -16.13
CA ASP E 27 -39.90 -23.94 -16.77
C ASP E 27 -38.38 -24.08 -16.97
N MET E 28 -37.60 -23.01 -16.77
CA MET E 28 -36.17 -23.05 -17.05
C MET E 28 -35.38 -23.82 -15.99
N ASN E 29 -36.03 -24.09 -14.85
CA ASN E 29 -35.41 -24.85 -13.80
C ASN E 29 -34.10 -24.19 -13.37
N TYR E 30 -34.15 -22.87 -13.10
CA TYR E 30 -32.98 -22.13 -12.65
C TYR E 30 -33.05 -21.96 -11.14
N GLU E 31 -31.91 -21.77 -10.49
CA GLU E 31 -31.88 -21.65 -9.03
C GLU E 31 -32.56 -20.38 -8.50
N TYR E 32 -32.38 -19.22 -9.15
CA TYR E 32 -32.65 -17.94 -8.50
C TYR E 32 -34.00 -17.42 -8.97
N MET E 33 -34.72 -16.74 -8.08
CA MET E 33 -36.02 -16.17 -8.38
C MET E 33 -36.23 -14.95 -7.48
N SER E 34 -37.02 -13.97 -7.96
CA SER E 34 -37.05 -12.64 -7.35
C SER E 34 -38.45 -12.05 -7.55
N TRP E 35 -38.79 -11.09 -6.69
CA TRP E 35 -39.99 -10.28 -6.83
C TRP E 35 -39.57 -8.82 -6.75
N TYR E 36 -39.88 -8.09 -7.83
CA TYR E 36 -39.69 -6.65 -7.86
C TYR E 36 -41.04 -5.98 -7.92
N ARG E 37 -41.13 -4.77 -7.35
CA ARG E 37 -42.28 -3.92 -7.57
C ARG E 37 -41.83 -2.66 -8.30
N GLN E 38 -42.75 -2.00 -8.98
CA GLN E 38 -42.39 -0.87 -9.81
C GLN E 38 -43.53 0.13 -9.69
N ASP E 39 -43.26 1.30 -9.11
CA ASP E 39 -44.30 2.32 -9.04
C ASP E 39 -44.14 3.27 -10.22
N PRO E 40 -45.24 3.88 -10.72
CA PRO E 40 -45.22 4.57 -12.01
C PRO E 40 -44.19 5.69 -12.02
N GLY E 41 -43.34 5.68 -13.07
CA GLY E 41 -42.29 6.67 -13.25
C GLY E 41 -40.95 6.28 -12.63
N MET E 42 -40.93 5.19 -11.84
CA MET E 42 -39.80 4.77 -11.02
C MET E 42 -39.21 3.48 -11.61
N GLY E 43 -38.07 3.07 -11.05
CA GLY E 43 -37.48 1.80 -11.43
C GLY E 43 -38.18 0.66 -10.69
N LEU E 44 -37.81 -0.56 -11.06
CA LEU E 44 -38.10 -1.72 -10.24
C LEU E 44 -37.31 -1.63 -8.93
N ARG E 45 -37.92 -2.01 -7.81
CA ARG E 45 -37.24 -2.24 -6.55
C ARG E 45 -37.43 -3.71 -6.14
N LEU E 46 -36.37 -4.32 -5.61
CA LEU E 46 -36.40 -5.72 -5.20
C LEU E 46 -37.13 -5.84 -3.84
N ILE E 47 -38.17 -6.70 -3.81
CA ILE E 47 -38.88 -7.02 -2.59
C ILE E 47 -38.16 -8.14 -1.85
N HIS E 48 -38.12 -9.36 -2.46
CA HIS E 48 -37.50 -10.56 -1.90
C HIS E 48 -36.97 -11.44 -3.03
N TYR E 49 -36.01 -12.30 -2.71
CA TYR E 49 -35.52 -13.27 -3.67
C TYR E 49 -35.19 -14.60 -3.02
N SER E 50 -34.95 -15.61 -3.87
CA SER E 50 -34.67 -16.95 -3.39
C SER E 50 -33.53 -17.55 -4.20
N VAL E 51 -32.46 -17.89 -3.48
CA VAL E 51 -31.25 -18.35 -4.13
C VAL E 51 -31.44 -19.78 -4.64
N SER E 52 -32.07 -20.64 -3.85
CA SER E 52 -32.61 -21.88 -4.39
C SER E 52 -33.73 -22.42 -3.49
N ALA E 53 -34.28 -23.56 -3.94
CA ALA E 53 -35.32 -24.30 -3.24
C ALA E 53 -34.88 -24.38 -1.77
N GLY E 54 -35.78 -23.89 -0.89
CA GLY E 54 -35.53 -23.97 0.53
C GLY E 54 -34.85 -22.72 1.09
N LEU E 55 -34.53 -21.73 0.26
CA LEU E 55 -33.92 -20.53 0.77
C LEU E 55 -34.65 -19.27 0.30
N THR E 56 -34.53 -18.22 1.11
CA THR E 56 -35.00 -16.90 0.74
C THR E 56 -34.08 -15.85 1.37
N ASP E 57 -34.10 -14.66 0.77
CA ASP E 57 -33.46 -13.47 1.30
C ASP E 57 -34.34 -12.25 1.07
N GLN E 58 -34.09 -11.23 1.88
CA GLN E 58 -34.78 -9.96 1.76
C GLN E 58 -34.15 -9.12 0.65
N GLY E 59 -34.94 -8.26 0.04
CA GLY E 59 -34.42 -7.25 -0.86
C GLY E 59 -34.60 -5.87 -0.25
N GLU E 60 -34.71 -4.86 -1.11
CA GLU E 60 -34.62 -3.48 -0.70
C GLU E 60 -35.85 -3.08 0.10
N VAL E 61 -37.02 -3.61 -0.28
CA VAL E 61 -38.29 -3.19 0.27
C VAL E 61 -39.09 -4.44 0.59
N PRO E 62 -38.70 -5.17 1.67
CA PRO E 62 -39.35 -6.44 2.00
C PRO E 62 -40.68 -6.26 2.72
N ASN E 63 -40.85 -5.09 3.38
CA ASN E 63 -41.87 -4.86 4.38
C ASN E 63 -43.28 -4.91 3.78
N GLY E 64 -44.05 -5.91 4.23
CA GLY E 64 -45.45 -6.10 3.87
C GLY E 64 -45.63 -7.43 3.16
N TYR E 65 -44.50 -8.11 2.92
CA TYR E 65 -44.49 -9.15 1.92
C TYR E 65 -43.80 -10.38 2.50
N ASN E 66 -44.31 -11.55 2.15
CA ASN E 66 -43.68 -12.80 2.53
C ASN E 66 -43.51 -13.68 1.30
N VAL E 67 -42.43 -14.45 1.29
CA VAL E 67 -42.16 -15.33 0.17
C VAL E 67 -41.79 -16.70 0.74
N SER E 68 -41.91 -17.70 -0.13
CA SER E 68 -41.60 -19.06 0.22
C SER E 68 -41.10 -19.76 -1.04
N ARG E 69 -40.09 -20.63 -0.89
CA ARG E 69 -39.53 -21.37 -2.01
C ARG E 69 -39.47 -22.86 -1.69
N SER E 70 -40.58 -23.56 -1.92
CA SER E 70 -40.65 -24.99 -1.70
C SER E 70 -40.00 -25.72 -2.86
N THR E 71 -40.51 -25.43 -4.04
CA THR E 71 -40.02 -26.02 -5.27
C THR E 71 -39.05 -25.06 -5.95
N THR E 72 -38.31 -25.61 -6.90
CA THR E 72 -37.51 -24.81 -7.80
C THR E 72 -38.45 -23.99 -8.68
N GLU E 73 -39.56 -24.59 -9.08
CA GLU E 73 -40.36 -24.12 -10.20
C GLU E 73 -41.13 -22.85 -9.80
N ASP E 74 -41.52 -22.72 -8.52
CA ASP E 74 -42.52 -21.74 -8.12
C ASP E 74 -42.00 -20.88 -6.98
N PHE E 75 -42.51 -19.66 -6.88
CA PHE E 75 -42.00 -18.69 -5.93
C PHE E 75 -43.09 -17.66 -5.70
N PRO E 76 -44.11 -17.97 -4.89
CA PRO E 76 -45.23 -17.06 -4.69
C PRO E 76 -44.87 -15.94 -3.71
N LEU E 77 -45.48 -14.79 -3.97
CA LEU E 77 -45.33 -13.61 -3.17
C LEU E 77 -46.69 -13.41 -2.51
N ARG E 78 -46.63 -13.09 -1.22
CA ARG E 78 -47.78 -13.07 -0.35
C ARG E 78 -47.86 -11.68 0.27
N LEU E 79 -48.96 -10.98 0.00
CA LEU E 79 -49.28 -9.76 0.73
C LEU E 79 -50.04 -10.14 1.99
N LEU E 80 -49.57 -9.61 3.11
CA LEU E 80 -50.10 -9.97 4.42
C LEU E 80 -51.41 -9.21 4.64
N SER E 81 -51.27 -7.90 4.77
CA SER E 81 -52.37 -7.00 5.03
C SER E 81 -52.18 -5.81 4.09
N ALA E 82 -52.99 -5.79 3.01
CA ALA E 82 -52.85 -4.83 1.93
C ALA E 82 -52.99 -3.39 2.44
N ALA E 83 -52.13 -2.49 1.91
CA ALA E 83 -52.28 -1.07 2.10
C ALA E 83 -52.24 -0.36 0.75
N PRO E 84 -52.80 0.87 0.65
CA PRO E 84 -52.68 1.66 -0.58
C PRO E 84 -51.25 1.78 -1.08
N SER E 85 -50.28 1.86 -0.18
CA SER E 85 -48.90 1.97 -0.61
C SER E 85 -48.49 0.78 -1.46
N GLN E 86 -49.14 -0.37 -1.31
CA GLN E 86 -48.76 -1.58 -2.05
C GLN E 86 -49.49 -1.67 -3.41
N THR E 87 -50.29 -0.64 -3.73
CA THR E 87 -50.70 -0.37 -5.08
C THR E 87 -49.47 -0.12 -5.94
N SER E 88 -49.23 -0.98 -6.93
CA SER E 88 -47.97 -1.05 -7.64
C SER E 88 -48.06 -2.17 -8.70
N VAL E 89 -47.02 -2.28 -9.53
CA VAL E 89 -46.93 -3.37 -10.48
C VAL E 89 -45.79 -4.30 -10.04
N TYR E 90 -46.09 -5.60 -10.04
CA TYR E 90 -45.21 -6.57 -9.44
C TYR E 90 -44.68 -7.43 -10.57
N PHE E 91 -43.36 -7.61 -10.65
CA PHE E 91 -42.76 -8.52 -11.60
C PHE E 91 -41.94 -9.59 -10.88
N CYS E 92 -42.18 -10.80 -11.33
CA CYS E 92 -41.46 -11.96 -10.88
C CYS E 92 -40.30 -12.12 -11.83
N ALA E 93 -39.15 -12.65 -11.41
CA ALA E 93 -38.15 -13.04 -12.39
C ALA E 93 -37.44 -14.33 -12.00
N SER E 94 -36.88 -15.01 -13.01
CA SER E 94 -35.97 -16.12 -12.86
C SER E 94 -34.58 -15.77 -13.38
N HIS E 95 -33.53 -16.31 -12.76
CA HIS E 95 -32.14 -16.01 -13.09
C HIS E 95 -31.24 -17.25 -12.92
N ARG E 96 -30.30 -17.50 -13.84
CA ARG E 96 -29.37 -18.61 -13.76
C ARG E 96 -28.31 -18.42 -12.69
N ASN E 97 -27.75 -17.21 -12.59
CA ASN E 97 -26.77 -16.87 -11.58
C ASN E 97 -27.35 -15.66 -10.86
N ARG E 98 -26.78 -15.33 -9.70
CA ARG E 98 -27.25 -14.20 -8.92
C ARG E 98 -27.17 -12.91 -9.74
N LEU E 99 -26.04 -12.71 -10.44
CA LEU E 99 -25.80 -11.44 -11.11
C LEU E 99 -25.87 -11.52 -12.64
N THR E 100 -26.64 -12.46 -13.20
CA THR E 100 -26.84 -12.45 -14.64
C THR E 100 -28.30 -12.04 -14.95
N GLU E 101 -28.71 -12.32 -16.21
CA GLU E 101 -29.92 -11.86 -16.85
C GLU E 101 -31.14 -12.23 -16.00
N ALA E 102 -31.93 -11.22 -15.63
CA ALA E 102 -33.24 -11.42 -15.06
C ALA E 102 -34.25 -11.62 -16.20
N PHE E 103 -34.96 -12.77 -16.18
CA PHE E 103 -36.07 -13.02 -17.06
C PHE E 103 -37.38 -12.82 -16.30
N PHE E 104 -38.12 -11.78 -16.68
CA PHE E 104 -39.30 -11.36 -15.94
C PHE E 104 -40.57 -12.04 -16.45
N GLY E 105 -41.63 -11.96 -15.64
CA GLY E 105 -42.95 -12.40 -16.04
C GLY E 105 -43.73 -11.21 -16.60
N GLN E 106 -45.01 -11.45 -16.92
CA GLN E 106 -45.87 -10.51 -17.63
C GLN E 106 -46.26 -9.38 -16.68
N GLY E 107 -46.18 -9.67 -15.38
CA GLY E 107 -46.44 -8.63 -14.39
C GLY E 107 -47.85 -8.70 -13.83
N THR E 108 -47.99 -8.23 -12.60
CA THR E 108 -49.27 -8.12 -11.94
C THR E 108 -49.46 -6.67 -11.55
N ARG E 109 -50.55 -6.10 -12.06
CA ARG E 109 -50.93 -4.74 -11.73
C ARG E 109 -51.99 -4.83 -10.64
N LEU E 110 -51.73 -4.19 -9.49
CA LEU E 110 -52.49 -4.45 -8.28
C LEU E 110 -52.80 -3.16 -7.53
N THR E 111 -54.09 -2.82 -7.48
CA THR E 111 -54.54 -1.65 -6.74
C THR E 111 -55.26 -2.05 -5.45
N VAL E 112 -54.81 -1.48 -4.32
CA VAL E 112 -55.44 -1.70 -3.04
C VAL E 112 -56.21 -0.44 -2.68
N VAL E 113 -57.48 -0.61 -2.25
CA VAL E 113 -58.43 0.48 -2.08
C VAL E 113 -59.09 0.35 -0.69
N GLU E 114 -59.50 1.49 -0.10
CA GLU E 114 -60.08 1.52 1.24
C GLU E 114 -61.32 0.64 1.25
N ASP E 115 -62.20 0.86 0.27
CA ASP E 115 -63.51 0.26 0.27
C ASP E 115 -63.92 -0.13 -1.14
N LEU E 116 -64.51 -1.33 -1.33
CA LEU E 116 -64.86 -1.81 -2.66
C LEU E 116 -66.04 -1.03 -3.27
N LYS E 117 -66.63 -0.10 -2.53
CA LYS E 117 -67.68 0.77 -3.04
C LYS E 117 -67.13 1.66 -4.16
N ASN E 118 -65.80 1.90 -4.13
CA ASN E 118 -65.14 2.87 -5.00
C ASN E 118 -64.81 2.27 -6.37
N VAL E 119 -65.16 1.00 -6.62
CA VAL E 119 -64.86 0.44 -7.93
C VAL E 119 -66.09 0.63 -8.81
N PHE E 120 -65.81 1.06 -10.05
CA PHE E 120 -66.80 1.23 -11.10
C PHE E 120 -66.20 0.67 -12.39
N PRO E 121 -67.02 0.17 -13.35
CA PRO E 121 -66.55 -0.13 -14.70
C PRO E 121 -66.49 1.16 -15.52
N PRO E 122 -66.16 1.09 -16.82
CA PRO E 122 -66.08 2.29 -17.64
C PRO E 122 -67.36 2.53 -18.44
N GLU E 123 -67.68 3.81 -18.62
CA GLU E 123 -68.77 4.20 -19.50
C GLU E 123 -68.16 4.63 -20.82
N VAL E 124 -68.42 3.84 -21.87
CA VAL E 124 -67.78 3.98 -23.16
C VAL E 124 -68.71 4.72 -24.13
N ALA E 125 -68.12 5.53 -25.00
CA ALA E 125 -68.87 6.33 -25.96
C ALA E 125 -68.02 6.60 -27.21
N VAL E 126 -68.39 5.99 -28.35
CA VAL E 126 -67.81 6.36 -29.63
C VAL E 126 -68.33 7.74 -30.07
N PHE E 127 -67.42 8.62 -30.49
CA PHE E 127 -67.79 9.89 -31.09
C PHE E 127 -67.58 9.84 -32.61
N GLU E 128 -68.39 10.63 -33.33
CA GLU E 128 -68.47 10.54 -34.78
C GLU E 128 -67.63 11.68 -35.40
N PRO E 129 -66.93 11.42 -36.54
CA PRO E 129 -66.08 12.41 -37.22
C PRO E 129 -66.64 13.82 -37.43
N SER E 130 -65.84 14.84 -37.14
CA SER E 130 -66.19 16.21 -37.52
C SER E 130 -66.47 16.27 -39.03
N GLU E 131 -67.51 17.02 -39.43
CA GLU E 131 -67.77 17.30 -40.85
C GLU E 131 -66.69 18.23 -41.39
N ALA E 132 -66.22 19.17 -40.56
CA ALA E 132 -65.11 20.06 -40.91
C ALA E 132 -63.90 19.24 -41.39
N GLU E 133 -63.46 18.29 -40.57
CA GLU E 133 -62.31 17.44 -40.87
C GLU E 133 -62.57 16.49 -42.05
N ILE E 134 -63.83 16.22 -42.41
CA ILE E 134 -64.15 15.32 -43.53
C ILE E 134 -63.86 15.99 -44.88
N SER E 135 -64.02 17.32 -44.98
CA SER E 135 -63.78 18.03 -46.23
C SER E 135 -62.34 18.54 -46.28
N HIS E 136 -61.84 19.09 -45.15
CA HIS E 136 -60.53 19.73 -45.03
C HIS E 136 -59.36 18.77 -45.25
N THR E 137 -59.64 17.45 -45.25
CA THR E 137 -58.64 16.40 -45.21
C THR E 137 -59.08 15.12 -45.95
N GLN E 138 -60.40 14.91 -46.15
CA GLN E 138 -60.96 13.65 -46.63
C GLN E 138 -60.37 12.47 -45.83
N LYS E 139 -60.46 12.64 -44.50
CA LYS E 139 -60.01 11.70 -43.49
C LYS E 139 -60.84 11.94 -42.23
N ALA E 140 -61.28 10.85 -41.61
CA ALA E 140 -62.25 10.89 -40.52
C ALA E 140 -61.66 10.26 -39.26
N THR E 141 -61.53 11.05 -38.18
CA THR E 141 -61.16 10.55 -36.86
C THR E 141 -62.39 10.18 -36.04
N LEU E 142 -62.59 8.87 -35.81
CA LEU E 142 -63.42 8.36 -34.71
C LEU E 142 -62.65 8.52 -33.40
N VAL E 143 -63.30 9.10 -32.38
CA VAL E 143 -62.74 9.20 -31.03
C VAL E 143 -63.49 8.16 -30.18
N CYS E 144 -62.80 7.57 -29.20
CA CYS E 144 -63.43 6.77 -28.16
C CYS E 144 -63.09 7.37 -26.79
N LEU E 145 -64.07 7.35 -25.88
CA LEU E 145 -63.86 7.88 -24.55
C LEU E 145 -64.52 6.93 -23.55
N ALA E 146 -63.69 6.33 -22.67
CA ALA E 146 -64.14 5.49 -21.55
C ALA E 146 -64.03 6.29 -20.25
N THR E 147 -65.16 6.42 -19.53
CA THR E 147 -65.31 7.32 -18.39
C THR E 147 -65.55 6.54 -17.10
N GLY E 148 -65.20 7.21 -15.99
CA GLY E 148 -65.63 6.88 -14.65
C GLY E 148 -65.34 5.43 -14.26
N PHE E 149 -64.09 5.01 -14.40
CA PHE E 149 -63.68 3.67 -14.00
C PHE E 149 -62.66 3.76 -12.87
N TYR E 150 -62.58 2.65 -12.12
CA TYR E 150 -61.63 2.48 -11.03
C TYR E 150 -61.67 1.03 -10.55
N PRO E 151 -60.54 0.29 -10.45
CA PRO E 151 -59.19 0.83 -10.57
C PRO E 151 -58.77 1.02 -12.02
N ASP E 152 -57.60 1.63 -12.23
CA ASP E 152 -57.06 1.87 -13.56
C ASP E 152 -56.62 0.58 -14.24
N HIS E 153 -57.53 -0.38 -14.45
CA HIS E 153 -57.24 -1.69 -15.01
C HIS E 153 -58.10 -1.91 -16.25
N VAL E 154 -57.64 -1.42 -17.41
CA VAL E 154 -58.43 -1.42 -18.65
C VAL E 154 -57.55 -1.75 -19.86
N GLU E 155 -58.15 -2.32 -20.93
CA GLU E 155 -57.47 -2.51 -22.22
C GLU E 155 -58.43 -2.21 -23.39
N LEU E 156 -58.19 -1.07 -24.06
CA LEU E 156 -59.06 -0.51 -25.08
C LEU E 156 -58.63 -1.05 -26.45
N SER E 157 -59.57 -1.61 -27.22
CA SER E 157 -59.33 -2.05 -28.59
C SER E 157 -60.36 -1.44 -29.55
N TRP E 158 -59.97 -1.29 -30.83
CA TRP E 158 -60.90 -0.95 -31.91
C TRP E 158 -61.14 -2.22 -32.73
N TRP E 159 -62.44 -2.47 -33.01
CA TRP E 159 -62.84 -3.55 -33.90
C TRP E 159 -63.65 -2.94 -35.07
N VAL E 160 -63.25 -3.32 -36.28
CA VAL E 160 -63.86 -2.82 -37.51
C VAL E 160 -64.51 -4.01 -38.22
N ASN E 161 -65.85 -4.01 -38.20
CA ASN E 161 -66.63 -5.11 -38.69
C ASN E 161 -66.26 -6.35 -37.88
N GLY E 162 -66.42 -6.25 -36.54
CA GLY E 162 -66.10 -7.32 -35.61
C GLY E 162 -64.73 -7.96 -35.84
N LYS E 163 -63.74 -7.15 -36.23
CA LYS E 163 -62.37 -7.60 -36.45
C LYS E 163 -61.41 -6.53 -35.88
N GLU E 164 -60.39 -6.96 -35.13
CA GLU E 164 -59.58 -6.03 -34.35
C GLU E 164 -58.54 -5.38 -35.26
N VAL E 165 -58.49 -4.04 -35.24
CA VAL E 165 -57.57 -3.28 -36.07
C VAL E 165 -56.45 -2.72 -35.18
N HIS E 166 -55.31 -2.41 -35.81
CA HIS E 166 -54.20 -1.72 -35.17
C HIS E 166 -53.83 -0.44 -35.95
N SER E 167 -53.70 -0.57 -37.28
CA SER E 167 -53.42 0.56 -38.16
C SER E 167 -54.41 1.69 -37.88
N GLY E 168 -53.89 2.93 -37.86
CA GLY E 168 -54.68 4.14 -37.66
C GLY E 168 -55.02 4.42 -36.20
N VAL E 169 -54.52 3.60 -35.26
CA VAL E 169 -55.00 3.64 -33.88
C VAL E 169 -53.99 4.34 -32.97
N CYS E 170 -54.51 4.97 -31.91
CA CYS E 170 -53.67 5.67 -30.97
C CYS E 170 -54.39 5.93 -29.64
N THR E 171 -54.20 5.03 -28.66
CA THR E 171 -54.82 5.17 -27.35
C THR E 171 -53.97 6.13 -26.52
N ASP E 172 -54.57 6.76 -25.51
CA ASP E 172 -53.76 7.47 -24.54
C ASP E 172 -52.84 6.48 -23.83
N PRO E 173 -51.66 6.94 -23.33
CA PRO E 173 -50.73 6.05 -22.65
C PRO E 173 -51.16 5.80 -21.20
N GLN E 174 -51.35 6.88 -20.44
CA GLN E 174 -51.96 6.80 -19.13
C GLN E 174 -53.36 7.40 -19.21
N PRO E 175 -54.26 7.07 -18.25
CA PRO E 175 -55.54 7.78 -18.13
C PRO E 175 -55.52 9.12 -17.39
N LEU E 176 -56.64 9.87 -17.44
CA LEU E 176 -56.80 11.14 -16.75
C LEU E 176 -57.66 10.94 -15.49
N LYS E 177 -57.18 11.47 -14.37
CA LYS E 177 -57.95 11.47 -13.12
C LYS E 177 -59.08 12.48 -13.27
N GLU E 178 -60.32 11.99 -13.24
CA GLU E 178 -61.48 12.86 -13.31
C GLU E 178 -61.33 13.91 -12.21
N GLN E 179 -61.03 13.47 -10.98
CA GLN E 179 -60.77 14.39 -9.88
C GLN E 179 -59.30 14.29 -9.44
N PRO E 180 -58.39 15.17 -9.93
CA PRO E 180 -56.98 15.09 -9.57
C PRO E 180 -56.66 15.20 -8.08
N ALA E 181 -57.57 15.83 -7.31
CA ALA E 181 -57.38 15.96 -5.87
C ALA E 181 -57.42 14.59 -5.19
N LEU E 182 -58.56 13.87 -5.31
CA LEU E 182 -58.77 12.63 -4.58
C LEU E 182 -57.76 11.56 -5.01
N ASN E 183 -57.15 10.93 -3.99
CA ASN E 183 -56.34 9.71 -4.10
C ASN E 183 -57.17 8.59 -4.72
N ASP E 184 -58.46 8.54 -4.33
CA ASP E 184 -59.41 7.62 -4.90
C ASP E 184 -60.30 8.40 -5.85
N SER E 185 -59.69 8.86 -6.95
CA SER E 185 -60.42 9.37 -8.10
C SER E 185 -60.62 8.26 -9.13
N ARG E 186 -61.64 8.46 -9.99
CA ARG E 186 -61.92 7.57 -11.09
C ARG E 186 -61.27 8.16 -12.34
N TYR E 187 -61.28 7.39 -13.45
CA TYR E 187 -60.36 7.60 -14.55
C TYR E 187 -61.11 7.77 -15.88
N ALA E 188 -60.45 8.46 -16.82
CA ALA E 188 -60.90 8.61 -18.20
C ALA E 188 -59.80 8.16 -19.11
N LEU E 189 -60.13 7.69 -20.33
CA LEU E 189 -59.11 7.25 -21.28
C LEU E 189 -59.63 7.38 -22.70
N SER E 190 -58.95 8.21 -23.51
CA SER E 190 -59.33 8.50 -24.90
C SER E 190 -58.52 7.64 -25.88
N SER E 191 -58.96 7.60 -27.13
CA SER E 191 -58.33 6.78 -28.16
C SER E 191 -58.84 7.20 -29.53
N ARG E 192 -57.99 7.12 -30.58
CA ARG E 192 -58.36 7.55 -31.92
C ARG E 192 -58.15 6.41 -32.89
N LEU E 193 -59.18 6.18 -33.72
CA LEU E 193 -59.09 5.39 -34.93
C LEU E 193 -59.38 6.33 -36.08
N ARG E 194 -58.43 6.48 -37.00
CA ARG E 194 -58.62 7.39 -38.12
C ARG E 194 -58.65 6.54 -39.39
N VAL E 195 -59.66 6.81 -40.23
CA VAL E 195 -59.74 6.15 -41.52
C VAL E 195 -60.35 7.14 -42.53
N SER E 196 -59.98 6.92 -43.80
CA SER E 196 -60.38 7.71 -44.95
C SER E 196 -61.86 8.01 -44.89
N ALA E 197 -62.24 9.20 -45.37
CA ALA E 197 -63.63 9.62 -45.43
C ALA E 197 -64.47 8.65 -46.26
N THR E 198 -63.83 7.87 -47.18
CA THR E 198 -64.52 6.88 -48.03
C THR E 198 -64.91 5.63 -47.22
N PHE E 199 -64.06 5.20 -46.28
CA PHE E 199 -64.31 4.01 -45.45
C PHE E 199 -65.29 4.33 -44.32
N TRP E 200 -65.40 5.62 -43.95
CA TRP E 200 -66.36 6.12 -42.96
C TRP E 200 -67.79 6.16 -43.51
N GLN E 201 -67.95 6.41 -44.82
CA GLN E 201 -69.25 6.79 -45.36
C GLN E 201 -69.92 5.62 -46.10
N ASP E 202 -69.18 4.53 -46.41
CA ASP E 202 -69.76 3.22 -46.71
C ASP E 202 -70.68 2.78 -45.57
N PRO E 203 -72.03 2.77 -45.73
CA PRO E 203 -72.92 2.56 -44.59
C PRO E 203 -72.99 1.12 -44.07
N ARG E 204 -72.39 0.17 -44.80
CA ARG E 204 -72.30 -1.23 -44.39
C ARG E 204 -70.97 -1.47 -43.66
N ASN E 205 -70.44 -0.44 -42.96
CA ASN E 205 -69.26 -0.54 -42.11
C ASN E 205 -69.58 -0.18 -40.65
N HIS E 206 -69.06 -1.05 -39.74
CA HIS E 206 -69.34 -1.02 -38.31
C HIS E 206 -68.03 -0.84 -37.55
N PHE E 207 -67.96 0.22 -36.74
CA PHE E 207 -66.79 0.58 -35.95
C PHE E 207 -67.11 0.41 -34.47
N ARG E 208 -66.34 -0.41 -33.73
CA ARG E 208 -66.61 -0.64 -32.32
C ARG E 208 -65.39 -0.38 -31.45
N CYS E 209 -65.63 0.33 -30.35
CA CYS E 209 -64.60 0.63 -29.36
C CYS E 209 -64.79 -0.21 -28.09
N GLN E 210 -64.04 -1.33 -28.00
CA GLN E 210 -64.06 -2.25 -26.87
C GLN E 210 -63.11 -1.82 -25.76
N VAL E 211 -63.52 -2.00 -24.48
CA VAL E 211 -62.74 -1.63 -23.30
C VAL E 211 -62.89 -2.73 -22.25
N GLN E 212 -61.96 -3.70 -22.24
CA GLN E 212 -61.87 -4.71 -21.21
C GLN E 212 -61.60 -4.08 -19.83
N PHE E 213 -62.42 -4.40 -18.81
CA PHE E 213 -62.25 -3.91 -17.44
C PHE E 213 -62.04 -5.07 -16.45
N TYR E 214 -61.21 -4.83 -15.41
CA TYR E 214 -60.90 -5.81 -14.37
C TYR E 214 -61.27 -5.24 -13.00
N GLY E 215 -62.26 -5.87 -12.37
CA GLY E 215 -62.75 -5.45 -11.06
C GLY E 215 -62.92 -6.68 -10.19
N LEU E 216 -64.16 -6.91 -9.71
CA LEU E 216 -64.47 -7.92 -8.70
C LEU E 216 -64.69 -9.27 -9.39
N SER E 217 -64.57 -10.36 -8.62
CA SER E 217 -64.91 -11.71 -9.05
C SER E 217 -66.32 -12.05 -8.60
N GLU E 218 -66.80 -13.21 -9.06
CA GLU E 218 -68.12 -13.71 -8.71
C GLU E 218 -68.22 -13.87 -7.20
N ASN E 219 -67.17 -14.44 -6.58
CA ASN E 219 -67.20 -14.76 -5.16
C ASN E 219 -66.84 -13.52 -4.30
N ASP E 220 -66.59 -12.33 -4.86
CA ASP E 220 -66.65 -11.10 -4.06
C ASP E 220 -68.10 -10.85 -3.62
N GLU E 221 -68.31 -10.05 -2.57
CA GLU E 221 -69.66 -9.81 -2.06
C GLU E 221 -70.03 -8.34 -2.23
N TRP E 222 -71.17 -8.09 -2.89
CA TRP E 222 -71.58 -6.74 -3.22
C TRP E 222 -72.89 -6.37 -2.50
N THR E 223 -72.88 -5.19 -1.87
CA THR E 223 -73.96 -4.70 -1.04
C THR E 223 -74.21 -3.22 -1.36
N GLN E 224 -74.61 -2.92 -2.60
CA GLN E 224 -75.05 -1.60 -3.01
C GLN E 224 -75.96 -1.73 -4.23
N ASP E 225 -76.62 -0.63 -4.62
CA ASP E 225 -77.69 -0.63 -5.62
C ASP E 225 -77.15 -0.80 -7.05
N ARG E 226 -75.95 -0.29 -7.32
CA ARG E 226 -75.33 -0.42 -8.64
C ARG E 226 -75.21 -1.90 -9.01
N ALA E 227 -74.94 -2.20 -10.31
CA ALA E 227 -74.64 -3.54 -10.77
C ALA E 227 -73.18 -3.87 -10.39
N LYS E 228 -72.89 -5.13 -10.06
CA LYS E 228 -71.68 -5.45 -9.30
C LYS E 228 -70.47 -5.30 -10.21
N PRO E 229 -69.48 -4.43 -9.88
CA PRO E 229 -68.37 -4.13 -10.80
C PRO E 229 -67.47 -5.35 -10.98
N VAL E 230 -67.97 -6.33 -11.74
CA VAL E 230 -67.21 -7.51 -12.10
C VAL E 230 -66.37 -7.17 -13.32
N THR E 231 -65.39 -8.03 -13.62
CA THR E 231 -64.72 -8.06 -14.91
C THR E 231 -65.73 -8.24 -16.04
N GLN E 232 -65.43 -7.69 -17.22
CA GLN E 232 -66.39 -7.49 -18.29
C GLN E 232 -65.79 -6.62 -19.38
N ILE E 233 -66.38 -6.69 -20.57
CA ILE E 233 -66.14 -5.67 -21.59
C ILE E 233 -67.25 -4.63 -21.51
N VAL E 234 -67.01 -3.47 -22.14
CA VAL E 234 -68.02 -2.44 -22.35
C VAL E 234 -67.70 -1.78 -23.69
N SER E 235 -68.65 -1.84 -24.63
CA SER E 235 -68.40 -1.41 -26.00
C SER E 235 -69.25 -0.18 -26.30
N ALA E 236 -69.00 0.37 -27.49
CA ALA E 236 -69.80 1.42 -28.07
C ALA E 236 -69.52 1.40 -29.57
N GLU E 237 -70.44 1.94 -30.38
CA GLU E 237 -70.26 1.90 -31.82
C GLU E 237 -70.92 3.07 -32.51
N ALA E 238 -70.48 3.25 -33.76
CA ALA E 238 -71.27 3.89 -34.80
C ALA E 238 -71.25 2.99 -36.03
N TRP E 239 -72.18 3.25 -36.96
CA TRP E 239 -72.07 2.72 -38.30
C TRP E 239 -71.50 3.81 -39.22
N GLY E 240 -71.09 3.35 -40.42
CA GLY E 240 -70.76 4.23 -41.54
C GLY E 240 -71.99 4.88 -42.16
N ARG E 241 -71.81 6.08 -42.73
CA ARG E 241 -72.91 6.98 -43.08
C ARG E 241 -72.69 7.59 -44.47
N ALA E 242 -73.64 7.37 -45.40
CA ALA E 242 -73.65 7.97 -46.74
C ALA E 242 -73.36 9.47 -46.66
N ASP E 243 -73.91 10.13 -45.62
CA ASP E 243 -73.37 11.36 -45.04
C ASP E 243 -74.33 11.89 -43.94
N GLY F 1 13.52 -8.55 -8.86
CA GLY F 1 15.00 -8.66 -8.97
C GLY F 1 15.69 -7.36 -8.57
N SER F 2 16.94 -7.17 -9.03
CA SER F 2 17.76 -6.01 -8.73
C SER F 2 17.04 -4.69 -9.05
N HIS F 3 16.67 -3.97 -7.99
CA HIS F 3 16.33 -2.57 -8.00
C HIS F 3 17.38 -1.76 -7.25
N SER F 4 17.44 -0.46 -7.51
CA SER F 4 18.53 0.37 -6.99
C SER F 4 18.03 1.76 -6.61
N LEU F 5 18.65 2.34 -5.55
CA LEU F 5 18.40 3.71 -5.18
C LEU F 5 19.70 4.50 -5.22
N LYS F 6 19.83 5.36 -6.25
CA LYS F 6 21.05 6.05 -6.61
C LYS F 6 20.88 7.56 -6.51
N TYR F 7 21.85 8.25 -5.91
CA TYR F 7 21.90 9.69 -6.05
C TYR F 7 23.14 10.12 -6.83
N PHE F 8 23.03 11.23 -7.58
CA PHE F 8 24.19 11.81 -8.26
C PHE F 8 24.34 13.28 -7.91
N HIS F 9 25.53 13.58 -7.34
CA HIS F 9 25.78 14.90 -6.79
C HIS F 9 26.83 15.65 -7.61
N THR F 10 26.49 16.88 -8.00
CA THR F 10 27.43 17.70 -8.75
C THR F 10 27.58 19.07 -8.09
N SER F 11 28.84 19.38 -7.74
CA SER F 11 29.19 20.68 -7.21
C SER F 11 30.27 21.31 -8.11
N VAL F 12 29.98 22.50 -8.63
CA VAL F 12 30.88 23.22 -9.54
C VAL F 12 31.14 24.63 -8.99
N SER F 13 32.44 24.96 -8.86
CA SER F 13 32.86 26.26 -8.33
C SER F 13 32.71 27.33 -9.40
N ARG F 14 32.28 28.50 -8.93
CA ARG F 14 32.03 29.66 -9.76
C ARG F 14 32.84 30.83 -9.19
N PRO F 15 34.16 30.92 -9.44
CA PRO F 15 34.97 31.96 -8.79
C PRO F 15 34.37 33.36 -8.99
N GLY F 16 34.30 34.14 -7.89
CA GLY F 16 33.57 35.40 -7.79
C GLY F 16 32.27 35.44 -8.58
N ARG F 17 31.41 34.42 -8.43
CA ARG F 17 30.06 34.46 -8.99
C ARG F 17 29.14 33.75 -7.99
N GLY F 18 29.42 33.99 -6.70
CA GLY F 18 28.69 33.34 -5.61
C GLY F 18 29.37 32.05 -5.15
N GLU F 19 28.61 31.27 -4.36
CA GLU F 19 29.03 29.97 -3.89
C GLU F 19 28.85 28.98 -5.04
N PRO F 20 29.36 27.73 -4.92
CA PRO F 20 29.41 26.79 -6.05
C PRO F 20 28.03 26.28 -6.43
N ARG F 21 27.88 25.91 -7.69
CA ARG F 21 26.64 25.30 -8.11
C ARG F 21 26.58 23.92 -7.47
N PHE F 22 25.40 23.56 -6.95
CA PHE F 22 25.18 22.23 -6.42
C PHE F 22 23.87 21.72 -6.97
N ILE F 23 23.94 20.56 -7.62
CA ILE F 23 22.77 19.88 -8.15
C ILE F 23 22.78 18.44 -7.62
N SER F 24 21.61 17.96 -7.21
CA SER F 24 21.48 16.59 -6.71
C SER F 24 20.30 15.95 -7.39
N VAL F 25 20.51 14.77 -7.99
CA VAL F 25 19.37 14.00 -8.51
C VAL F 25 19.31 12.59 -7.93
N GLY F 26 18.06 12.14 -7.74
CA GLY F 26 17.78 10.83 -7.19
C GLY F 26 17.07 9.95 -8.22
N TYR F 27 17.63 8.77 -8.50
CA TYR F 27 16.98 7.77 -9.30
C TYR F 27 16.59 6.55 -8.47
N VAL F 28 15.39 6.00 -8.76
CA VAL F 28 15.10 4.59 -8.55
C VAL F 28 15.24 3.90 -9.90
N ASP F 29 16.14 2.94 -10.04
CA ASP F 29 16.33 2.23 -11.29
C ASP F 29 16.70 3.24 -12.40
N ASP F 30 15.79 3.46 -13.34
CA ASP F 30 16.07 4.35 -14.45
C ASP F 30 15.11 5.53 -14.41
N THR F 31 14.55 5.78 -13.22
CA THR F 31 13.51 6.78 -13.07
C THR F 31 13.94 7.87 -12.09
N GLN F 32 14.28 9.02 -12.63
CA GLN F 32 14.52 10.18 -11.78
C GLN F 32 13.23 10.47 -11.03
N PHE F 33 13.36 10.88 -9.76
CA PHE F 33 12.21 11.04 -8.88
C PHE F 33 12.36 12.28 -7.99
N VAL F 34 13.58 12.70 -7.65
CA VAL F 34 13.70 13.96 -6.92
C VAL F 34 14.83 14.79 -7.50
N ARG F 35 14.89 16.04 -7.06
CA ARG F 35 15.92 16.93 -7.55
C ARG F 35 16.11 18.11 -6.61
N PHE F 36 17.39 18.48 -6.47
CA PHE F 36 17.74 19.71 -5.79
C PHE F 36 18.83 20.45 -6.57
N ASP F 37 18.56 21.76 -6.70
CA ASP F 37 19.42 22.70 -7.40
C ASP F 37 19.45 24.03 -6.65
N ASN F 38 20.64 24.55 -6.34
CA ASN F 38 20.71 25.74 -5.49
C ASN F 38 20.53 27.04 -6.28
N ASP F 39 20.22 27.01 -7.59
CA ASP F 39 19.76 28.22 -8.28
C ASP F 39 18.24 28.43 -8.06
N ALA F 40 18.02 29.19 -6.97
CA ALA F 40 16.77 29.84 -6.60
C ALA F 40 17.07 30.62 -5.31
N ALA F 41 16.11 31.38 -4.77
CA ALA F 41 16.28 32.10 -3.50
C ALA F 41 16.21 31.11 -2.34
N SER F 42 15.04 30.44 -2.23
CA SER F 42 14.84 29.18 -1.51
C SER F 42 15.07 28.00 -2.47
N PRO F 43 16.24 27.32 -2.41
CA PRO F 43 16.44 26.08 -3.16
C PRO F 43 15.81 24.95 -2.35
N ARG F 44 14.97 24.13 -2.98
CA ARG F 44 14.22 23.11 -2.25
C ARG F 44 14.32 21.77 -2.99
N MET F 45 14.30 20.69 -2.23
CA MET F 45 14.20 19.42 -2.92
C MET F 45 12.77 19.33 -3.45
N VAL F 46 12.65 18.72 -4.63
CA VAL F 46 11.38 18.72 -5.33
C VAL F 46 11.20 17.43 -6.09
N PRO F 47 9.93 17.05 -6.30
CA PRO F 47 9.59 15.83 -7.02
C PRO F 47 9.81 16.02 -8.51
N ARG F 48 10.15 14.90 -9.14
CA ARG F 48 10.38 14.80 -10.57
C ARG F 48 9.81 13.49 -11.09
N ALA F 49 8.84 12.98 -10.37
CA ALA F 49 8.08 11.87 -10.85
C ALA F 49 6.67 12.12 -10.34
N PRO F 50 5.62 11.70 -11.07
CA PRO F 50 4.26 11.99 -10.64
C PRO F 50 4.00 11.36 -9.29
N TRP F 51 4.61 10.20 -9.08
CA TRP F 51 4.36 9.41 -7.87
C TRP F 51 5.07 9.92 -6.62
N MET F 52 5.80 11.03 -6.70
CA MET F 52 6.26 11.69 -5.50
C MET F 52 5.40 12.93 -5.23
N GLU F 53 4.55 13.34 -6.20
CA GLU F 53 3.86 14.62 -6.18
C GLU F 53 2.96 14.76 -4.95
N GLN F 54 2.81 13.68 -4.18
CA GLN F 54 1.83 13.62 -3.12
C GLN F 54 2.51 13.13 -1.85
N GLU F 55 3.82 13.40 -1.74
CA GLU F 55 4.56 13.24 -0.50
C GLU F 55 4.47 14.55 0.27
N GLY F 56 4.20 14.47 1.56
CA GLY F 56 3.94 15.65 2.35
C GLY F 56 5.20 16.39 2.74
N SER F 57 4.98 17.45 3.49
CA SER F 57 5.99 18.47 3.70
C SER F 57 7.14 17.92 4.53
N GLU F 58 6.84 16.95 5.38
CA GLU F 58 7.82 16.26 6.21
C GLU F 58 8.94 15.71 5.30
N TYR F 59 8.58 15.07 4.16
CA TYR F 59 9.57 14.54 3.22
C TYR F 59 10.39 15.66 2.63
N TRP F 60 9.72 16.67 2.06
CA TRP F 60 10.44 17.73 1.34
C TRP F 60 11.25 18.61 2.28
N ASP F 61 10.70 18.95 3.46
CA ASP F 61 11.44 19.75 4.44
C ASP F 61 12.73 19.05 4.85
N ARG F 62 12.65 17.75 5.10
CA ARG F 62 13.83 17.02 5.53
C ARG F 62 14.83 16.92 4.40
N GLU F 63 14.37 16.47 3.23
CA GLU F 63 15.31 16.28 2.14
C GLU F 63 15.91 17.60 1.69
N THR F 64 15.13 18.68 1.83
CA THR F 64 15.70 19.98 1.51
C THR F 64 16.91 20.18 2.43
N ARG F 65 16.69 20.06 3.74
CA ARG F 65 17.74 20.25 4.72
C ARG F 65 18.95 19.41 4.35
N SER F 66 18.66 18.18 3.97
CA SER F 66 19.71 17.22 3.74
C SER F 66 20.56 17.69 2.56
N ALA F 67 19.91 18.02 1.42
CA ALA F 67 20.59 18.57 0.25
C ALA F 67 21.42 19.83 0.60
N ARG F 68 20.80 20.78 1.33
CA ARG F 68 21.49 21.99 1.74
C ARG F 68 22.80 21.61 2.43
N ASP F 69 22.68 20.75 3.45
CA ASP F 69 23.83 20.25 4.20
C ASP F 69 24.93 19.70 3.29
N THR F 70 24.53 18.97 2.25
CA THR F 70 25.49 18.36 1.36
C THR F 70 26.17 19.42 0.53
N ALA F 71 25.37 20.36 0.02
CA ALA F 71 25.89 21.48 -0.74
C ALA F 71 26.97 22.20 0.07
N GLN F 72 26.61 22.56 1.32
CA GLN F 72 27.53 23.26 2.22
C GLN F 72 28.82 22.47 2.47
N ILE F 73 28.72 21.14 2.66
CA ILE F 73 29.90 20.34 2.92
C ILE F 73 30.75 20.30 1.65
N PHE F 74 30.09 20.30 0.49
CA PHE F 74 30.82 20.18 -0.77
C PHE F 74 31.56 21.48 -1.10
N ARG F 75 31.04 22.62 -0.62
CA ARG F 75 31.81 23.85 -0.68
C ARG F 75 33.12 23.62 0.08
N VAL F 76 33.00 23.18 1.34
CA VAL F 76 34.17 22.92 2.18
C VAL F 76 35.18 22.02 1.47
N ASN F 77 34.67 20.99 0.80
CA ASN F 77 35.56 19.98 0.25
C ASN F 77 36.29 20.57 -0.94
N LEU F 78 35.57 21.41 -1.73
CA LEU F 78 36.19 22.02 -2.91
C LEU F 78 37.34 22.91 -2.42
N ARG F 79 37.16 23.67 -1.30
CA ARG F 79 38.24 24.45 -0.65
C ARG F 79 39.41 23.51 -0.41
N THR F 80 39.09 22.46 0.35
CA THR F 80 40.09 21.55 0.85
C THR F 80 40.91 20.95 -0.28
N LEU F 81 40.27 20.64 -1.41
CA LEU F 81 40.94 19.95 -2.51
C LEU F 81 41.79 20.91 -3.32
N ARG F 82 41.31 22.14 -3.48
CA ARG F 82 42.12 23.23 -3.99
C ARG F 82 43.43 23.27 -3.22
N GLY F 83 43.36 23.39 -1.87
CA GLY F 83 44.52 23.21 -0.99
C GLY F 83 45.40 22.01 -1.40
N TYR F 84 44.86 20.80 -1.35
CA TYR F 84 45.68 19.61 -1.53
C TYR F 84 46.44 19.68 -2.85
N TYR F 85 45.85 20.31 -3.87
CA TYR F 85 46.41 20.34 -5.22
C TYR F 85 47.07 21.68 -5.55
N ASN F 86 47.15 22.56 -4.55
CA ASN F 86 47.82 23.84 -4.64
C ASN F 86 47.29 24.58 -5.87
N GLN F 87 45.99 24.87 -5.91
CA GLN F 87 45.36 25.50 -7.07
C GLN F 87 44.72 26.79 -6.58
N SER F 88 44.61 27.79 -7.49
CA SER F 88 44.11 29.08 -7.06
C SER F 88 42.58 29.10 -7.13
N GLU F 89 42.00 30.10 -6.46
CA GLU F 89 40.57 30.30 -6.49
C GLU F 89 40.12 30.79 -7.88
N ALA F 90 41.05 31.09 -8.79
CA ALA F 90 40.73 31.64 -10.10
C ALA F 90 39.99 30.66 -10.99
N GLY F 91 40.41 29.39 -10.87
CA GLY F 91 39.87 28.29 -11.66
C GLY F 91 38.53 27.80 -11.11
N SER F 92 37.68 27.33 -12.03
CA SER F 92 36.50 26.54 -11.74
C SER F 92 36.90 25.07 -11.60
N HIS F 93 36.25 24.40 -10.62
CA HIS F 93 36.52 23.01 -10.30
C HIS F 93 35.21 22.27 -10.08
N THR F 94 35.26 20.95 -10.35
CA THR F 94 34.10 20.09 -10.20
C THR F 94 34.40 18.96 -9.21
N LEU F 95 33.54 18.86 -8.19
CA LEU F 95 33.46 17.70 -7.32
C LEU F 95 32.14 16.99 -7.51
N GLN F 96 32.21 15.67 -7.80
CA GLN F 96 31.05 14.81 -7.97
C GLN F 96 31.07 13.66 -6.96
N TRP F 97 29.88 13.16 -6.59
CA TRP F 97 29.67 12.07 -5.64
C TRP F 97 28.51 11.24 -6.17
N MET F 98 28.72 9.93 -6.44
CA MET F 98 27.62 8.99 -6.69
C MET F 98 27.65 7.91 -5.60
N HIS F 99 26.46 7.54 -5.11
CA HIS F 99 26.24 6.41 -4.21
C HIS F 99 24.92 5.72 -4.57
N GLY F 100 24.85 4.40 -4.31
CA GLY F 100 23.59 3.67 -4.39
C GLY F 100 23.60 2.33 -3.65
N CYS F 101 22.40 1.88 -3.26
CA CYS F 101 22.17 0.54 -2.73
C CYS F 101 21.30 -0.26 -3.70
N GLU F 102 21.64 -1.55 -3.88
CA GLU F 102 20.83 -2.49 -4.66
C GLU F 102 20.17 -3.57 -3.80
N LEU F 103 18.93 -3.94 -4.18
CA LEU F 103 18.22 -5.13 -3.71
C LEU F 103 18.47 -6.33 -4.62
N GLY F 104 18.53 -7.49 -3.99
CA GLY F 104 18.45 -8.73 -4.73
C GLY F 104 17.00 -9.13 -4.97
N PRO F 105 16.76 -10.27 -5.65
CA PRO F 105 15.42 -10.83 -5.79
C PRO F 105 14.74 -11.13 -4.47
N ASP F 106 15.54 -11.20 -3.40
CA ASP F 106 15.01 -11.60 -2.10
C ASP F 106 14.37 -10.41 -1.40
N GLY F 107 14.57 -9.21 -1.94
CA GLY F 107 14.04 -8.03 -1.27
C GLY F 107 15.05 -7.38 -0.32
N ARG F 108 16.31 -7.85 -0.34
CA ARG F 108 17.25 -7.53 0.72
C ARG F 108 18.51 -6.89 0.14
N PHE F 109 19.22 -6.13 0.97
CA PHE F 109 20.47 -5.55 0.51
C PHE F 109 21.25 -6.59 -0.27
N LEU F 110 21.84 -6.17 -1.39
CA LEU F 110 22.67 -7.06 -2.20
C LEU F 110 24.06 -6.44 -2.36
N ARG F 111 24.14 -5.17 -2.76
CA ARG F 111 25.43 -4.48 -2.83
C ARG F 111 25.23 -2.98 -2.68
N GLY F 112 26.33 -2.30 -2.32
CA GLY F 112 26.39 -0.85 -2.17
C GLY F 112 27.58 -0.28 -2.93
N TYR F 113 27.53 1.03 -3.23
CA TYR F 113 28.64 1.64 -3.95
C TYR F 113 28.67 3.13 -3.61
N GLU F 114 29.89 3.71 -3.62
CA GLU F 114 30.11 5.10 -3.26
C GLU F 114 31.48 5.54 -3.77
N GLN F 115 31.47 6.64 -4.55
CA GLN F 115 32.65 7.20 -5.16
C GLN F 115 32.59 8.71 -5.21
N PHE F 116 33.77 9.33 -5.04
CA PHE F 116 33.99 10.75 -5.28
C PHE F 116 34.89 10.98 -6.52
N ALA F 117 34.74 12.13 -7.21
CA ALA F 117 35.59 12.47 -8.34
C ALA F 117 35.83 13.96 -8.43
N TYR F 118 37.12 14.35 -8.47
CA TYR F 118 37.56 15.74 -8.64
C TYR F 118 37.89 16.01 -10.10
N ASP F 119 37.25 17.02 -10.69
CA ASP F 119 37.58 17.43 -12.05
C ASP F 119 37.52 16.19 -12.95
N GLY F 120 36.51 15.33 -12.73
CA GLY F 120 36.22 14.25 -13.68
C GLY F 120 37.14 13.02 -13.65
N LYS F 121 38.07 12.91 -12.71
CA LYS F 121 38.72 11.63 -12.47
C LYS F 121 38.40 11.12 -11.06
N ASP F 122 38.44 9.80 -10.89
CA ASP F 122 38.12 9.20 -9.60
C ASP F 122 39.13 9.74 -8.61
N TYR F 123 38.66 10.04 -7.39
CA TYR F 123 39.49 10.62 -6.35
C TYR F 123 39.53 9.68 -5.15
N LEU F 124 38.36 9.41 -4.56
CA LEU F 124 38.27 8.48 -3.44
C LEU F 124 37.10 7.53 -3.67
N THR F 125 37.36 6.23 -3.46
CA THR F 125 36.35 5.21 -3.73
C THR F 125 36.13 4.34 -2.50
N LEU F 126 34.85 4.14 -2.15
CA LEU F 126 34.51 3.17 -1.12
C LEU F 126 34.61 1.77 -1.74
N ASN F 127 35.30 0.86 -1.04
CA ASN F 127 35.60 -0.45 -1.59
C ASN F 127 34.39 -1.35 -1.36
N GLU F 128 34.33 -2.47 -2.11
CA GLU F 128 33.20 -3.37 -2.11
C GLU F 128 32.84 -3.85 -0.71
N ASP F 129 33.83 -4.06 0.17
CA ASP F 129 33.58 -4.40 1.58
C ASP F 129 32.90 -3.30 2.39
N LEU F 130 32.67 -2.13 1.78
CA LEU F 130 32.08 -0.99 2.49
C LEU F 130 32.73 -0.70 3.86
N ARG F 131 34.05 -0.93 4.04
CA ARG F 131 34.73 -0.74 5.32
C ARG F 131 36.04 0.06 5.23
N SER F 132 36.43 0.39 4.00
CA SER F 132 37.75 0.93 3.72
C SER F 132 37.66 1.75 2.44
N TRP F 133 38.71 2.56 2.18
CA TRP F 133 38.77 3.32 0.93
C TRP F 133 40.03 3.04 0.11
N THR F 134 39.92 3.44 -1.16
CA THR F 134 41.02 3.46 -2.11
C THR F 134 41.26 4.86 -2.66
N ALA F 135 42.44 5.43 -2.34
CA ALA F 135 42.83 6.74 -2.85
C ALA F 135 43.56 6.58 -4.19
N VAL F 136 43.39 7.54 -5.11
CA VAL F 136 44.07 7.52 -6.40
C VAL F 136 45.41 8.26 -6.34
N ASP F 137 45.67 9.06 -5.28
CA ASP F 137 46.89 9.87 -5.18
C ASP F 137 47.09 10.39 -3.75
N THR F 138 48.19 11.14 -3.54
CA THR F 138 48.58 11.70 -2.25
C THR F 138 47.47 12.53 -1.62
N ALA F 139 46.79 13.30 -2.48
CA ALA F 139 45.73 14.19 -2.03
C ALA F 139 44.61 13.35 -1.45
N ALA F 140 44.16 12.37 -2.26
CA ALA F 140 43.13 11.43 -1.86
C ALA F 140 43.51 10.70 -0.57
N GLN F 141 44.81 10.38 -0.40
CA GLN F 141 45.30 9.70 0.80
C GLN F 141 45.01 10.54 2.04
N ILE F 142 45.15 11.85 1.94
CA ILE F 142 44.84 12.70 3.08
C ILE F 142 43.37 12.47 3.45
N SER F 143 42.51 12.39 2.41
CA SER F 143 41.08 12.19 2.58
C SER F 143 40.78 10.80 3.17
N GLU F 144 41.44 9.74 2.64
CA GLU F 144 41.40 8.39 3.19
C GLU F 144 41.66 8.41 4.70
N GLN F 145 42.79 9.02 5.10
CA GLN F 145 43.18 9.05 6.50
C GLN F 145 42.11 9.77 7.32
N LYS F 146 41.56 10.89 6.82
CA LYS F 146 40.62 11.64 7.64
C LYS F 146 39.33 10.83 7.77
N SER F 147 38.96 10.11 6.70
CA SER F 147 37.77 9.28 6.71
C SER F 147 37.93 8.11 7.68
N ASN F 148 39.10 7.45 7.61
CA ASN F 148 39.50 6.41 8.54
C ASN F 148 39.30 6.88 9.99
N ASP F 149 39.91 8.01 10.35
CA ASP F 149 39.87 8.47 11.74
C ASP F 149 38.44 8.79 12.15
N ALA F 150 37.53 8.91 11.18
CA ALA F 150 36.19 9.39 11.45
C ALA F 150 35.15 8.29 11.32
N SER F 151 35.62 7.09 10.96
CA SER F 151 34.75 5.95 10.75
C SER F 151 33.73 6.30 9.68
N GLU F 152 34.19 6.85 8.55
CA GLU F 152 33.25 7.34 7.55
C GLU F 152 32.59 6.11 6.96
N ALA F 153 33.43 5.10 6.67
CA ALA F 153 32.93 3.93 5.96
C ALA F 153 31.81 3.29 6.77
N GLU F 154 31.99 3.25 8.07
CA GLU F 154 30.94 2.73 8.93
C GLU F 154 29.67 3.49 8.64
N HIS F 155 29.76 4.82 8.72
CA HIS F 155 28.60 5.70 8.58
C HIS F 155 27.93 5.47 7.23
N GLN F 156 28.74 5.32 6.16
CA GLN F 156 28.17 5.12 4.85
C GLN F 156 27.50 3.77 4.73
N ARG F 157 28.18 2.73 5.25
CA ARG F 157 27.63 1.38 5.24
C ARG F 157 26.27 1.38 5.92
N ALA F 158 26.18 2.11 7.04
CA ALA F 158 24.89 2.23 7.71
C ALA F 158 23.82 2.82 6.79
N TYR F 159 24.13 3.92 6.10
CA TYR F 159 23.18 4.45 5.15
C TYR F 159 22.92 3.40 4.07
N LEU F 160 23.97 2.91 3.41
CA LEU F 160 23.79 2.06 2.23
C LEU F 160 23.05 0.76 2.55
N GLU F 161 23.36 0.10 3.69
CA GLU F 161 22.79 -1.21 3.99
C GLU F 161 21.38 -1.09 4.56
N ASP F 162 21.10 -0.14 5.47
CA ASP F 162 19.78 -0.04 6.12
C ASP F 162 18.94 1.05 5.48
N THR F 163 19.26 2.33 5.71
CA THR F 163 18.39 3.44 5.35
C THR F 163 18.05 3.43 3.86
N CYS F 164 19.10 3.34 3.06
CA CYS F 164 18.91 3.30 1.63
C CYS F 164 17.92 2.20 1.28
N VAL F 165 18.15 0.98 1.77
CA VAL F 165 17.24 -0.13 1.46
C VAL F 165 15.80 0.14 1.98
N GLU F 166 15.66 0.57 3.22
CA GLU F 166 14.34 0.87 3.76
C GLU F 166 13.58 1.74 2.76
N TRP F 167 14.20 2.81 2.26
CA TRP F 167 13.49 3.84 1.51
C TRP F 167 13.23 3.35 0.10
N LEU F 168 14.18 2.59 -0.46
CA LEU F 168 14.00 2.05 -1.79
C LEU F 168 12.70 1.25 -1.84
N HIS F 169 12.41 0.52 -0.76
CA HIS F 169 11.17 -0.22 -0.67
C HIS F 169 10.00 0.76 -0.73
N LYS F 170 10.01 1.78 0.13
CA LYS F 170 8.91 2.73 0.13
C LYS F 170 8.64 3.27 -1.28
N TYR F 171 9.70 3.55 -2.04
CA TYR F 171 9.57 4.19 -3.33
C TYR F 171 9.05 3.19 -4.35
N LEU F 172 9.60 1.96 -4.33
CA LEU F 172 9.18 0.93 -5.27
C LEU F 172 7.66 0.75 -5.13
N GLU F 173 7.13 0.87 -3.90
CA GLU F 173 5.71 0.69 -3.65
C GLU F 173 4.98 1.86 -4.29
N LYS F 174 5.33 3.08 -3.83
CA LYS F 174 4.70 4.30 -4.26
C LYS F 174 4.74 4.43 -5.77
N GLY F 175 5.80 3.97 -6.43
CA GLY F 175 5.90 4.15 -7.88
C GLY F 175 5.77 2.86 -8.64
N LYS F 176 5.02 1.89 -8.07
CA LYS F 176 4.89 0.53 -8.59
C LYS F 176 4.50 0.58 -10.07
N GLU F 177 3.57 1.52 -10.42
CA GLU F 177 2.99 1.58 -11.76
C GLU F 177 4.04 1.96 -12.82
N THR F 178 5.13 2.57 -12.36
CA THR F 178 6.23 3.01 -13.18
C THR F 178 7.40 2.02 -13.04
N LEU F 179 7.75 1.64 -11.80
CA LEU F 179 9.01 0.94 -11.52
C LEU F 179 8.90 -0.59 -11.61
N LEU F 180 7.72 -1.14 -11.28
CA LEU F 180 7.52 -2.58 -11.27
C LEU F 180 6.64 -3.01 -12.43
N HIS F 181 5.68 -2.17 -12.87
CA HIS F 181 4.87 -2.43 -14.05
C HIS F 181 5.49 -1.89 -15.34
N LEU F 182 6.41 -2.71 -15.85
CA LEU F 182 7.29 -2.43 -16.97
C LEU F 182 6.52 -2.16 -18.26
N GLU F 183 7.28 -1.67 -19.26
CA GLU F 183 6.75 -1.34 -20.58
C GLU F 183 7.61 -2.09 -21.58
N PRO F 184 7.05 -3.08 -22.29
CA PRO F 184 7.82 -3.78 -23.31
C PRO F 184 8.01 -2.83 -24.46
N PRO F 185 9.03 -3.11 -25.33
CA PRO F 185 9.25 -2.33 -26.53
C PRO F 185 8.15 -2.61 -27.54
N LYS F 186 7.64 -1.51 -28.10
CA LYS F 186 6.96 -1.55 -29.37
C LYS F 186 8.06 -1.68 -30.43
N THR F 187 7.94 -2.70 -31.27
CA THR F 187 9.08 -3.27 -31.95
C THR F 187 8.73 -3.41 -33.44
N HIS F 188 9.60 -2.90 -34.35
CA HIS F 188 9.39 -3.03 -35.79
C HIS F 188 10.66 -2.81 -36.61
N VAL F 189 10.60 -3.19 -37.89
CA VAL F 189 11.71 -3.15 -38.84
C VAL F 189 11.36 -2.22 -40.01
N THR F 190 12.24 -1.26 -40.29
CA THR F 190 12.12 -0.45 -41.48
C THR F 190 13.23 -0.88 -42.44
N HIS F 191 13.01 -0.52 -43.71
CA HIS F 191 13.83 -0.92 -44.84
C HIS F 191 14.25 0.37 -45.55
N HIS F 192 15.55 0.48 -45.87
CA HIS F 192 16.11 1.68 -46.44
C HIS F 192 17.07 1.27 -47.55
N PRO F 193 16.64 1.33 -48.85
CA PRO F 193 17.55 1.05 -49.97
C PRO F 193 18.70 2.05 -49.95
N ILE F 194 19.92 1.50 -49.93
CA ILE F 194 21.17 2.23 -50.10
C ILE F 194 21.38 2.44 -51.60
N SER F 195 21.31 1.32 -52.34
CA SER F 195 21.62 1.21 -53.75
C SER F 195 20.66 0.19 -54.36
N ASP F 196 20.78 -0.09 -55.66
CA ASP F 196 19.98 -1.11 -56.33
C ASP F 196 20.20 -2.49 -55.71
N HIS F 197 21.37 -2.70 -55.09
CA HIS F 197 21.86 -4.03 -54.78
C HIS F 197 21.98 -4.29 -53.27
N GLU F 198 21.70 -3.31 -52.40
CA GLU F 198 21.73 -3.58 -50.97
C GLU F 198 20.89 -2.54 -50.19
N ALA F 199 20.36 -2.99 -49.04
CA ALA F 199 19.50 -2.16 -48.21
C ALA F 199 19.96 -2.22 -46.76
N THR F 200 19.58 -1.18 -46.00
CA THR F 200 19.65 -1.16 -44.55
C THR F 200 18.33 -1.65 -43.93
N LEU F 201 18.40 -2.76 -43.18
CA LEU F 201 17.31 -3.17 -42.31
C LEU F 201 17.58 -2.57 -40.96
N ARG F 202 16.58 -1.90 -40.37
CA ARG F 202 16.81 -1.23 -39.10
C ARG F 202 15.69 -1.69 -38.17
N CYS F 203 16.07 -2.34 -37.08
CA CYS F 203 15.12 -2.91 -36.13
C CYS F 203 14.91 -1.90 -35.02
N TRP F 204 13.69 -1.38 -34.90
CA TRP F 204 13.38 -0.38 -33.89
C TRP F 204 12.82 -1.03 -32.61
N ALA F 205 13.14 -0.41 -31.46
CA ALA F 205 12.61 -0.77 -30.17
C ALA F 205 12.31 0.53 -29.41
N LEU F 206 11.01 0.77 -29.12
CA LEU F 206 10.50 2.08 -28.79
C LEU F 206 9.58 2.04 -27.57
N GLY F 207 9.62 3.09 -26.75
CA GLY F 207 8.68 3.24 -25.64
C GLY F 207 8.85 2.17 -24.55
N PHE F 208 10.04 1.56 -24.44
CA PHE F 208 10.27 0.53 -23.46
C PHE F 208 10.88 1.11 -22.17
N TYR F 209 10.66 0.36 -21.08
CA TYR F 209 11.23 0.66 -19.78
C TYR F 209 11.32 -0.62 -18.95
N PRO F 210 12.47 -0.95 -18.36
CA PRO F 210 13.60 -0.04 -18.22
C PRO F 210 14.53 -0.07 -19.43
N ALA F 211 15.65 0.65 -19.32
CA ALA F 211 16.48 1.02 -20.45
C ALA F 211 17.30 -0.15 -20.98
N GLU F 212 17.52 -1.15 -20.12
CA GLU F 212 18.32 -2.30 -20.48
C GLU F 212 17.55 -3.11 -21.53
N ILE F 213 18.24 -3.41 -22.64
CA ILE F 213 17.63 -4.07 -23.79
C ILE F 213 18.75 -4.71 -24.61
N THR F 214 18.39 -5.75 -25.37
CA THR F 214 19.33 -6.39 -26.27
C THR F 214 18.65 -6.55 -27.65
N LEU F 215 19.30 -5.96 -28.66
CA LEU F 215 18.88 -6.04 -30.04
C LEU F 215 19.97 -6.79 -30.79
N THR F 216 19.54 -7.79 -31.59
CA THR F 216 20.43 -8.70 -32.28
C THR F 216 19.85 -9.07 -33.64
N TRP F 217 20.72 -9.04 -34.64
CA TRP F 217 20.34 -9.42 -35.99
C TRP F 217 20.96 -10.79 -36.28
N GLN F 218 20.16 -11.65 -36.90
CA GLN F 218 20.61 -13.00 -37.21
C GLN F 218 20.36 -13.28 -38.68
N GLN F 219 21.37 -13.87 -39.32
CA GLN F 219 21.28 -14.38 -40.70
C GLN F 219 21.02 -15.88 -40.68
N ASP F 220 19.79 -16.30 -41.02
CA ASP F 220 19.41 -17.72 -41.07
C ASP F 220 19.35 -18.33 -39.66
N GLY F 221 20.23 -17.90 -38.71
CA GLY F 221 20.29 -18.47 -37.36
C GLY F 221 21.63 -19.12 -37.06
N ASP F 227 28.32 -5.94 -40.54
CA ASP F 227 27.62 -4.72 -41.07
C ASP F 227 26.52 -4.28 -40.09
N THR F 228 26.89 -3.85 -38.88
CA THR F 228 25.99 -3.96 -37.73
C THR F 228 25.97 -2.70 -36.86
N GLU F 229 25.31 -1.65 -37.36
CA GLU F 229 25.25 -0.32 -36.73
C GLU F 229 24.25 -0.36 -35.56
N LEU F 230 24.66 0.19 -34.41
CA LEU F 230 23.89 0.13 -33.16
C LEU F 230 23.97 1.46 -32.43
N VAL F 231 22.83 2.13 -32.20
CA VAL F 231 22.82 3.45 -31.59
C VAL F 231 22.69 3.35 -30.06
N GLU F 232 23.27 4.31 -29.33
CA GLU F 232 23.16 4.42 -27.88
C GLU F 232 21.71 4.47 -27.45
N THR F 233 21.34 3.76 -26.37
CA THR F 233 19.95 3.78 -25.94
C THR F 233 19.62 5.17 -25.42
N ARG F 234 18.46 5.72 -25.80
CA ARG F 234 18.24 7.14 -25.62
C ARG F 234 16.86 7.41 -25.02
N PRO F 235 16.73 8.42 -24.13
CA PRO F 235 15.46 8.75 -23.50
C PRO F 235 14.46 9.46 -24.39
N ALA F 236 13.26 8.89 -24.51
CA ALA F 236 12.21 9.44 -25.35
C ALA F 236 11.63 10.76 -24.84
N GLY F 237 12.00 11.19 -23.62
CA GLY F 237 11.32 12.28 -22.92
C GLY F 237 10.11 11.87 -22.05
N ASP F 238 9.45 10.72 -22.31
CA ASP F 238 8.22 10.34 -21.60
C ASP F 238 8.49 9.37 -20.45
N GLY F 239 9.73 9.09 -20.08
CA GLY F 239 9.95 8.08 -19.06
C GLY F 239 10.28 6.73 -19.67
N THR F 240 10.06 6.54 -20.97
CA THR F 240 10.57 5.37 -21.70
C THR F 240 11.86 5.69 -22.45
N PHE F 241 12.33 4.70 -23.23
CA PHE F 241 13.61 4.75 -23.93
C PHE F 241 13.49 4.14 -25.33
N GLN F 242 14.43 4.49 -26.22
CA GLN F 242 14.43 4.03 -27.60
C GLN F 242 15.80 3.45 -27.92
N LYS F 243 15.80 2.51 -28.86
CA LYS F 243 17.05 2.02 -29.41
C LYS F 243 16.76 1.33 -30.73
N TRP F 244 17.70 1.40 -31.69
CA TRP F 244 17.61 0.65 -32.93
C TRP F 244 18.94 -0.05 -33.19
N ALA F 245 18.89 -1.08 -34.05
CA ALA F 245 20.07 -1.78 -34.52
C ALA F 245 19.85 -2.16 -35.98
N ALA F 246 20.69 -1.59 -36.87
CA ALA F 246 20.52 -1.76 -38.31
C ALA F 246 21.61 -2.67 -38.88
N VAL F 247 21.31 -3.30 -40.02
CA VAL F 247 22.26 -4.10 -40.79
C VAL F 247 22.06 -3.76 -42.25
N VAL F 248 23.15 -3.71 -43.03
CA VAL F 248 22.99 -3.61 -44.48
C VAL F 248 23.17 -5.00 -45.05
N VAL F 249 22.27 -5.31 -46.00
CA VAL F 249 22.14 -6.65 -46.56
C VAL F 249 21.87 -6.54 -48.05
N PRO F 250 22.30 -7.55 -48.84
CA PRO F 250 21.94 -7.63 -50.26
C PRO F 250 20.44 -7.68 -50.53
N SER F 251 19.99 -6.81 -51.46
CA SER F 251 18.57 -6.74 -51.85
C SER F 251 18.09 -8.14 -52.22
N GLY F 252 16.89 -8.48 -51.75
CA GLY F 252 16.33 -9.82 -51.92
C GLY F 252 16.84 -10.85 -50.92
N GLU F 253 17.58 -10.44 -49.87
CA GLU F 253 17.91 -11.38 -48.81
C GLU F 253 17.32 -10.95 -47.46
N GLU F 254 16.34 -10.04 -47.52
CA GLU F 254 15.76 -9.40 -46.35
C GLU F 254 15.02 -10.41 -45.47
N GLN F 255 14.65 -11.56 -46.06
CA GLN F 255 13.90 -12.58 -45.36
C GLN F 255 14.86 -13.54 -44.62
N ARG F 256 16.15 -13.49 -44.94
CA ARG F 256 17.11 -14.34 -44.25
C ARG F 256 17.53 -13.66 -42.94
N TYR F 257 16.98 -12.47 -42.65
CA TYR F 257 17.42 -11.63 -41.54
C TYR F 257 16.30 -11.42 -40.51
N THR F 258 16.63 -11.72 -39.25
CA THR F 258 15.69 -11.64 -38.14
C THR F 258 16.31 -10.90 -36.95
N CYS F 259 15.45 -10.08 -36.31
CA CYS F 259 15.87 -9.25 -35.21
C CYS F 259 15.37 -9.87 -33.92
N HIS F 260 16.27 -10.02 -32.96
CA HIS F 260 15.96 -10.66 -31.70
C HIS F 260 16.02 -9.60 -30.61
N VAL F 261 14.88 -9.43 -29.90
CA VAL F 261 14.69 -8.41 -28.90
C VAL F 261 14.46 -9.07 -27.54
N GLN F 262 15.44 -8.90 -26.65
CA GLN F 262 15.30 -9.25 -25.25
C GLN F 262 15.07 -8.01 -24.41
N HIS F 263 14.03 -8.04 -23.60
CA HIS F 263 13.74 -6.95 -22.69
C HIS F 263 12.92 -7.54 -21.55
N GLU F 264 13.15 -7.07 -20.34
CA GLU F 264 12.55 -7.65 -19.16
C GLU F 264 11.01 -7.56 -19.19
N GLY F 265 10.45 -6.58 -19.92
CA GLY F 265 9.00 -6.34 -19.92
C GLY F 265 8.23 -7.24 -20.89
N LEU F 266 8.98 -7.90 -21.78
CA LEU F 266 8.39 -8.90 -22.65
C LEU F 266 8.17 -10.18 -21.87
N PRO F 267 7.02 -10.87 -22.08
CA PRO F 267 6.85 -12.23 -21.59
C PRO F 267 7.93 -13.16 -22.18
N GLU F 268 8.28 -12.97 -23.44
CA GLU F 268 9.23 -13.86 -24.10
C GLU F 268 9.98 -13.06 -25.15
N PRO F 269 11.30 -13.32 -25.37
CA PRO F 269 12.00 -12.71 -26.50
C PRO F 269 11.13 -12.63 -27.75
N VAL F 270 11.17 -11.51 -28.47
CA VAL F 270 10.46 -11.37 -29.73
C VAL F 270 11.46 -11.45 -30.88
N THR F 271 11.03 -12.08 -31.98
CA THR F 271 11.77 -12.02 -33.23
C THR F 271 10.93 -11.30 -34.25
N LEU F 272 11.63 -10.84 -35.29
CA LEU F 272 11.14 -9.75 -36.11
C LEU F 272 11.84 -9.82 -37.46
N ARG F 273 11.11 -9.43 -38.51
CA ARG F 273 11.57 -9.53 -39.88
C ARG F 273 10.94 -8.39 -40.67
N TRP F 274 11.63 -7.88 -41.71
CA TRP F 274 11.01 -6.87 -42.53
C TRP F 274 9.76 -7.44 -43.21
N LYS F 275 8.62 -6.75 -43.03
CA LYS F 275 7.37 -7.04 -43.72
C LYS F 275 7.19 -6.04 -44.88
N PRO F 276 7.30 -6.46 -46.16
CA PRO F 276 6.93 -5.61 -47.29
C PRO F 276 5.58 -4.90 -47.05
N MET G 1 42.66 16.95 -14.88
CA MET G 1 41.50 17.70 -15.42
C MET G 1 41.11 17.04 -16.72
N ILE G 2 40.28 15.99 -16.62
CA ILE G 2 39.79 15.27 -17.78
C ILE G 2 38.73 16.10 -18.50
N GLN G 3 38.74 16.02 -19.83
CA GLN G 3 37.74 16.67 -20.66
C GLN G 3 37.25 15.74 -21.75
N ARG G 4 35.94 15.73 -21.90
CA ARG G 4 35.27 14.78 -22.73
C ARG G 4 34.30 15.53 -23.61
N THR G 5 34.21 15.09 -24.88
CA THR G 5 33.48 15.83 -25.90
C THR G 5 32.07 15.30 -26.04
N PRO G 6 31.05 16.17 -26.10
CA PRO G 6 29.67 15.73 -26.19
C PRO G 6 29.34 14.84 -27.39
N LYS G 7 28.63 13.74 -27.14
CA LYS G 7 27.95 12.96 -28.15
C LYS G 7 26.53 13.51 -28.23
N ILE G 8 25.94 13.48 -29.46
CA ILE G 8 24.65 14.09 -29.73
C ILE G 8 23.75 13.12 -30.48
N GLN G 9 22.46 13.07 -30.14
CA GLN G 9 21.48 12.42 -30.99
C GLN G 9 20.27 13.35 -31.09
N VAL G 10 19.67 13.36 -32.29
CA VAL G 10 18.51 14.18 -32.54
C VAL G 10 17.41 13.29 -33.06
N TYR G 11 16.26 13.32 -32.42
CA TYR G 11 15.19 12.39 -32.73
C TYR G 11 13.86 12.92 -32.18
N SER G 12 12.80 12.35 -32.78
CA SER G 12 11.44 12.56 -32.30
C SER G 12 11.11 11.49 -31.25
N ARG G 13 10.23 11.90 -30.30
CA ARG G 13 9.68 11.06 -29.27
C ARG G 13 8.86 9.94 -29.90
N HIS G 14 7.92 10.32 -30.75
CA HIS G 14 7.15 9.38 -31.54
C HIS G 14 7.57 9.43 -33.01
N PRO G 15 7.40 8.33 -33.79
CA PRO G 15 7.78 8.35 -35.19
C PRO G 15 6.99 9.46 -35.89
N ALA G 16 7.67 10.25 -36.74
CA ALA G 16 7.14 11.53 -37.17
C ALA G 16 5.99 11.31 -38.16
N GLU G 17 4.88 12.01 -37.94
CA GLU G 17 3.84 12.12 -38.95
C GLU G 17 3.64 13.60 -39.27
N ASN G 18 3.97 13.96 -40.52
CA ASN G 18 3.78 15.31 -41.02
C ASN G 18 2.43 15.83 -40.54
N GLY G 19 2.42 16.99 -39.86
CA GLY G 19 1.20 17.66 -39.46
C GLY G 19 0.74 17.25 -38.06
N LYS G 20 1.15 16.05 -37.60
CA LYS G 20 0.75 15.58 -36.29
C LYS G 20 1.80 16.03 -35.26
N SER G 21 1.31 16.63 -34.15
CA SER G 21 2.12 17.03 -32.99
C SER G 21 3.02 15.91 -32.45
N ASN G 22 4.18 16.34 -31.91
CA ASN G 22 5.27 15.46 -31.58
C ASN G 22 6.22 16.23 -30.66
N PHE G 23 7.43 15.66 -30.45
CA PHE G 23 8.46 16.23 -29.61
C PHE G 23 9.81 15.96 -30.23
N LEU G 24 10.66 16.99 -30.14
CA LEU G 24 11.98 16.96 -30.72
C LEU G 24 12.99 16.91 -29.58
N ASN G 25 13.84 15.89 -29.70
CA ASN G 25 14.82 15.65 -28.68
C ASN G 25 16.22 15.89 -29.23
N CYS G 26 16.99 16.61 -28.42
CA CYS G 26 18.43 16.50 -28.46
C CYS G 26 18.99 15.89 -27.18
N TYR G 27 19.70 14.77 -27.35
CA TYR G 27 20.30 14.09 -26.24
C TYR G 27 21.80 14.27 -26.36
N VAL G 28 22.36 15.09 -25.47
CA VAL G 28 23.80 15.25 -25.33
C VAL G 28 24.25 14.44 -24.12
N SER G 29 25.46 13.85 -24.25
CA SER G 29 25.96 12.87 -23.30
C SER G 29 27.47 12.74 -23.45
N GLY G 30 28.15 12.25 -22.43
CA GLY G 30 29.52 11.83 -22.63
C GLY G 30 30.51 12.95 -22.39
N PHE G 31 30.04 14.10 -21.92
CA PHE G 31 30.84 15.30 -21.87
C PHE G 31 31.23 15.69 -20.45
N HIS G 32 32.41 16.32 -20.35
CA HIS G 32 32.89 16.89 -19.10
C HIS G 32 33.78 18.07 -19.45
N PRO G 33 33.72 19.20 -18.73
CA PRO G 33 32.79 19.41 -17.62
C PRO G 33 31.35 19.73 -18.00
N SER G 34 30.62 20.19 -16.98
CA SER G 34 29.19 20.15 -17.01
C SER G 34 28.67 21.23 -17.96
N ASP G 35 29.17 22.46 -17.87
CA ASP G 35 28.72 23.60 -18.67
C ASP G 35 28.68 23.23 -20.17
N ILE G 36 27.55 23.57 -20.81
CA ILE G 36 27.29 23.17 -22.17
C ILE G 36 26.12 24.01 -22.66
N GLU G 37 26.17 24.31 -23.98
CA GLU G 37 25.19 25.18 -24.62
C GLU G 37 24.54 24.42 -25.76
N VAL G 38 23.22 24.29 -25.66
CA VAL G 38 22.48 23.49 -26.62
C VAL G 38 21.28 24.30 -27.08
N ASP G 39 21.17 24.41 -28.42
CA ASP G 39 19.99 24.98 -29.04
C ASP G 39 19.41 24.00 -30.05
N LEU G 40 18.08 24.13 -30.18
CA LEU G 40 17.28 23.40 -31.14
C LEU G 40 16.93 24.35 -32.29
N LEU G 41 17.09 23.88 -33.53
CA LEU G 41 16.93 24.73 -34.70
C LEU G 41 15.79 24.24 -35.57
N LYS G 42 14.91 25.18 -35.94
CA LYS G 42 14.04 25.05 -37.10
C LYS G 42 14.53 25.94 -38.25
N ASN G 43 15.06 25.29 -39.29
CA ASN G 43 15.51 25.97 -40.49
C ASN G 43 16.53 27.02 -40.07
N GLY G 44 17.58 26.57 -39.35
CA GLY G 44 18.65 27.45 -38.90
C GLY G 44 18.27 28.38 -37.75
N GLU G 45 16.96 28.51 -37.41
CA GLU G 45 16.51 29.47 -36.40
C GLU G 45 16.40 28.79 -35.05
N ARG G 46 16.97 29.43 -34.03
CA ARG G 46 16.96 28.93 -32.66
C ARG G 46 15.51 28.93 -32.16
N ILE G 47 15.05 27.77 -31.63
CA ILE G 47 13.70 27.62 -31.09
C ILE G 47 13.71 28.12 -29.65
N GLU G 48 12.75 28.96 -29.31
CA GLU G 48 12.61 29.45 -27.94
C GLU G 48 11.77 28.43 -27.19
N LYS G 49 11.76 28.51 -25.85
CA LYS G 49 10.95 27.64 -24.98
C LYS G 49 11.28 26.16 -25.21
N VAL G 50 12.57 25.85 -25.06
CA VAL G 50 13.08 24.49 -25.06
C VAL G 50 13.38 24.14 -23.61
N GLU G 51 13.06 22.91 -23.18
CA GLU G 51 13.32 22.51 -21.81
C GLU G 51 14.35 21.40 -21.79
N HIS G 52 14.83 21.13 -20.57
CA HIS G 52 15.81 20.08 -20.38
C HIS G 52 15.74 19.41 -19.00
N SER G 53 16.16 18.14 -19.05
CA SER G 53 16.37 17.29 -17.90
C SER G 53 17.35 17.95 -16.93
N ASP G 54 17.25 17.53 -15.66
CA ASP G 54 18.21 17.89 -14.64
C ASP G 54 19.55 17.19 -14.88
N LEU G 55 20.59 17.79 -14.36
CA LEU G 55 21.92 17.40 -14.77
C LEU G 55 22.29 16.12 -14.02
N SER G 56 22.68 15.11 -14.78
CA SER G 56 23.07 13.84 -14.19
C SER G 56 24.35 13.34 -14.84
N PHE G 57 24.87 12.21 -14.38
CA PHE G 57 26.12 11.72 -14.91
C PHE G 57 26.22 10.21 -14.74
N SER G 58 27.14 9.62 -15.50
CA SER G 58 27.27 8.19 -15.70
C SER G 58 28.44 7.66 -14.89
N LYS G 59 28.78 6.38 -15.08
CA LYS G 59 29.74 5.73 -14.21
C LYS G 59 31.13 6.28 -14.49
N ASP G 60 31.37 6.72 -15.74
CA ASP G 60 32.65 7.33 -16.10
C ASP G 60 32.72 8.79 -15.61
N TRP G 61 31.61 9.35 -15.11
CA TRP G 61 31.49 10.71 -14.58
C TRP G 61 31.05 11.70 -15.65
N SER G 62 30.97 11.24 -16.91
CA SER G 62 30.52 12.08 -18.00
C SER G 62 29.06 12.45 -17.78
N PHE G 63 28.70 13.70 -18.10
CA PHE G 63 27.34 14.20 -17.90
C PHE G 63 26.46 13.93 -19.12
N TYR G 64 25.14 14.09 -18.93
CA TYR G 64 24.16 13.84 -19.97
C TYR G 64 22.94 14.71 -19.68
N LEU G 65 22.28 15.16 -20.75
CA LEU G 65 21.09 16.00 -20.68
C LEU G 65 20.20 15.75 -21.90
N LEU G 66 18.92 16.00 -21.68
CA LEU G 66 17.97 15.92 -22.76
C LEU G 66 17.34 17.29 -22.92
N TYR G 67 17.53 17.87 -24.10
CA TYR G 67 16.80 19.06 -24.51
C TYR G 67 15.68 18.61 -25.45
N TYR G 68 14.51 19.21 -25.25
CA TYR G 68 13.36 18.78 -26.02
C TYR G 68 12.40 19.95 -26.20
N THR G 69 11.54 19.86 -27.23
CA THR G 69 10.46 20.83 -27.42
C THR G 69 9.30 20.22 -28.19
N GLU G 70 8.09 20.73 -27.92
CA GLU G 70 6.91 20.38 -28.70
C GLU G 70 7.17 20.81 -30.13
N PHE G 71 6.77 20.00 -31.12
CA PHE G 71 6.94 20.39 -32.51
C PHE G 71 5.97 19.62 -33.40
N THR G 72 5.75 20.16 -34.60
CA THR G 72 4.80 19.62 -35.57
C THR G 72 5.50 19.46 -36.91
N PRO G 73 6.17 18.31 -37.11
CA PRO G 73 7.03 18.11 -38.26
C PRO G 73 6.21 18.25 -39.53
N THR G 74 6.85 18.77 -40.57
CA THR G 74 6.24 18.90 -41.88
C THR G 74 7.18 18.22 -42.87
N GLU G 75 6.65 18.06 -44.09
CA GLU G 75 7.37 17.47 -45.21
C GLU G 75 8.65 18.26 -45.47
N LYS G 76 8.52 19.61 -45.44
CA LYS G 76 9.49 20.54 -46.01
C LYS G 76 10.49 21.02 -44.95
N ASP G 77 10.00 21.39 -43.74
CA ASP G 77 10.78 21.98 -42.65
C ASP G 77 11.95 21.09 -42.20
N GLU G 78 13.11 21.71 -41.94
CA GLU G 78 14.25 21.02 -41.38
C GLU G 78 14.42 21.38 -39.91
N TYR G 79 15.04 20.47 -39.15
CA TYR G 79 15.31 20.66 -37.74
C TYR G 79 16.71 20.15 -37.42
N ALA G 80 17.34 20.73 -36.40
CA ALA G 80 18.62 20.22 -35.95
C ALA G 80 18.90 20.69 -34.53
N CYS G 81 20.04 20.20 -34.02
CA CYS G 81 20.53 20.54 -32.70
C CYS G 81 21.92 21.12 -32.89
N ARG G 82 22.16 22.27 -32.23
CA ARG G 82 23.47 22.88 -32.13
C ARG G 82 23.95 22.92 -30.68
N VAL G 83 25.19 22.44 -30.55
CA VAL G 83 25.86 22.26 -29.27
C VAL G 83 27.20 23.00 -29.31
N ASN G 84 27.49 23.85 -28.33
CA ASN G 84 28.87 24.23 -28.08
C ASN G 84 29.27 23.74 -26.69
N HIS G 85 30.54 23.32 -26.61
CA HIS G 85 31.19 22.92 -25.39
C HIS G 85 32.61 23.48 -25.38
N VAL G 86 33.30 23.32 -24.24
CA VAL G 86 34.68 23.76 -24.10
C VAL G 86 35.58 22.88 -24.96
N THR G 87 35.13 21.68 -25.28
CA THR G 87 36.00 20.74 -25.97
C THR G 87 35.90 20.99 -27.45
N LEU G 88 35.03 21.94 -27.80
CA LEU G 88 34.69 22.21 -29.18
C LEU G 88 35.22 23.58 -29.56
N SER G 89 36.07 23.55 -30.61
CA SER G 89 36.50 24.69 -31.39
C SER G 89 35.33 25.57 -31.86
N GLN G 90 34.29 24.94 -32.44
CA GLN G 90 33.12 25.69 -32.89
C GLN G 90 31.87 24.83 -32.78
N PRO G 91 30.65 25.42 -32.69
CA PRO G 91 29.42 24.65 -32.52
C PRO G 91 29.40 23.39 -33.37
N LYS G 92 28.90 22.28 -32.79
CA LYS G 92 28.52 21.15 -33.61
C LYS G 92 27.00 21.22 -33.85
N ILE G 93 26.64 20.82 -35.07
CA ILE G 93 25.25 20.82 -35.46
C ILE G 93 24.94 19.46 -36.04
N VAL G 94 23.86 18.86 -35.53
CA VAL G 94 23.41 17.59 -36.03
C VAL G 94 21.98 17.82 -36.48
N LYS G 95 21.72 17.34 -37.70
CA LYS G 95 20.45 17.51 -38.36
C LYS G 95 19.56 16.34 -38.00
N TRP G 96 18.30 16.64 -37.66
CA TRP G 96 17.27 15.64 -37.45
C TRP G 96 16.99 14.79 -38.69
N ASP G 97 17.38 13.51 -38.66
CA ASP G 97 16.88 12.52 -39.60
C ASP G 97 15.75 11.73 -38.94
N ARG G 98 14.55 11.83 -39.57
CA ARG G 98 13.31 11.28 -39.03
C ARG G 98 13.32 9.76 -39.09
N ASP G 99 14.20 9.17 -39.91
CA ASP G 99 14.32 7.72 -39.96
C ASP G 99 15.52 7.26 -39.13
N MET G 100 15.91 8.03 -38.12
CA MET G 100 17.05 7.61 -37.32
C MET G 100 16.88 8.01 -35.85
N ILE H 1 15.95 8.41 0.18
CA ILE H 1 16.41 9.70 0.78
C ILE H 1 17.91 9.83 0.63
N LEU H 2 18.37 11.07 0.87
CA LEU H 2 19.77 11.44 0.84
C LEU H 2 20.49 10.91 2.07
N SER H 3 21.77 10.54 1.92
CA SER H 3 22.54 10.05 3.06
C SER H 3 22.57 11.10 4.15
N PRO H 4 22.33 10.71 5.41
CA PRO H 4 22.45 11.63 6.53
C PRO H 4 23.90 11.84 6.92
N PHE H 5 24.83 11.17 6.24
CA PHE H 5 26.23 11.31 6.58
C PHE H 5 26.98 11.72 5.32
N ILE H 6 27.54 12.94 5.37
CA ILE H 6 28.26 13.50 4.25
C ILE H 6 29.76 13.50 4.57
N PRO H 7 30.61 12.74 3.82
CA PRO H 7 32.06 12.76 4.02
C PRO H 7 32.67 14.15 3.89
N LEU H 8 33.76 14.31 4.65
CA LEU H 8 34.61 15.49 4.61
C LEU H 8 35.95 15.06 4.06
N LEU H 9 36.25 15.52 2.84
CA LEU H 9 37.47 15.11 2.15
C LEU H 9 38.69 15.84 2.73
N LYS I 3 9.66 12.09 26.72
CA LYS I 3 11.10 11.99 26.33
C LYS I 3 11.28 11.10 25.09
N GLU I 4 11.93 11.67 24.05
CA GLU I 4 12.23 10.95 22.84
C GLU I 4 13.18 9.80 23.15
N VAL I 5 14.13 10.03 24.06
CA VAL I 5 15.09 9.04 24.52
C VAL I 5 14.78 8.69 25.99
N GLU I 6 14.33 7.45 26.24
CA GLU I 6 14.11 6.94 27.59
C GLU I 6 15.30 6.12 28.08
N GLN I 7 15.83 6.56 29.22
CA GLN I 7 16.67 5.74 30.07
C GLN I 7 16.10 5.77 31.47
N ASN I 8 16.34 4.70 32.23
CA ASN I 8 15.99 4.66 33.64
C ASN I 8 17.11 5.35 34.42
N SER I 9 16.75 6.26 35.36
CA SER I 9 17.76 6.95 36.16
C SER I 9 18.53 5.98 37.07
N GLY I 10 17.83 4.94 37.50
CA GLY I 10 18.35 4.02 38.48
C GLY I 10 18.39 4.73 39.83
N PRO I 11 19.55 4.76 40.54
CA PRO I 11 20.78 4.14 40.07
C PRO I 11 20.72 2.62 40.08
N LEU I 12 21.64 2.03 39.31
CA LEU I 12 21.87 0.60 39.24
C LEU I 12 23.16 0.29 39.99
N SER I 13 23.17 -0.87 40.65
CA SER I 13 24.36 -1.46 41.22
C SER I 13 24.88 -2.53 40.28
N VAL I 14 26.20 -2.67 40.19
CA VAL I 14 26.80 -3.89 39.73
C VAL I 14 27.97 -4.23 40.67
N PRO I 15 28.10 -5.50 41.09
CA PRO I 15 29.32 -5.99 41.71
C PRO I 15 30.57 -5.76 40.88
N GLU I 16 31.65 -5.33 41.55
CA GLU I 16 32.92 -5.21 40.87
C GLU I 16 33.26 -6.55 40.25
N GLY I 17 33.64 -6.49 38.97
CA GLY I 17 34.09 -7.66 38.23
C GLY I 17 32.97 -8.25 37.38
N ALA I 18 31.74 -7.89 37.72
CA ALA I 18 30.56 -8.39 37.02
C ALA I 18 30.29 -7.54 35.78
N ILE I 19 29.50 -8.09 34.88
CA ILE I 19 29.01 -7.41 33.70
C ILE I 19 27.92 -6.40 34.10
N ALA I 20 28.06 -5.14 33.61
CA ALA I 20 26.99 -4.14 33.74
C ALA I 20 26.21 -4.11 32.44
N SER I 21 24.91 -3.82 32.52
CA SER I 21 24.13 -3.66 31.32
C SER I 21 23.19 -2.47 31.50
N LEU I 22 23.21 -1.61 30.48
CA LEU I 22 22.47 -0.36 30.42
C LEU I 22 21.62 -0.34 29.14
N ASN I 23 20.33 0.02 29.26
CA ASN I 23 19.47 0.09 28.09
C ASN I 23 18.90 1.47 27.80
N CYS I 24 18.43 1.62 26.55
CA CYS I 24 17.89 2.86 26.06
C CYS I 24 16.90 2.55 24.95
N THR I 25 15.72 3.16 25.04
CA THR I 25 14.83 3.21 23.90
C THR I 25 14.66 4.63 23.37
N TYR I 26 14.07 4.69 22.15
CA TYR I 26 13.87 5.92 21.45
C TYR I 26 12.64 5.84 20.55
N SER I 27 11.91 6.94 20.38
CA SER I 27 10.60 6.89 19.75
C SER I 27 10.69 7.00 18.22
N ASP I 28 11.57 7.84 17.67
CA ASP I 28 11.48 8.18 16.26
C ASP I 28 12.18 7.13 15.39
N ARG I 29 11.39 6.47 14.55
CA ARG I 29 11.84 5.54 13.54
C ARG I 29 12.93 6.19 12.68
N GLY I 30 12.99 7.53 12.65
CA GLY I 30 13.95 8.21 11.80
C GLY I 30 15.33 8.37 12.44
N SER I 31 15.54 7.81 13.63
CA SER I 31 16.81 7.97 14.31
C SER I 31 17.85 7.12 13.54
N VAL I 32 19.03 7.69 13.23
CA VAL I 32 19.99 7.02 12.33
C VAL I 32 21.38 6.85 12.92
N SER I 33 21.58 7.34 14.15
CA SER I 33 22.88 7.29 14.80
C SER I 33 22.67 7.23 16.31
N PHE I 34 23.60 6.57 17.04
CA PHE I 34 23.35 6.21 18.44
C PHE I 34 24.64 6.31 19.23
N PHE I 35 24.51 6.71 20.50
CA PHE I 35 25.69 7.08 21.26
C PHE I 35 25.55 6.79 22.74
N TRP I 36 26.68 6.29 23.27
CA TRP I 36 26.87 6.19 24.70
C TRP I 36 27.97 7.13 25.16
N TYR I 37 27.56 8.01 26.08
CA TYR I 37 28.44 8.96 26.72
C TYR I 37 28.52 8.61 28.21
N ARG I 38 29.75 8.64 28.73
CA ARG I 38 30.01 8.53 30.15
C ARG I 38 30.33 9.90 30.74
N GLN I 39 29.63 10.23 31.84
CA GLN I 39 29.85 11.49 32.53
C GLN I 39 30.09 11.22 34.02
N TYR I 40 31.37 11.40 34.43
CA TYR I 40 31.73 11.42 35.83
C TYR I 40 31.12 12.64 36.51
N SER I 41 30.57 12.45 37.71
CA SER I 41 30.00 13.52 38.50
C SER I 41 30.93 14.73 38.45
N GLY I 42 30.38 15.89 38.05
CA GLY I 42 31.14 17.14 37.97
C GLY I 42 31.71 17.43 36.60
N LYS I 43 31.97 16.39 35.82
CA LYS I 43 32.81 16.49 34.64
C LYS I 43 31.96 16.54 33.37
N SER I 44 32.63 16.60 32.22
CA SER I 44 31.93 16.74 30.97
C SER I 44 31.54 15.37 30.42
N PRO I 45 30.54 15.27 29.52
CA PRO I 45 30.22 14.01 28.88
C PRO I 45 31.37 13.55 28.00
N GLU I 46 31.67 12.24 28.00
CA GLU I 46 32.83 11.70 27.29
C GLU I 46 32.35 10.51 26.47
N LEU I 47 32.76 10.40 25.21
CA LEU I 47 32.07 9.46 24.32
C LEU I 47 32.69 8.08 24.53
N ILE I 48 31.88 7.12 24.97
CA ILE I 48 32.35 5.75 25.15
C ILE I 48 32.29 5.00 23.84
N MET I 49 31.12 5.05 23.18
CA MET I 49 30.89 4.26 21.97
C MET I 49 29.81 4.88 21.08
N SER I 50 30.02 4.77 19.76
CA SER I 50 29.05 5.13 18.74
C SER I 50 28.61 3.87 18.02
N ILE I 51 27.35 3.79 17.62
CA ILE I 51 26.96 2.73 16.72
C ILE I 51 25.93 3.26 15.72
N TYR I 52 26.02 2.69 14.50
CA TYR I 52 25.17 3.11 13.39
C TYR I 52 24.48 1.91 12.71
N LEU I 53 25.20 0.81 12.55
CA LEU I 53 24.64 -0.38 11.94
C LEU I 53 23.98 -1.21 13.03
N ASN I 54 22.76 -1.66 12.73
CA ASN I 54 22.08 -2.70 13.46
C ASN I 54 23.05 -3.80 13.79
N GLY I 55 23.04 -4.27 15.04
CA GLY I 55 23.97 -5.31 15.38
C GLY I 55 24.66 -5.09 16.72
N LEU I 56 25.81 -5.72 16.78
CA LEU I 56 26.65 -5.78 17.95
C LEU I 56 27.95 -5.07 17.59
N LYS I 57 28.52 -4.33 18.52
CA LYS I 57 29.76 -3.64 18.24
C LYS I 57 30.58 -3.71 19.53
N GLU I 58 31.91 -3.87 19.40
CA GLU I 58 32.76 -4.28 20.51
C GLU I 58 34.06 -3.49 20.57
N ASP I 59 34.36 -2.85 21.69
CA ASP I 59 35.67 -2.23 21.89
C ASP I 59 36.12 -2.38 23.34
N GLY I 60 37.20 -3.14 23.54
CA GLY I 60 37.69 -3.43 24.88
C GLY I 60 36.60 -4.10 25.69
N ARG I 61 36.36 -3.59 26.91
CA ARG I 61 35.37 -4.17 27.80
C ARG I 61 33.93 -3.85 27.38
N PHE I 62 33.75 -3.08 26.31
CA PHE I 62 32.44 -2.50 26.08
C PHE I 62 31.80 -3.14 24.86
N THR I 63 30.50 -3.38 24.97
CA THR I 63 29.79 -3.84 23.80
C THR I 63 28.54 -3.00 23.68
N ALA I 64 28.21 -2.64 22.44
CA ALA I 64 26.95 -1.96 22.19
C ALA I 64 26.15 -2.83 21.23
N GLN I 65 24.83 -2.77 21.36
CA GLN I 65 23.94 -3.47 20.48
C GLN I 65 22.84 -2.50 20.08
N LEU I 66 22.58 -2.49 18.76
CA LEU I 66 21.55 -1.61 18.25
C LEU I 66 20.56 -2.49 17.53
N ASN I 67 19.29 -2.18 17.72
CA ASN I 67 18.22 -2.87 17.04
C ASN I 67 17.13 -1.86 16.66
N LYS I 68 17.15 -1.42 15.40
CA LYS I 68 16.37 -0.28 15.00
C LYS I 68 14.95 -0.75 14.76
N ALA I 69 14.81 -2.03 14.39
CA ALA I 69 13.50 -2.69 14.35
C ALA I 69 12.74 -2.47 15.66
N SER I 70 13.41 -2.60 16.83
CA SER I 70 12.75 -2.56 18.13
C SER I 70 13.07 -1.28 18.89
N GLN I 71 13.97 -0.49 18.30
CA GLN I 71 14.15 0.91 18.64
C GLN I 71 14.77 0.98 20.03
N TYR I 72 15.83 0.20 20.22
CA TYR I 72 16.57 0.23 21.48
C TYR I 72 18.05 0.18 21.11
N VAL I 73 18.85 0.79 21.96
CA VAL I 73 20.31 0.67 21.91
C VAL I 73 20.71 0.36 23.34
N SER I 74 21.78 -0.44 23.49
CA SER I 74 22.20 -0.94 24.80
C SER I 74 23.72 -0.97 24.90
N LEU I 75 24.22 -0.81 26.14
CA LEU I 75 25.65 -0.89 26.40
C LEU I 75 25.90 -1.95 27.49
N LEU I 76 26.94 -2.76 27.25
CA LEU I 76 27.43 -3.76 28.17
C LEU I 76 28.88 -3.47 28.61
N ILE I 77 29.10 -3.37 29.92
CA ILE I 77 30.47 -3.28 30.45
C ILE I 77 30.89 -4.60 31.12
N ARG I 78 31.82 -5.33 30.49
CA ARG I 78 32.48 -6.49 31.10
C ARG I 78 33.51 -6.04 32.13
N ASP I 79 33.57 -6.82 33.22
CA ASP I 79 34.62 -6.74 34.20
C ASP I 79 34.59 -5.34 34.84
N SER I 80 33.42 -5.00 35.43
CA SER I 80 33.16 -3.67 35.95
C SER I 80 34.24 -3.25 36.96
N GLN I 81 34.75 -2.02 36.79
CA GLN I 81 35.80 -1.48 37.65
C GLN I 81 35.23 -0.28 38.41
N PRO I 82 35.89 0.19 39.47
CA PRO I 82 35.31 1.26 40.27
C PRO I 82 35.25 2.53 39.45
N SER I 83 36.18 2.63 38.48
CA SER I 83 36.30 3.76 37.58
C SER I 83 35.08 3.89 36.67
N ASP I 84 34.38 2.78 36.38
CA ASP I 84 33.17 2.77 35.54
C ASP I 84 31.95 3.34 36.25
N SER I 85 32.04 3.59 37.57
CA SER I 85 30.95 4.24 38.27
C SER I 85 30.80 5.63 37.66
N ALA I 86 29.59 5.97 37.20
CA ALA I 86 29.31 7.24 36.51
C ALA I 86 27.87 7.29 36.04
N THR I 87 27.47 8.43 35.46
CA THR I 87 26.20 8.53 34.77
C THR I 87 26.49 8.26 33.31
N TYR I 88 25.63 7.46 32.65
CA TYR I 88 25.82 7.02 31.26
C TYR I 88 24.68 7.63 30.46
N LEU I 89 25.03 8.35 29.39
CA LEU I 89 24.05 9.09 28.58
C LEU I 89 23.84 8.44 27.22
N CYS I 90 22.57 8.20 26.90
CA CYS I 90 22.17 7.71 25.60
C CYS I 90 21.83 8.90 24.72
N ALA I 91 22.42 8.96 23.51
CA ALA I 91 22.08 10.00 22.56
C ALA I 91 21.74 9.38 21.22
N VAL I 92 20.64 9.85 20.61
CA VAL I 92 20.33 9.54 19.22
C VAL I 92 20.48 10.79 18.35
N GLY I 93 20.83 10.54 17.10
CA GLY I 93 20.71 11.53 16.04
C GLY I 93 19.47 11.26 15.18
N ASN I 94 18.47 12.15 15.33
CA ASN I 94 17.19 12.04 14.66
C ASN I 94 17.25 12.76 13.31
N HIS I 95 17.11 12.02 12.22
CA HIS I 95 17.27 12.60 10.91
C HIS I 95 15.99 13.28 10.43
N ASN I 96 14.89 12.99 11.11
CA ASN I 96 13.63 13.58 10.72
C ASN I 96 13.55 15.00 11.25
N THR I 97 14.19 15.27 12.40
CA THR I 97 14.12 16.59 13.02
C THR I 97 15.45 17.35 12.90
N GLY I 98 16.54 16.61 12.85
CA GLY I 98 17.82 17.19 12.51
C GLY I 98 18.44 18.04 13.61
N ASN I 99 17.89 18.05 14.84
CA ASN I 99 18.44 18.99 15.83
C ASN I 99 19.66 18.48 16.56
N MET I 100 20.76 18.24 15.83
CA MET I 100 21.97 17.69 16.40
C MET I 100 21.61 16.42 17.17
N LEU I 101 22.29 16.14 18.30
CA LEU I 101 22.03 14.91 19.03
C LEU I 101 20.99 15.18 20.10
N THR I 102 20.00 14.27 20.21
CA THR I 102 19.04 14.27 21.29
C THR I 102 19.44 13.28 22.40
N PHE I 103 19.44 13.74 23.65
CA PHE I 103 19.95 12.97 24.77
C PHE I 103 18.82 12.42 25.64
N GLY I 104 19.02 11.20 26.16
CA GLY I 104 18.18 10.69 27.23
C GLY I 104 18.58 11.29 28.56
N GLY I 105 17.80 10.98 29.60
CA GLY I 105 17.99 11.54 30.93
C GLY I 105 19.14 10.90 31.71
N GLY I 106 19.75 9.83 31.19
CA GLY I 106 20.95 9.26 31.81
C GLY I 106 20.63 8.20 32.88
N THR I 107 21.56 7.25 33.04
CA THR I 107 21.45 6.23 34.08
C THR I 107 22.75 6.25 34.87
N ARG I 108 22.63 6.35 36.19
CA ARG I 108 23.80 6.27 37.04
C ARG I 108 24.09 4.84 37.46
N LEU I 109 25.37 4.47 37.34
CA LEU I 109 25.84 3.12 37.58
C LEU I 109 26.78 3.18 38.78
N MET I 110 26.49 2.39 39.82
CA MET I 110 27.35 2.31 40.99
C MET I 110 28.05 0.96 41.01
N VAL I 111 29.36 0.91 40.71
CA VAL I 111 30.12 -0.34 40.79
C VAL I 111 30.55 -0.56 42.22
N LYS I 112 29.90 -1.50 42.93
CA LYS I 112 30.20 -1.77 44.34
C LYS I 112 31.32 -2.83 44.44
N PRO I 113 32.34 -2.56 45.29
CA PRO I 113 33.47 -3.49 45.46
C PRO I 113 33.14 -4.44 46.61
N HIS I 114 33.78 -5.61 46.65
CA HIS I 114 33.51 -6.60 47.68
C HIS I 114 34.21 -6.18 48.96
N ILE I 115 33.43 -5.81 49.98
CA ILE I 115 34.05 -5.44 51.25
C ILE I 115 34.51 -6.74 51.88
N GLN I 116 35.85 -6.89 51.94
CA GLN I 116 36.54 -8.10 52.38
C GLN I 116 36.06 -8.53 53.77
N ASN I 117 36.30 -7.68 54.80
CA ASN I 117 36.06 -8.00 56.19
C ASN I 117 35.18 -6.92 56.82
N PRO I 118 33.85 -7.03 56.67
CA PRO I 118 32.91 -6.04 57.22
C PRO I 118 32.97 -5.84 58.74
N ASP I 119 33.44 -4.65 59.18
CA ASP I 119 33.60 -4.32 60.60
C ASP I 119 32.80 -3.06 60.94
N PRO I 120 31.44 -3.11 60.89
CA PRO I 120 30.60 -1.92 61.07
C PRO I 120 30.82 -1.22 62.41
N ALA I 121 31.51 -0.06 62.36
CA ALA I 121 31.90 0.66 63.55
C ALA I 121 31.56 2.14 63.38
N VAL I 122 30.90 2.73 64.39
CA VAL I 122 30.79 4.19 64.49
C VAL I 122 31.96 4.71 65.33
N TYR I 123 32.50 5.84 64.90
CA TYR I 123 33.59 6.51 65.60
C TYR I 123 33.13 7.95 65.83
N GLN I 124 34.07 8.79 66.30
CA GLN I 124 33.83 10.19 66.58
C GLN I 124 35.19 10.89 66.58
N LEU I 125 35.17 12.16 66.17
CA LEU I 125 36.35 12.92 65.83
C LEU I 125 36.08 14.33 66.33
N ARG I 126 37.11 15.09 66.74
CA ARG I 126 36.84 16.39 67.33
C ARG I 126 37.72 17.44 66.67
N ASP I 127 37.14 18.62 66.41
CA ASP I 127 37.76 19.69 65.62
C ASP I 127 39.24 19.77 65.94
N SER I 128 40.12 19.70 64.91
CA SER I 128 41.57 19.74 65.12
C SER I 128 42.04 21.17 65.45
N LYS I 129 41.11 22.11 65.70
CA LYS I 129 41.42 23.41 66.27
C LYS I 129 40.63 23.64 67.55
N SER I 130 39.30 23.83 67.46
CA SER I 130 38.49 24.21 68.62
C SER I 130 38.53 23.12 69.71
N SER I 131 38.79 21.86 69.29
CA SER I 131 38.69 20.66 70.12
C SER I 131 37.27 20.51 70.69
N ASP I 132 36.28 21.23 70.12
CA ASP I 132 34.92 21.30 70.67
C ASP I 132 33.97 20.62 69.68
N LYS I 133 33.97 21.09 68.43
CA LYS I 133 33.12 20.54 67.37
C LYS I 133 33.44 19.05 67.16
N SER I 134 32.36 18.28 66.92
CA SER I 134 32.44 16.83 66.77
C SER I 134 31.57 16.32 65.61
N VAL I 135 32.12 15.35 64.86
CA VAL I 135 31.50 14.72 63.70
C VAL I 135 31.55 13.20 63.91
N CYS I 136 30.48 12.50 63.49
CA CYS I 136 30.46 11.04 63.54
C CYS I 136 30.91 10.48 62.18
N LEU I 137 31.35 9.21 62.16
CA LEU I 137 31.79 8.51 60.94
C LEU I 137 31.46 7.02 61.06
N PHE I 138 30.42 6.57 60.35
CA PHE I 138 30.16 5.17 60.07
C PHE I 138 31.17 4.68 59.03
N THR I 139 31.92 3.59 59.30
CA THR I 139 33.00 3.16 58.42
C THR I 139 33.17 1.64 58.48
N ASP I 140 33.81 1.08 57.45
CA ASP I 140 34.13 -0.34 57.35
C ASP I 140 32.89 -1.23 57.24
N PHE I 141 31.70 -0.68 56.97
CA PHE I 141 30.54 -1.54 56.75
C PHE I 141 30.66 -2.14 55.36
N ASP I 142 29.70 -3.02 55.00
CA ASP I 142 29.77 -3.73 53.74
C ASP I 142 28.92 -3.01 52.70
N SER I 143 29.22 -3.32 51.43
CA SER I 143 28.68 -2.64 50.26
C SER I 143 27.18 -2.84 50.12
N GLN I 144 26.55 -3.66 50.98
CA GLN I 144 25.11 -3.84 50.91
C GLN I 144 24.40 -2.98 51.96
N THR I 145 25.13 -2.43 52.94
CA THR I 145 24.54 -1.57 53.95
C THR I 145 24.11 -0.24 53.33
N ASN I 146 22.85 0.15 53.55
CA ASN I 146 22.30 1.45 53.15
C ASN I 146 22.25 2.42 54.32
N VAL I 147 22.88 3.59 54.18
CA VAL I 147 22.81 4.64 55.19
C VAL I 147 21.48 5.38 55.02
N SER I 148 20.83 5.71 56.15
CA SER I 148 19.51 6.31 56.15
C SER I 148 19.63 7.80 56.41
N GLN I 149 18.57 8.56 56.09
CA GLN I 149 18.58 10.00 56.30
C GLN I 149 17.78 10.35 57.56
N ASP I 152 15.74 14.20 60.48
CA ASP I 152 15.73 15.39 61.38
C ASP I 152 16.35 16.59 60.66
N SER I 153 15.94 17.81 61.07
CA SER I 153 16.45 19.05 60.49
C SER I 153 17.95 19.19 60.74
N ASP I 154 18.36 19.02 62.00
CA ASP I 154 19.69 19.39 62.46
C ASP I 154 20.57 18.16 62.68
N VAL I 155 20.12 17.00 62.21
CA VAL I 155 20.99 15.83 62.09
C VAL I 155 21.35 15.72 60.61
N TYR I 156 22.61 16.10 60.30
CA TYR I 156 23.13 16.10 58.95
C TYR I 156 23.95 14.83 58.67
N ILE I 157 23.42 13.97 57.78
CA ILE I 157 23.98 12.67 57.42
C ILE I 157 24.33 12.68 55.93
N THR I 158 25.59 12.36 55.57
CA THR I 158 25.94 12.27 54.16
C THR I 158 25.47 10.95 53.54
N ASP I 159 25.57 10.87 52.21
CA ASP I 159 25.53 9.61 51.51
C ASP I 159 26.85 8.87 51.78
N LYS I 160 26.92 7.59 51.39
CA LYS I 160 28.10 6.78 51.63
C LYS I 160 29.10 7.03 50.52
N CYS I 161 30.38 6.76 50.76
CA CYS I 161 31.38 6.90 49.72
C CYS I 161 32.63 6.04 50.01
N VAL I 162 33.24 5.52 48.94
CA VAL I 162 34.20 4.43 49.06
C VAL I 162 35.60 4.92 48.70
N LEU I 163 36.53 4.77 49.65
CA LEU I 163 37.91 5.22 49.51
C LEU I 163 38.77 3.99 49.23
N ASP I 164 39.94 4.23 48.62
CA ASP I 164 40.82 3.16 48.20
C ASP I 164 42.28 3.45 48.60
N MET I 165 42.71 2.92 49.75
CA MET I 165 44.13 2.87 50.11
C MET I 165 44.84 1.94 49.14
N ARG I 166 45.62 2.50 48.21
CA ARG I 166 46.17 1.76 47.07
C ARG I 166 47.30 0.82 47.50
N SER I 167 48.15 1.27 48.45
CA SER I 167 49.32 0.50 48.86
C SER I 167 48.94 -0.69 49.75
N MET I 168 47.64 -1.02 49.82
CA MET I 168 47.16 -2.17 50.58
C MET I 168 45.98 -2.84 49.89
N ASP I 169 45.68 -2.44 48.64
CA ASP I 169 44.48 -2.88 47.93
C ASP I 169 43.29 -2.95 48.91
N PHE I 170 43.12 -1.88 49.72
CA PHE I 170 42.08 -1.79 50.72
C PHE I 170 41.08 -0.69 50.33
N LYS I 171 39.79 -0.97 50.60
CA LYS I 171 38.69 -0.08 50.32
C LYS I 171 37.75 -0.08 51.51
N SER I 172 37.49 1.08 52.11
CA SER I 172 36.41 1.20 53.08
C SER I 172 35.22 1.89 52.41
N ASN I 173 34.00 1.52 52.80
CA ASN I 173 32.86 2.42 52.72
C ASN I 173 32.85 3.30 53.97
N SER I 174 32.29 4.51 53.85
CA SER I 174 32.27 5.52 54.90
C SER I 174 31.05 6.44 54.73
N ALA I 175 30.55 7.04 55.81
CA ALA I 175 29.47 8.03 55.72
C ALA I 175 29.43 8.96 56.94
N VAL I 176 29.65 10.27 56.74
CA VAL I 176 29.79 11.19 57.86
C VAL I 176 28.43 11.80 58.23
N ALA I 177 28.34 12.23 59.50
CA ALA I 177 27.18 12.91 60.03
C ALA I 177 27.66 13.85 61.15
N TRP I 178 26.91 14.95 61.34
CA TRP I 178 27.22 15.92 62.37
C TRP I 178 25.94 16.62 62.81
N SER I 179 26.05 17.25 63.97
CA SER I 179 25.11 18.26 64.45
C SER I 179 25.86 19.11 65.47
N ASN I 180 25.68 20.44 65.40
CA ASN I 180 26.40 21.37 66.26
C ASN I 180 25.70 21.45 67.61
N LYS I 181 24.38 21.21 67.63
CA LYS I 181 23.71 20.85 68.86
C LYS I 181 24.43 19.67 69.51
N ALA I 185 24.30 13.63 70.14
CA ALA I 185 24.72 12.32 70.71
C ALA I 185 24.99 11.25 69.62
N CYS I 186 26.28 10.85 69.53
CA CYS I 186 26.95 10.33 68.33
C CYS I 186 26.55 8.89 67.99
N ALA I 187 26.75 8.00 68.97
CA ALA I 187 26.83 6.55 68.79
C ALA I 187 25.67 6.00 67.94
N ASN I 188 24.43 6.51 68.12
CA ASN I 188 23.27 5.95 67.40
C ASN I 188 22.70 6.97 66.43
N ALA I 189 23.59 7.77 65.84
CA ALA I 189 23.21 8.80 64.88
C ALA I 189 22.56 8.18 63.64
N PHE I 190 22.91 6.92 63.31
CA PHE I 190 22.62 6.32 62.01
C PHE I 190 21.44 5.33 62.05
N ASN I 191 20.26 5.80 62.46
CA ASN I 191 19.08 4.95 62.60
C ASN I 191 17.95 5.49 61.72
N GLY J 4 40.36 19.76 22.52
CA GLY J 4 40.17 20.55 21.29
C GLY J 4 38.93 21.46 21.27
N VAL J 5 38.07 21.37 22.28
CA VAL J 5 37.00 22.34 22.47
C VAL J 5 37.21 23.06 23.81
N THR J 6 37.52 24.34 23.72
CA THR J 6 37.81 25.14 24.89
C THR J 6 36.61 26.03 25.21
N GLN J 7 36.05 25.77 26.38
CA GLN J 7 34.87 26.47 26.84
C GLN J 7 35.28 27.26 28.08
N THR J 8 34.77 28.49 28.28
CA THR J 8 35.13 29.27 29.45
C THR J 8 33.93 30.13 29.89
N PRO J 9 33.78 30.43 31.20
CA PRO J 9 34.63 29.92 32.27
C PRO J 9 34.09 28.65 32.92
N LYS J 10 34.87 28.07 33.84
CA LYS J 10 34.47 26.81 34.43
C LYS J 10 33.29 27.08 35.38
N PHE J 11 33.39 28.15 36.19
CA PHE J 11 32.33 28.52 37.13
C PHE J 11 31.93 29.98 36.94
N GLN J 12 30.68 30.31 37.35
CA GLN J 12 30.18 31.68 37.28
C GLN J 12 28.92 31.88 38.13
N VAL J 13 28.96 32.90 39.00
CA VAL J 13 27.77 33.35 39.73
C VAL J 13 27.33 34.67 39.10
N LEU J 14 26.02 34.97 39.12
CA LEU J 14 25.46 36.16 38.48
C LEU J 14 24.24 36.65 39.23
N LYS J 15 24.00 37.98 39.15
CA LYS J 15 22.86 38.61 39.77
C LYS J 15 21.73 38.55 38.75
N THR J 16 20.51 38.19 39.21
CA THR J 16 19.35 38.27 38.33
C THR J 16 19.47 39.56 37.54
N GLY J 17 19.19 39.52 36.24
CA GLY J 17 19.23 40.74 35.45
C GLY J 17 20.59 40.97 34.79
N GLN J 18 21.69 40.47 35.38
CA GLN J 18 22.98 40.59 34.72
C GLN J 18 22.99 39.86 33.37
N SER J 19 24.04 40.15 32.62
CA SER J 19 24.31 39.48 31.37
C SER J 19 25.74 38.94 31.42
N MET J 20 26.02 38.03 30.49
CA MET J 20 27.10 37.07 30.63
C MET J 20 27.27 36.39 29.28
N THR J 21 28.55 36.19 28.91
CA THR J 21 28.89 35.49 27.68
C THR J 21 29.86 34.34 27.96
N LEU J 22 29.38 33.10 27.78
CA LEU J 22 30.22 31.91 27.85
C LEU J 22 30.97 31.85 26.54
N GLN J 23 32.23 31.41 26.60
CA GLN J 23 33.09 31.35 25.44
C GLN J 23 33.27 29.89 25.02
N CYS J 24 33.32 29.64 23.70
CA CYS J 24 33.65 28.32 23.20
C CYS J 24 34.43 28.38 21.89
N ALA J 25 35.51 27.60 21.86
CA ALA J 25 36.46 27.60 20.77
C ALA J 25 36.89 26.18 20.41
N GLN J 26 37.09 25.93 19.11
CA GLN J 26 37.44 24.61 18.63
C GLN J 26 38.50 24.64 17.55
N ASP J 27 39.58 23.89 17.82
CA ASP J 27 40.74 23.80 16.94
C ASP J 27 40.49 22.84 15.77
N MET J 28 39.41 22.04 15.80
CA MET J 28 39.20 20.98 14.82
C MET J 28 38.70 21.52 13.49
N ASN J 29 38.28 22.78 13.48
CA ASN J 29 37.81 23.38 12.24
C ASN J 29 36.67 22.57 11.64
N TYR J 30 35.65 22.23 12.46
CA TYR J 30 34.50 21.48 11.99
C TYR J 30 33.35 22.44 11.76
N GLU J 31 32.39 22.09 10.91
CA GLU J 31 31.30 23.00 10.60
C GLU J 31 30.34 23.26 11.77
N TYR J 32 30.01 22.25 12.55
CA TYR J 32 28.82 22.31 13.40
C TYR J 32 29.24 22.63 14.84
N MET J 33 28.42 23.40 15.55
CA MET J 33 28.68 23.74 16.94
C MET J 33 27.33 23.90 17.66
N SER J 34 27.31 23.65 18.98
CA SER J 34 26.07 23.51 19.73
C SER J 34 26.28 23.98 21.16
N TRP J 35 25.19 24.35 21.82
CA TRP J 35 25.16 24.62 23.24
C TRP J 35 24.04 23.81 23.84
N TYR J 36 24.41 22.95 24.79
CA TYR J 36 23.44 22.24 25.59
C TYR J 36 23.53 22.75 27.02
N ARG J 37 22.40 22.70 27.72
CA ARG J 37 22.39 22.86 29.16
C ARG J 37 21.95 21.55 29.80
N GLN J 38 22.34 21.36 31.05
CA GLN J 38 22.04 20.10 31.72
C GLN J 38 21.64 20.47 33.13
N ASP J 39 20.37 20.26 33.46
CA ASP J 39 19.99 20.42 34.85
C ASP J 39 20.06 19.07 35.54
N PRO J 40 20.37 19.02 36.86
CA PRO J 40 20.15 17.78 37.62
C PRO J 40 18.68 17.41 37.40
N GLY J 41 18.43 16.13 37.06
CA GLY J 41 17.05 15.66 36.84
C GLY J 41 16.57 15.76 35.40
N MET J 42 17.49 16.10 34.49
CA MET J 42 17.34 15.81 33.07
C MET J 42 18.70 15.41 32.56
N GLY J 43 18.75 15.00 31.29
CA GLY J 43 19.99 14.98 30.55
C GLY J 43 20.24 16.36 29.97
N LEU J 44 21.07 16.35 28.93
CA LEU J 44 21.38 17.56 28.20
C LEU J 44 20.16 17.97 27.38
N ARG J 45 19.87 19.27 27.27
CA ARG J 45 18.90 19.82 26.33
C ARG J 45 19.58 20.85 25.43
N LEU J 46 19.21 20.83 24.14
CA LEU J 46 19.85 21.69 23.14
C LEU J 46 19.29 23.11 23.25
N ILE J 47 20.17 24.10 23.44
CA ILE J 47 19.79 25.50 23.47
C ILE J 47 19.76 26.05 22.04
N HIS J 48 20.96 26.16 21.42
CA HIS J 48 21.14 26.68 20.07
C HIS J 48 22.30 25.91 19.39
N TYR J 49 22.29 25.90 18.05
CA TYR J 49 23.40 25.34 17.31
C TYR J 49 23.67 26.14 16.05
N SER J 50 24.80 25.86 15.40
CA SER J 50 25.21 26.58 14.21
C SER J 50 25.81 25.59 13.22
N VAL J 51 25.22 25.56 12.03
CA VAL J 51 25.57 24.59 11.03
C VAL J 51 26.89 24.97 10.40
N SER J 52 27.08 26.26 10.10
CA SER J 52 28.42 26.74 9.82
C SER J 52 28.56 28.23 10.11
N ALA J 53 29.81 28.72 9.94
CA ALA J 53 30.16 30.13 10.01
C ALA J 53 29.06 30.91 9.30
N GLY J 54 28.43 31.84 10.02
CA GLY J 54 27.41 32.69 9.45
C GLY J 54 26.01 32.17 9.67
N LEU J 55 25.83 31.01 10.31
CA LEU J 55 24.48 30.46 10.42
C LEU J 55 24.19 30.03 11.85
N THR J 56 22.92 30.09 12.26
CA THR J 56 22.50 29.61 13.56
C THR J 56 21.07 29.13 13.48
N ASP J 57 20.73 28.24 14.43
CA ASP J 57 19.41 27.64 14.52
C ASP J 57 19.07 27.45 16.00
N GLN J 58 17.78 27.43 16.27
CA GLN J 58 17.26 27.24 17.60
C GLN J 58 17.23 25.75 17.92
N GLY J 59 17.32 25.45 19.21
CA GLY J 59 17.20 24.09 19.69
C GLY J 59 15.93 23.95 20.50
N GLU J 60 15.95 23.02 21.44
CA GLU J 60 14.79 22.64 22.20
C GLU J 60 14.38 23.76 23.14
N VAL J 61 15.37 24.47 23.70
CA VAL J 61 15.16 25.39 24.81
C VAL J 61 16.00 26.64 24.48
N PRO J 62 15.58 27.45 23.47
CA PRO J 62 16.36 28.61 23.05
C PRO J 62 16.17 29.82 23.96
N ASN J 63 15.05 29.84 24.69
CA ASN J 63 14.54 31.07 25.30
C ASN J 63 15.40 31.52 26.47
N GLY J 64 15.99 32.72 26.32
CA GLY J 64 16.85 33.37 27.30
C GLY J 64 18.26 33.59 26.72
N TYR J 65 18.48 33.05 25.53
CA TYR J 65 19.83 32.80 25.07
C TYR J 65 19.98 33.31 23.64
N ASN J 66 21.15 33.89 23.36
CA ASN J 66 21.47 34.31 22.01
C ASN J 66 22.85 33.75 21.68
N VAL J 67 23.02 33.43 20.40
CA VAL J 67 24.27 32.90 19.91
C VAL J 67 24.62 33.66 18.65
N SER J 68 25.90 33.61 18.28
CA SER J 68 26.28 34.03 16.94
C SER J 68 27.48 33.18 16.51
N ARG J 69 27.61 33.01 15.19
CA ARG J 69 28.73 32.28 14.63
C ARG J 69 29.42 33.09 13.53
N SER J 70 30.34 33.96 13.93
CA SER J 70 31.09 34.79 13.00
C SER J 70 32.21 33.97 12.37
N THR J 71 33.04 33.35 13.22
CA THR J 71 34.10 32.47 12.80
C THR J 71 33.67 31.00 12.87
N THR J 72 34.46 30.16 12.23
CA THR J 72 34.31 28.73 12.37
C THR J 72 34.69 28.33 13.79
N GLU J 73 35.70 29.00 14.32
CA GLU J 73 36.44 28.52 15.49
C GLU J 73 35.59 28.70 16.75
N ASP J 74 34.75 29.75 16.80
CA ASP J 74 34.17 30.20 18.06
C ASP J 74 32.67 30.31 17.96
N PHE J 75 32.00 30.13 19.08
CA PHE J 75 30.55 30.04 19.10
C PHE J 75 30.08 30.42 20.49
N PRO J 76 30.04 31.73 20.81
CA PRO J 76 29.71 32.18 22.15
C PRO J 76 28.22 32.08 22.41
N LEU J 77 27.92 31.81 23.68
CA LEU J 77 26.56 31.78 24.16
C LEU J 77 26.45 32.99 25.08
N ARG J 78 25.33 33.70 24.92
CA ARG J 78 25.11 34.99 25.53
C ARG J 78 23.80 34.87 26.32
N LEU J 79 23.91 35.05 27.63
CA LEU J 79 22.75 35.18 28.49
C LEU J 79 22.42 36.66 28.54
N LEU J 80 21.17 37.00 28.16
CA LEU J 80 20.77 38.37 27.96
C LEU J 80 20.55 39.01 29.34
N SER J 81 19.51 38.54 30.02
CA SER J 81 19.11 39.01 31.33
C SER J 81 18.86 37.80 32.20
N ALA J 82 19.84 37.51 33.10
CA ALA J 82 19.89 36.26 33.84
C ALA J 82 18.64 36.07 34.72
N ALA J 83 18.14 34.83 34.75
CA ALA J 83 17.04 34.44 35.63
C ALA J 83 17.39 33.16 36.36
N PRO J 84 16.82 32.92 37.56
CA PRO J 84 17.14 31.71 38.34
C PRO J 84 17.02 30.43 37.52
N SER J 85 16.00 30.38 36.66
CA SER J 85 15.80 29.23 35.79
C SER J 85 17.05 28.90 34.97
N GLN J 86 17.93 29.88 34.70
CA GLN J 86 19.09 29.65 33.86
C GLN J 86 20.29 29.15 34.68
N THR J 87 20.09 28.99 36.00
CA THR J 87 21.03 28.24 36.81
C THR J 87 21.09 26.80 36.32
N SER J 88 22.26 26.37 35.83
CA SER J 88 22.41 25.12 35.11
C SER J 88 23.89 24.87 34.79
N VAL J 89 24.23 23.73 34.18
CA VAL J 89 25.56 23.50 33.64
C VAL J 89 25.46 23.48 32.12
N TYR J 90 26.37 24.23 31.47
CA TYR J 90 26.29 24.49 30.05
C TYR J 90 27.46 23.77 29.39
N PHE J 91 27.20 22.99 28.35
CA PHE J 91 28.26 22.39 27.56
C PHE J 91 28.17 22.80 26.09
N CYS J 92 29.32 23.18 25.59
CA CYS J 92 29.50 23.54 24.21
C CYS J 92 29.92 22.27 23.51
N ALA J 93 29.59 22.08 22.24
CA ALA J 93 30.25 21.02 21.51
C ALA J 93 30.53 21.39 20.06
N SER J 94 31.44 20.63 19.45
CA SER J 94 31.72 20.67 18.03
C SER J 94 31.41 19.31 17.41
N HIS J 95 30.98 19.31 16.14
CA HIS J 95 30.58 18.11 15.42
C HIS J 95 30.97 18.19 13.93
N ARG J 96 31.44 17.07 13.34
CA ARG J 96 31.78 17.02 11.92
C ARG J 96 30.57 17.05 11.01
N ASN J 97 29.53 16.29 11.36
CA ASN J 97 28.27 16.24 10.64
C ASN J 97 27.18 16.58 11.64
N ARG J 98 25.98 16.89 11.14
CA ARG J 98 24.86 17.22 11.99
C ARG J 98 24.57 16.06 12.95
N LEU J 99 24.59 14.83 12.41
CA LEU J 99 24.13 13.69 13.19
C LEU J 99 25.25 12.72 13.65
N THR J 100 26.51 13.17 13.71
CA THR J 100 27.57 12.32 14.26
C THR J 100 28.02 12.81 15.64
N GLU J 101 29.22 12.36 16.05
CA GLU J 101 29.77 12.50 17.40
C GLU J 101 29.83 13.98 17.82
N ALA J 102 29.20 14.29 18.95
CA ALA J 102 29.41 15.53 19.68
C ALA J 102 30.68 15.45 20.52
N PHE J 103 31.63 16.37 20.30
CA PHE J 103 32.78 16.56 21.18
C PHE J 103 32.55 17.78 22.07
N PHE J 104 32.37 17.52 23.37
CA PHE J 104 32.01 18.57 24.29
C PHE J 104 33.22 19.27 24.91
N GLY J 105 32.98 20.49 25.43
CA GLY J 105 33.91 21.22 26.24
C GLY J 105 33.76 20.84 27.71
N GLN J 106 34.56 21.49 28.57
CA GLN J 106 34.74 21.10 29.95
C GLN J 106 33.50 21.50 30.75
N GLY J 107 32.75 22.45 30.21
CA GLY J 107 31.48 22.82 30.81
C GLY J 107 31.59 24.09 31.64
N THR J 108 30.47 24.78 31.76
CA THR J 108 30.36 25.96 32.60
C THR J 108 29.23 25.71 33.58
N ARG J 109 29.56 25.79 34.87
CA ARG J 109 28.57 25.68 35.91
C ARG J 109 28.21 27.10 36.33
N LEU J 110 26.92 27.44 36.30
CA LEU J 110 26.48 28.83 36.41
C LEU J 110 25.26 28.90 37.32
N THR J 111 25.42 29.57 38.47
CA THR J 111 24.31 29.91 39.36
C THR J 111 23.93 31.38 39.24
N VAL J 112 22.63 31.67 39.03
CA VAL J 112 22.17 33.04 39.09
C VAL J 112 21.36 33.21 40.37
N VAL J 113 21.60 34.32 41.09
CA VAL J 113 21.01 34.61 42.38
C VAL J 113 20.28 35.94 42.35
N GLU J 114 19.23 36.00 43.17
CA GLU J 114 18.46 37.21 43.41
C GLU J 114 19.39 38.34 43.85
N ASP J 115 20.22 38.04 44.85
CA ASP J 115 20.96 39.07 45.56
C ASP J 115 22.34 38.51 45.92
N LEU J 116 23.41 39.28 45.67
CA LEU J 116 24.75 38.74 45.93
C LEU J 116 25.06 38.62 47.42
N LYS J 117 24.15 39.09 48.30
CA LYS J 117 24.32 38.95 49.74
C LYS J 117 24.30 37.47 50.13
N ASN J 118 23.65 36.64 49.29
CA ASN J 118 23.49 35.22 49.51
C ASN J 118 24.72 34.43 49.12
N VAL J 119 25.78 35.07 48.63
CA VAL J 119 27.03 34.38 48.35
C VAL J 119 27.90 34.36 49.59
N PHE J 120 28.44 33.19 49.95
CA PHE J 120 29.39 33.04 51.03
C PHE J 120 30.48 32.06 50.61
N PRO J 121 31.73 32.18 51.14
CA PRO J 121 32.75 31.15 50.94
C PRO J 121 32.52 30.03 51.94
N PRO J 122 33.39 29.01 51.98
CA PRO J 122 33.21 27.88 52.90
C PRO J 122 34.02 28.05 54.18
N GLU J 123 33.44 27.57 55.28
CA GLU J 123 34.19 27.43 56.53
C GLU J 123 34.67 25.99 56.65
N VAL J 124 35.99 25.81 56.55
CA VAL J 124 36.61 24.50 56.50
C VAL J 124 37.14 24.12 57.88
N ALA J 125 37.03 22.84 58.22
CA ALA J 125 37.39 22.34 59.54
C ALA J 125 37.80 20.87 59.45
N VAL J 126 39.09 20.57 59.63
CA VAL J 126 39.54 19.19 59.67
C VAL J 126 39.13 18.56 61.01
N PHE J 127 38.55 17.36 60.95
CA PHE J 127 38.23 16.56 62.13
C PHE J 127 39.26 15.43 62.28
N GLU J 128 39.45 14.99 63.52
CA GLU J 128 40.62 14.21 63.88
C GLU J 128 40.25 12.77 64.20
N PRO J 129 41.00 11.77 63.66
CA PRO J 129 40.73 10.33 63.86
C PRO J 129 40.33 9.86 65.26
N SER J 130 39.29 9.02 65.34
CA SER J 130 38.94 8.38 66.59
C SER J 130 40.14 7.59 67.09
N GLU J 131 40.39 7.60 68.42
CA GLU J 131 41.38 6.74 69.07
C GLU J 131 40.93 5.28 68.95
N ALA J 132 39.61 5.07 69.10
CA ALA J 132 38.99 3.76 68.96
C ALA J 132 39.39 3.12 67.63
N GLU J 133 39.13 3.83 66.53
CA GLU J 133 39.42 3.37 65.19
C GLU J 133 40.93 3.21 64.95
N ILE J 134 41.82 3.88 65.73
CA ILE J 134 43.26 3.79 65.50
C ILE J 134 43.81 2.42 65.95
N SER J 135 43.22 1.84 67.00
CA SER J 135 43.68 0.58 67.56
C SER J 135 42.93 -0.60 66.95
N HIS J 136 41.59 -0.45 66.80
CA HIS J 136 40.66 -1.48 66.32
C HIS J 136 40.94 -1.87 64.87
N THR J 137 41.75 -1.06 64.15
CA THR J 137 41.91 -1.18 62.70
C THR J 137 43.33 -0.85 62.23
N GLN J 138 44.13 -0.12 63.03
CA GLN J 138 45.42 0.41 62.57
C GLN J 138 45.23 1.20 61.28
N LYS J 139 44.20 2.05 61.28
CA LYS J 139 43.81 2.89 60.15
C LYS J 139 43.10 4.11 60.72
N ALA J 140 43.53 5.31 60.31
CA ALA J 140 43.02 6.55 60.87
C ALA J 140 42.34 7.37 59.78
N THR J 141 41.02 7.57 59.92
CA THR J 141 40.21 8.35 58.98
C THR J 141 40.11 9.79 59.47
N LEU J 142 40.83 10.70 58.76
CA LEU J 142 40.67 12.13 58.85
C LEU J 142 39.41 12.49 58.06
N VAL J 143 38.53 13.31 58.66
CA VAL J 143 37.37 13.88 57.99
C VAL J 143 37.71 15.34 57.68
N CYS J 144 37.18 15.87 56.56
CA CYS J 144 37.15 17.30 56.31
C CYS J 144 35.71 17.76 56.08
N LEU J 145 35.37 18.97 56.54
CA LEU J 145 34.00 19.45 56.45
C LEU J 145 34.03 20.94 56.11
N ALA J 146 33.48 21.29 54.94
CA ALA J 146 33.37 22.67 54.47
C ALA J 146 31.92 23.12 54.59
N THR J 147 31.68 24.22 55.31
CA THR J 147 30.34 24.64 55.72
C THR J 147 29.98 25.99 55.10
N GLY J 148 28.65 26.19 55.01
CA GLY J 148 28.04 27.50 54.77
C GLY J 148 28.58 28.21 53.52
N PHE J 149 28.55 27.52 52.38
CA PHE J 149 28.99 28.13 51.13
C PHE J 149 27.81 28.18 50.16
N TYR J 150 27.94 29.10 49.19
CA TYR J 150 26.98 29.31 48.13
C TYR J 150 27.53 30.28 47.10
N PRO J 151 27.53 29.95 45.78
CA PRO J 151 26.88 28.76 45.22
C PRO J 151 27.76 27.52 45.36
N ASP J 152 27.27 26.31 45.03
CA ASP J 152 28.11 25.13 45.23
C ASP J 152 29.11 25.03 44.10
N HIS J 153 30.08 25.94 44.13
CA HIS J 153 31.18 26.00 43.20
C HIS J 153 32.47 25.81 43.99
N VAL J 154 32.94 24.57 44.11
CA VAL J 154 33.90 24.14 45.12
C VAL J 154 34.75 23.01 44.53
N GLU J 155 36.06 22.96 44.88
CA GLU J 155 36.92 21.81 44.56
C GLU J 155 37.85 21.47 45.73
N LEU J 156 37.51 20.37 46.41
CA LEU J 156 38.12 19.98 47.68
C LEU J 156 39.29 19.04 47.38
N SER J 157 40.48 19.38 47.90
CA SER J 157 41.67 18.55 47.74
C SER J 157 42.31 18.23 49.08
N TRP J 158 42.99 17.06 49.17
CA TRP J 158 43.85 16.74 50.30
C TRP J 158 45.30 16.94 49.87
N TRP J 159 46.08 17.66 50.69
CA TRP J 159 47.52 17.80 50.50
C TRP J 159 48.26 17.26 51.73
N VAL J 160 49.28 16.42 51.49
CA VAL J 160 50.05 15.78 52.54
C VAL J 160 51.51 16.24 52.41
N ASN J 161 51.91 17.09 53.38
CA ASN J 161 53.20 17.76 53.31
C ASN J 161 53.25 18.59 52.03
N GLY J 162 52.28 19.50 51.88
CA GLY J 162 52.21 20.42 50.75
C GLY J 162 52.31 19.71 49.40
N LYS J 163 51.75 18.49 49.32
CA LYS J 163 51.72 17.72 48.09
C LYS J 163 50.37 17.02 47.99
N GLU J 164 49.73 17.06 46.80
CA GLU J 164 48.35 16.63 46.67
C GLU J 164 48.29 15.11 46.57
N VAL J 165 47.43 14.48 47.39
CA VAL J 165 47.23 13.03 47.37
C VAL J 165 45.87 12.71 46.75
N HIS J 166 45.72 11.49 46.24
CA HIS J 166 44.43 10.92 45.85
C HIS J 166 44.18 9.59 46.55
N SER J 167 45.20 8.71 46.67
CA SER J 167 45.08 7.47 47.41
C SER J 167 44.50 7.71 48.82
N GLY J 168 43.58 6.82 49.22
CA GLY J 168 42.88 6.90 50.49
C GLY J 168 41.71 7.90 50.53
N VAL J 169 41.39 8.58 49.42
CA VAL J 169 40.53 9.76 49.47
C VAL J 169 39.13 9.44 48.94
N CYS J 170 38.15 10.22 49.44
CA CYS J 170 36.76 10.06 49.01
C CYS J 170 35.91 11.26 49.41
N THR J 171 35.69 12.21 48.49
CA THR J 171 34.82 13.36 48.76
C THR J 171 33.37 12.94 48.55
N ASP J 172 32.42 13.63 49.17
CA ASP J 172 31.02 13.48 48.81
C ASP J 172 30.86 13.84 47.34
N PRO J 173 29.84 13.27 46.65
CA PRO J 173 29.61 13.61 45.23
C PRO J 173 28.89 14.96 45.10
N GLN J 174 27.73 15.08 45.75
CA GLN J 174 27.06 16.35 45.87
C GLN J 174 27.20 16.85 47.30
N PRO J 175 27.06 18.17 47.53
CA PRO J 175 26.89 18.72 48.87
C PRO J 175 25.49 18.62 49.48
N LEU J 176 25.37 18.91 50.80
CA LEU J 176 24.11 18.86 51.53
C LEU J 176 23.61 20.27 51.78
N LYS J 177 22.33 20.51 51.47
CA LYS J 177 21.66 21.78 51.74
C LYS J 177 21.46 21.90 53.25
N GLU J 178 22.12 22.89 53.86
CA GLU J 178 21.98 23.13 55.28
C GLU J 178 20.48 23.30 55.56
N GLN J 179 19.79 24.12 54.78
CA GLN J 179 18.34 24.28 54.88
C GLN J 179 17.66 23.77 53.62
N PRO J 180 17.15 22.53 53.58
CA PRO J 180 16.49 22.01 52.37
C PRO J 180 15.28 22.82 51.91
N ALA J 181 14.65 23.54 52.84
CA ALA J 181 13.50 24.38 52.52
C ALA J 181 13.90 25.53 51.59
N LEU J 182 14.84 26.38 52.02
CA LEU J 182 15.18 27.59 51.27
C LEU J 182 15.85 27.23 49.94
N ASN J 183 15.39 27.88 48.86
CA ASN J 183 15.92 27.66 47.53
C ASN J 183 17.34 28.18 47.41
N ASP J 184 17.65 29.23 48.20
CA ASP J 184 19.00 29.79 48.24
C ASP J 184 19.78 29.27 49.44
N SER J 185 19.54 28.02 49.86
CA SER J 185 20.27 27.44 50.97
C SER J 185 21.75 27.33 50.65
N ARG J 186 22.54 27.33 51.73
CA ARG J 186 23.97 27.19 51.68
C ARG J 186 24.28 25.72 51.93
N TYR J 187 25.54 25.35 51.71
CA TYR J 187 25.88 23.96 51.45
C TYR J 187 26.97 23.49 52.40
N ALA J 188 27.01 22.17 52.62
CA ALA J 188 28.06 21.49 53.36
C ALA J 188 28.65 20.40 52.47
N LEU J 189 29.94 20.07 52.65
CA LEU J 189 30.58 19.04 51.83
C LEU J 189 31.69 18.35 52.59
N SER J 190 31.54 17.02 52.82
CA SER J 190 32.47 16.21 53.60
C SER J 190 33.44 15.46 52.70
N SER J 191 34.49 14.91 53.28
CA SER J 191 35.54 14.24 52.52
C SER J 191 36.41 13.44 53.48
N ARG J 192 36.92 12.27 53.05
CA ARG J 192 37.71 11.39 53.91
C ARG J 192 39.07 11.10 53.28
N LEU J 193 40.12 11.29 54.06
CA LEU J 193 41.46 10.79 53.78
C LEU J 193 41.77 9.80 54.89
N ARG J 194 42.08 8.56 54.51
CA ARG J 194 42.45 7.54 55.47
C ARG J 194 43.92 7.17 55.22
N VAL J 195 44.66 6.91 56.30
CA VAL J 195 46.07 6.59 56.16
C VAL J 195 46.46 5.61 57.26
N SER J 196 47.57 4.89 57.02
CA SER J 196 48.22 4.04 58.01
C SER J 196 48.19 4.70 59.39
N ALA J 197 47.90 3.93 60.46
CA ALA J 197 47.94 4.50 61.81
C ALA J 197 49.34 5.02 62.15
N THR J 198 50.39 4.57 61.44
CA THR J 198 51.78 5.02 61.62
C THR J 198 51.94 6.47 61.15
N PHE J 199 51.25 6.87 60.07
CA PHE J 199 50.93 8.26 59.78
C PHE J 199 49.80 8.71 60.73
N TRP J 200 49.84 9.97 61.20
CA TRP J 200 48.97 10.47 62.26
C TRP J 200 49.56 10.16 63.64
N GLN J 201 50.43 9.14 63.74
CA GLN J 201 51.31 8.99 64.90
C GLN J 201 52.59 9.81 64.69
N ASP J 202 53.18 9.69 63.48
CA ASP J 202 54.25 10.56 63.01
C ASP J 202 53.74 12.01 63.00
N PRO J 203 54.25 12.97 63.83
CA PRO J 203 54.12 14.40 63.49
C PRO J 203 55.11 14.78 62.38
N ARG J 204 55.76 13.76 61.78
CA ARG J 204 56.54 13.87 60.56
C ARG J 204 55.66 14.07 59.30
N ASN J 205 54.33 13.87 59.42
CA ASN J 205 53.37 14.15 58.36
C ASN J 205 52.38 15.25 58.76
N HIS J 206 52.09 16.11 57.77
CA HIS J 206 51.16 17.22 57.83
C HIS J 206 50.04 17.00 56.81
N PHE J 207 48.77 17.06 57.26
CA PHE J 207 47.60 16.87 56.44
C PHE J 207 46.84 18.19 56.26
N ARG J 208 46.60 18.62 55.00
CA ARG J 208 45.80 19.82 54.71
C ARG J 208 44.61 19.49 53.82
N CYS J 209 43.45 20.04 54.21
CA CYS J 209 42.22 19.94 53.44
C CYS J 209 41.87 21.28 52.79
N GLN J 210 42.24 21.42 51.50
CA GLN J 210 42.02 22.62 50.69
C GLN J 210 40.65 22.57 50.00
N VAL J 211 39.98 23.73 49.90
CA VAL J 211 38.66 23.87 49.26
C VAL J 211 38.65 25.15 48.41
N GLN J 212 38.97 25.00 47.12
CA GLN J 212 38.85 26.09 46.17
C GLN J 212 37.39 26.55 46.02
N PHE J 213 37.13 27.86 46.18
CA PHE J 213 35.79 28.43 46.05
C PHE J 213 35.75 29.46 44.92
N TYR J 214 34.61 29.52 44.20
CA TYR J 214 34.39 30.46 43.09
C TYR J 214 33.16 31.31 43.39
N GLY J 215 33.41 32.60 43.56
CA GLY J 215 32.39 33.57 43.86
C GLY J 215 32.64 34.81 43.03
N LEU J 216 32.80 35.97 43.69
CA LEU J 216 32.81 37.27 43.05
C LEU J 216 34.23 37.58 42.59
N SER J 217 34.34 38.53 41.64
CA SER J 217 35.61 39.02 41.13
C SER J 217 35.92 40.34 41.83
N GLU J 218 37.18 40.81 41.71
CA GLU J 218 37.57 42.12 42.20
C GLU J 218 36.64 43.20 41.64
N ASN J 219 36.36 43.09 40.34
CA ASN J 219 35.50 43.96 39.57
C ASN J 219 34.07 44.09 40.17
N ASP J 220 33.52 43.03 40.79
CA ASP J 220 32.18 43.09 41.40
C ASP J 220 32.14 44.17 42.48
N GLU J 221 30.95 44.75 42.73
CA GLU J 221 30.84 45.86 43.66
C GLU J 221 29.94 45.45 44.83
N TRP J 222 30.47 45.56 46.05
CA TRP J 222 29.94 44.89 47.23
C TRP J 222 29.89 45.86 48.41
N THR J 223 28.76 45.91 49.15
CA THR J 223 28.58 46.91 50.19
C THR J 223 27.99 46.27 51.45
N GLN J 224 28.77 45.39 52.10
CA GLN J 224 28.32 44.69 53.30
C GLN J 224 29.46 44.57 54.30
N ASP J 225 29.12 44.19 55.54
CA ASP J 225 30.08 44.16 56.64
C ASP J 225 31.01 42.95 56.54
N ARG J 226 30.55 41.86 55.91
CA ARG J 226 31.36 40.67 55.75
C ARG J 226 32.60 41.01 54.91
N ALA J 227 33.53 40.05 54.76
CA ALA J 227 34.59 40.12 53.75
C ALA J 227 34.00 39.78 52.36
N LYS J 228 34.55 40.33 51.26
CA LYS J 228 33.97 40.19 49.93
C LYS J 228 34.04 38.73 49.49
N PRO J 229 32.90 38.06 49.16
CA PRO J 229 32.92 36.65 48.78
C PRO J 229 33.63 36.43 47.44
N VAL J 230 34.94 36.62 47.44
CA VAL J 230 35.75 36.47 46.25
C VAL J 230 36.14 34.99 46.17
N THR J 231 36.53 34.57 44.97
CA THR J 231 37.33 33.38 44.74
C THR J 231 38.60 33.36 45.61
N GLN J 232 39.04 32.15 45.98
CA GLN J 232 40.04 31.93 47.02
C GLN J 232 40.06 30.45 47.40
N ILE J 233 41.16 30.02 48.02
CA ILE J 233 41.19 28.77 48.77
C ILE J 233 40.82 29.04 50.23
N VAL J 234 40.48 27.97 50.97
CA VAL J 234 40.23 27.99 52.40
C VAL J 234 40.65 26.63 52.94
N SER J 235 41.62 26.62 53.87
CA SER J 235 42.26 25.38 54.29
C SER J 235 41.92 25.09 55.75
N ALA J 236 42.35 23.91 56.18
CA ALA J 236 42.35 23.50 57.58
C ALA J 236 43.31 22.31 57.66
N GLU J 237 43.92 22.10 58.84
CA GLU J 237 45.03 21.14 58.92
C GLU J 237 45.17 20.60 60.34
N ALA J 238 45.89 19.48 60.41
CA ALA J 238 46.43 18.90 61.63
C ALA J 238 47.78 18.27 61.29
N TRP J 239 48.61 17.99 62.31
CA TRP J 239 49.74 17.07 62.16
C TRP J 239 49.45 15.83 63.01
N GLY J 240 50.44 14.91 63.08
CA GLY J 240 50.36 13.72 63.94
C GLY J 240 50.82 13.97 65.38
#